data_9DW3
#
_entry.id   9DW3
#
_cell.length_a   1.00
_cell.length_b   1.00
_cell.length_c   1.00
_cell.angle_alpha   90.00
_cell.angle_beta   90.00
_cell.angle_gamma   90.00
#
_symmetry.space_group_name_H-M   'P 1'
#
loop_
_entity.id
_entity.type
_entity.pdbx_description
1 polymer 'ATP-dependent Clp protease proteolytic subunit, mitochondrial'
2 non-polymer N-[(1R)-1-(DIHYDROXYBORYL)-3-METHYLBUTYL]-N-(PYRAZIN-2-YLCARBONYL)-L-PHENYLALANINAMIDE
#
_entity_poly.entity_id   1
_entity_poly.type   'polypeptide(L)'
_entity_poly.pdbx_seq_one_letter_code
;LIPIVVEQTGRGERAYDIYSRLLRERIVCVMGPIDDSVASLVIAQLLFLQSESNKKPIHMYINSPGGVVTAGLAIYDTMQ
YILNPICTWCVGQAASMGSLLLAAGTPGMRHSLPNSRIMIHQPSGGARGQATDIAIQAEEIMKLKKQLYNIYAKHTKQSL
QVIESAMERDRYMSPMEAQEFGILDKVLVHPPQDGEDEPTLVQKEPVEAAPAAEPVPAST
;
_entity_poly.pdbx_strand_id   A,B,C,D,E,F,G,H,I,J,K,L,M,N
#
# COMPACT_ATOMS: atom_id res chain seq x y z
N ILE A 2 1.05 -16.71 28.04
CA ILE A 2 0.25 -17.73 28.78
C ILE A 2 1.15 -18.44 29.79
N PRO A 3 0.86 -18.35 31.11
CA PRO A 3 1.70 -18.92 32.17
C PRO A 3 1.50 -20.44 32.37
N ILE A 4 2.48 -21.08 33.03
CA ILE A 4 2.54 -22.52 33.30
C ILE A 4 2.49 -22.81 34.81
N VAL A 5 1.65 -23.74 35.22
CA VAL A 5 1.49 -24.26 36.60
C VAL A 5 2.33 -25.52 36.80
N ALA A 15 -2.27 -30.07 31.19
CA ALA A 15 -2.53 -29.61 32.54
C ALA A 15 -1.49 -28.59 33.05
N TYR A 16 -0.48 -28.28 32.23
CA TYR A 16 0.60 -27.37 32.58
C TYR A 16 0.23 -25.89 32.37
N ASP A 17 -0.08 -25.45 31.14
CA ASP A 17 -0.52 -24.06 30.93
C ASP A 17 -1.88 -23.76 31.62
N ILE A 18 -2.15 -22.49 31.93
CA ILE A 18 -3.25 -22.11 32.84
C ILE A 18 -4.64 -22.57 32.38
N TYR A 19 -4.95 -22.53 31.07
CA TYR A 19 -6.24 -23.03 30.58
C TYR A 19 -6.37 -24.54 30.71
N SER A 20 -5.31 -25.30 30.42
CA SER A 20 -5.29 -26.75 30.65
C SER A 20 -5.46 -27.09 32.13
N ARG A 21 -4.82 -26.31 33.01
CA ARG A 21 -4.95 -26.47 34.46
C ARG A 21 -6.39 -26.24 34.90
N LEU A 22 -7.12 -25.30 34.30
CA LEU A 22 -8.54 -25.10 34.56
C LEU A 22 -9.39 -26.22 33.99
N LEU A 23 -9.01 -26.76 32.83
CA LEU A 23 -9.70 -27.90 32.25
C LEU A 23 -9.83 -29.06 33.24
N ARG A 24 -8.78 -29.33 34.01
CA ARG A 24 -8.85 -30.35 35.05
C ARG A 24 -9.95 -30.04 36.08
N GLU A 25 -10.32 -28.77 36.23
CA GLU A 25 -11.43 -28.37 37.08
C GLU A 25 -12.78 -28.48 36.36
N ARG A 26 -12.80 -28.97 35.12
CA ARG A 26 -14.00 -28.98 34.27
C ARG A 26 -14.50 -27.58 33.98
N ILE A 27 -13.58 -26.64 33.78
CA ILE A 27 -13.90 -25.26 33.41
C ILE A 27 -13.51 -25.06 31.96
N VAL A 28 -14.47 -24.64 31.14
CA VAL A 28 -14.25 -24.28 29.74
C VAL A 28 -14.42 -22.77 29.60
N CYS A 29 -13.45 -22.13 28.95
CA CYS A 29 -13.48 -20.68 28.73
C CYS A 29 -13.92 -20.39 27.30
N VAL A 30 -15.02 -19.65 27.16
CA VAL A 30 -15.48 -19.12 25.88
C VAL A 30 -15.23 -17.62 25.83
N MET A 31 -14.10 -17.23 25.24
CA MET A 31 -13.58 -15.87 25.33
C MET A 31 -13.39 -15.26 23.95
N GLY A 32 -13.83 -14.01 23.80
CA GLY A 32 -13.73 -13.29 22.56
C GLY A 32 -14.69 -13.74 21.47
N PRO A 33 -14.43 -13.31 20.24
CA PRO A 33 -15.33 -13.65 19.12
C PRO A 33 -15.44 -15.16 18.92
N ILE A 34 -16.66 -15.61 18.64
CA ILE A 34 -16.93 -17.02 18.42
C ILE A 34 -16.89 -17.29 16.91
N ASP A 35 -15.89 -18.04 16.48
CA ASP A 35 -15.75 -18.49 15.10
C ASP A 35 -15.61 -20.02 15.09
N ASP A 36 -15.40 -20.58 13.89
CA ASP A 36 -15.29 -22.03 13.74
C ASP A 36 -14.16 -22.60 14.60
N SER A 37 -13.00 -21.96 14.58
CA SER A 37 -11.87 -22.43 15.38
C SER A 37 -12.21 -22.46 16.87
N VAL A 38 -12.75 -21.35 17.38
CA VAL A 38 -13.17 -21.28 18.77
C VAL A 38 -14.21 -22.36 19.07
N ALA A 39 -15.22 -22.47 18.22
CA ALA A 39 -16.26 -23.49 18.38
C ALA A 39 -15.68 -24.90 18.38
N SER A 40 -14.80 -25.19 17.42
CA SER A 40 -14.09 -26.47 17.38
C SER A 40 -13.44 -26.80 18.72
N LEU A 41 -12.64 -25.87 19.26
CA LEU A 41 -12.00 -26.06 20.56
C LEU A 41 -13.00 -26.36 21.67
N VAL A 42 -14.03 -25.50 21.82
CA VAL A 42 -14.99 -25.68 22.91
C VAL A 42 -15.71 -27.03 22.82
N ILE A 43 -16.12 -27.43 21.62
CA ILE A 43 -16.77 -28.74 21.43
C ILE A 43 -15.84 -29.87 21.83
N ALA A 44 -14.59 -29.82 21.36
CA ALA A 44 -13.58 -30.81 21.75
C ALA A 44 -13.47 -30.93 23.27
N GLN A 45 -13.38 -29.80 23.97
CA GLN A 45 -13.29 -29.83 25.43
C GLN A 45 -14.55 -30.39 26.08
N LEU A 46 -15.72 -30.02 25.58
CA LEU A 46 -16.98 -30.56 26.10
C LEU A 46 -17.10 -32.06 25.91
N LEU A 47 -16.69 -32.56 24.73
CA LEU A 47 -16.71 -34.00 24.49
C LEU A 47 -15.68 -34.74 25.34
N PHE A 48 -14.48 -34.17 25.48
CA PHE A 48 -13.50 -34.71 26.42
C PHE A 48 -14.04 -34.77 27.85
N LEU A 49 -14.58 -33.65 28.34
CA LEU A 49 -15.11 -33.62 29.71
C LEU A 49 -16.30 -34.55 29.92
N GLN A 50 -17.12 -34.75 28.89
CA GLN A 50 -18.16 -35.78 28.99
C GLN A 50 -17.57 -37.18 29.09
N SER A 51 -16.55 -37.49 28.29
CA SER A 51 -15.94 -38.81 28.33
C SER A 51 -15.24 -39.07 29.66
N GLU A 52 -14.70 -38.03 30.30
CA GLU A 52 -14.11 -38.21 31.62
C GLU A 52 -15.17 -38.53 32.68
N SER A 53 -16.35 -37.92 32.58
CA SER A 53 -17.54 -38.44 33.27
C SER A 53 -18.78 -37.72 32.76
N ASN A 54 -19.86 -38.46 32.60
CA ASN A 54 -21.14 -37.91 32.15
C ASN A 54 -21.97 -37.33 33.28
N LYS A 55 -21.56 -37.48 34.55
CA LYS A 55 -22.32 -37.01 35.70
C LYS A 55 -21.86 -35.66 36.22
N LYS A 56 -20.56 -35.41 36.26
CA LYS A 56 -20.05 -34.21 36.89
C LYS A 56 -20.40 -32.97 36.06
N PRO A 57 -20.87 -31.90 36.69
CA PRO A 57 -21.14 -30.66 35.97
C PRO A 57 -19.91 -30.09 35.27
N ILE A 58 -20.18 -29.29 34.24
CA ILE A 58 -19.17 -28.50 33.54
C ILE A 58 -19.50 -27.03 33.77
N HIS A 59 -18.46 -26.22 33.95
CA HIS A 59 -18.61 -24.77 34.08
C HIS A 59 -18.11 -24.09 32.81
N MET A 60 -18.98 -23.29 32.19
CA MET A 60 -18.65 -22.51 31.00
C MET A 60 -18.59 -21.04 31.39
N TYR A 61 -17.42 -20.43 31.31
CA TYR A 61 -17.22 -19.01 31.56
C TYR A 61 -17.24 -18.27 30.24
N ILE A 62 -18.16 -17.31 30.11
CA ILE A 62 -18.45 -16.63 28.85
C ILE A 62 -18.06 -15.16 28.99
N ASN A 63 -17.13 -14.72 28.14
CA ASN A 63 -16.85 -13.29 27.93
C ASN A 63 -16.68 -13.07 26.43
N SER A 64 -17.79 -12.74 25.77
CA SER A 64 -17.78 -12.72 24.31
C SER A 64 -18.58 -11.56 23.73
N PRO A 65 -18.03 -10.90 22.70
CA PRO A 65 -18.82 -9.91 21.94
C PRO A 65 -19.80 -10.53 20.94
N GLY A 66 -19.76 -11.84 20.71
CA GLY A 66 -20.57 -12.49 19.68
C GLY A 66 -19.77 -13.26 18.65
N GLY A 67 -20.35 -13.52 17.48
CA GLY A 67 -19.64 -14.31 16.49
C GLY A 67 -20.56 -14.90 15.44
N VAL A 68 -20.02 -15.89 14.73
CA VAL A 68 -20.69 -16.58 13.63
C VAL A 68 -21.84 -17.43 14.14
N VAL A 69 -23.00 -17.34 13.48
CA VAL A 69 -24.21 -18.06 13.90
C VAL A 69 -24.00 -19.57 13.89
N THR A 70 -23.50 -20.15 12.80
CA THR A 70 -23.37 -21.60 12.76
C THR A 70 -22.32 -22.12 13.73
N ALA A 71 -21.25 -21.37 13.96
CA ALA A 71 -20.27 -21.75 14.99
C ALA A 71 -20.91 -21.74 16.38
N GLY A 72 -21.68 -20.69 16.66
CA GLY A 72 -22.43 -20.64 17.92
C GLY A 72 -23.47 -21.73 18.07
N LEU A 73 -24.24 -21.98 17.01
CA LEU A 73 -25.21 -23.07 17.04
C LEU A 73 -24.54 -24.43 17.21
N ALA A 74 -23.34 -24.61 16.67
CA ALA A 74 -22.57 -25.83 16.92
C ALA A 74 -22.34 -26.03 18.41
N ILE A 75 -21.80 -25.01 19.09
CA ILE A 75 -21.60 -25.07 20.54
C ILE A 75 -22.91 -25.33 21.27
N TYR A 76 -23.95 -24.57 20.92
CA TYR A 76 -25.26 -24.71 21.55
C TYR A 76 -25.80 -26.13 21.45
N ASP A 77 -25.76 -26.75 20.27
CA ASP A 77 -26.17 -28.15 20.11
C ASP A 77 -25.35 -29.11 20.95
N THR A 78 -24.02 -28.93 20.97
CA THR A 78 -23.16 -29.73 21.83
C THR A 78 -23.57 -29.62 23.30
N MET A 79 -23.86 -28.41 23.77
CA MET A 79 -24.29 -28.22 25.15
C MET A 79 -25.58 -28.98 25.45
N GLN A 80 -26.54 -28.96 24.53
CA GLN A 80 -27.77 -29.72 24.70
C GLN A 80 -27.53 -31.22 24.63
N TYR A 81 -26.64 -31.66 23.74
CA TYR A 81 -26.49 -33.09 23.47
C TYR A 81 -25.81 -33.84 24.61
N ILE A 82 -24.74 -33.30 25.19
CA ILE A 82 -24.05 -33.99 26.28
C ILE A 82 -24.95 -34.08 27.51
N LEU A 83 -24.77 -35.15 28.28
CA LEU A 83 -25.61 -35.45 29.43
C LEU A 83 -25.29 -34.58 30.64
N ASN A 84 -24.07 -34.05 30.74
CA ASN A 84 -23.68 -33.27 31.89
C ASN A 84 -24.54 -32.02 32.06
N PRO A 85 -24.90 -31.66 33.29
CA PRO A 85 -25.36 -30.29 33.55
C PRO A 85 -24.25 -29.30 33.28
N ILE A 86 -24.61 -28.15 32.72
CA ILE A 86 -23.66 -27.09 32.38
C ILE A 86 -24.05 -25.82 33.11
N CYS A 87 -23.16 -25.34 33.97
CA CYS A 87 -23.28 -24.02 34.58
C CYS A 87 -22.62 -22.98 33.68
N THR A 88 -23.35 -21.92 33.37
CA THR A 88 -22.83 -20.82 32.57
C THR A 88 -22.60 -19.59 33.44
N TRP A 89 -21.48 -18.91 33.19
CA TRP A 89 -21.06 -17.72 33.92
C TRP A 89 -20.81 -16.58 32.95
N CYS A 90 -21.59 -15.51 33.08
CA CYS A 90 -21.31 -14.26 32.37
C CYS A 90 -20.26 -13.45 33.14
N VAL A 91 -19.09 -13.29 32.55
CA VAL A 91 -18.05 -12.43 33.09
C VAL A 91 -17.77 -11.33 32.06
N GLY A 92 -17.94 -10.09 32.47
CA GLY A 92 -17.69 -8.95 31.60
C GLY A 92 -18.78 -8.61 30.60
N GLN A 93 -18.97 -9.42 29.56
CA GLN A 93 -20.10 -9.21 28.65
C GLN A 93 -20.55 -10.53 28.04
N ALA A 94 -21.83 -10.56 27.65
CA ALA A 94 -22.36 -11.59 26.76
C ALA A 94 -23.27 -10.91 25.74
N ALA A 95 -22.79 -10.79 24.51
CA ALA A 95 -23.47 -10.14 23.41
C ALA A 95 -23.65 -11.13 22.26
N SER A 96 -24.76 -10.99 21.52
CA SER A 96 -25.11 -11.90 20.43
C SER A 96 -25.09 -13.35 20.88
N MET A 97 -24.25 -14.14 20.21
CA MET A 97 -24.11 -15.56 20.50
C MET A 97 -23.75 -15.83 21.95
N GLY A 98 -22.91 -14.96 22.52
CA GLY A 98 -22.57 -15.09 23.94
C GLY A 98 -23.75 -15.03 24.88
N SER A 99 -24.70 -14.14 24.61
CA SER A 99 -25.92 -14.10 25.41
C SER A 99 -26.80 -15.34 25.16
N LEU A 100 -26.81 -15.85 23.93
CA LEU A 100 -27.56 -17.07 23.65
C LEU A 100 -26.98 -18.29 24.36
N LEU A 101 -25.65 -18.46 24.30
CA LEU A 101 -24.98 -19.54 25.03
C LEU A 101 -25.18 -19.43 26.54
N LEU A 102 -25.10 -18.22 27.09
CA LEU A 102 -25.43 -18.00 28.50
C LEU A 102 -26.84 -18.49 28.84
N ALA A 103 -27.83 -18.13 28.02
CA ALA A 103 -29.20 -18.58 28.26
C ALA A 103 -29.37 -20.09 28.12
N ALA A 104 -28.51 -20.75 27.35
CA ALA A 104 -28.61 -22.18 27.10
C ALA A 104 -28.09 -23.06 28.25
N GLY A 105 -27.56 -22.47 29.31
CA GLY A 105 -27.15 -23.26 30.45
C GLY A 105 -28.30 -23.96 31.16
N THR A 106 -27.95 -25.01 31.88
CA THR A 106 -28.91 -25.80 32.64
C THR A 106 -29.76 -24.90 33.53
N PRO A 107 -31.09 -25.04 33.52
CA PRO A 107 -31.94 -24.19 34.36
C PRO A 107 -31.55 -24.23 35.83
N GLY A 108 -31.57 -23.04 36.45
CA GLY A 108 -31.07 -22.80 37.78
C GLY A 108 -29.56 -22.70 37.91
N MET A 109 -28.81 -22.81 36.81
CA MET A 109 -27.36 -22.86 36.81
C MET A 109 -26.74 -21.77 35.93
N ARG A 110 -27.49 -20.71 35.64
CA ARG A 110 -27.02 -19.63 34.75
C ARG A 110 -26.75 -18.40 35.60
N HIS A 111 -25.50 -17.93 35.57
CA HIS A 111 -24.98 -16.97 36.53
C HIS A 111 -24.44 -15.73 35.81
N SER A 112 -24.57 -14.57 36.48
CA SER A 112 -23.81 -13.40 36.12
C SER A 112 -23.13 -12.81 37.36
N LEU A 113 -21.94 -12.26 37.15
CA LEU A 113 -21.36 -11.30 38.07
C LEU A 113 -22.10 -9.94 38.05
N PRO A 114 -21.93 -9.13 39.10
CA PRO A 114 -22.74 -7.91 39.26
C PRO A 114 -22.65 -6.88 38.14
N ASN A 115 -21.49 -6.71 37.51
CA ASN A 115 -21.26 -5.61 36.57
C ASN A 115 -21.18 -6.05 35.11
N SER A 116 -21.53 -7.30 34.79
CA SER A 116 -21.56 -7.74 33.40
C SER A 116 -22.68 -7.06 32.63
N ARG A 117 -22.46 -6.88 31.33
CA ARG A 117 -23.49 -6.39 30.40
C ARG A 117 -23.95 -7.53 29.49
N ILE A 118 -25.27 -7.69 29.34
CA ILE A 118 -25.87 -8.59 28.35
C ILE A 118 -26.45 -7.75 27.22
N MET A 119 -26.23 -8.19 25.97
CA MET A 119 -26.89 -7.58 24.82
C MET A 119 -27.47 -8.66 23.91
N ILE A 120 -28.73 -8.47 23.49
CA ILE A 120 -29.41 -9.32 22.52
C ILE A 120 -29.77 -8.50 21.28
N HIS A 121 -29.67 -9.13 20.10
CA HIS A 121 -30.17 -8.52 18.86
C HIS A 121 -30.37 -9.59 17.79
N GLN A 122 -31.10 -9.21 16.74
CA GLN A 122 -31.27 -10.03 15.55
C GLN A 122 -29.94 -10.25 14.80
N PRO A 123 -29.87 -11.31 13.99
CA PRO A 123 -28.68 -11.53 13.15
C PRO A 123 -28.53 -10.53 12.02
N SER A 124 -27.29 -10.40 11.56
CA SER A 124 -26.89 -9.54 10.45
C SER A 124 -26.04 -10.33 9.47
N GLY A 125 -26.03 -9.89 8.21
CA GLY A 125 -25.23 -10.54 7.19
C GLY A 125 -25.11 -9.77 5.89
N GLY A 126 -24.91 -10.49 4.79
CA GLY A 126 -24.86 -9.89 3.47
C GLY A 126 -25.35 -10.84 2.41
N ALA A 127 -25.61 -10.29 1.22
CA ALA A 127 -25.98 -11.07 0.06
C ALA A 127 -25.39 -10.43 -1.20
N ARG A 128 -25.08 -11.28 -2.19
CA ARG A 128 -24.50 -10.83 -3.45
C ARG A 128 -24.95 -11.73 -4.59
N GLY A 129 -24.80 -11.23 -5.80
CA GLY A 129 -25.04 -12.00 -7.01
C GLY A 129 -26.25 -11.55 -7.80
N GLN A 130 -26.76 -12.47 -8.61
CA GLN A 130 -27.98 -12.25 -9.35
C GLN A 130 -29.17 -12.15 -8.39
N ALA A 131 -30.26 -11.56 -8.89
CA ALA A 131 -31.48 -11.43 -8.11
C ALA A 131 -31.98 -12.76 -7.55
N THR A 132 -31.84 -13.84 -8.32
CA THR A 132 -32.20 -15.18 -7.82
C THR A 132 -31.29 -15.64 -6.68
N ASP A 133 -29.99 -15.40 -6.79
CA ASP A 133 -29.07 -15.73 -5.70
C ASP A 133 -29.35 -14.91 -4.44
N ILE A 134 -29.67 -13.63 -4.62
CA ILE A 134 -30.01 -12.77 -3.49
C ILE A 134 -31.31 -13.21 -2.81
N ALA A 135 -32.32 -13.60 -3.59
CA ALA A 135 -33.56 -14.09 -3.01
C ALA A 135 -33.34 -15.35 -2.16
N ILE A 136 -32.47 -16.25 -2.62
CA ILE A 136 -32.11 -17.44 -1.83
C ILE A 136 -31.39 -17.06 -0.53
N GLN A 137 -30.39 -16.19 -0.62
CA GLN A 137 -29.64 -15.80 0.57
C GLN A 137 -30.49 -15.04 1.59
N ALA A 138 -31.37 -14.16 1.14
CA ALA A 138 -32.30 -13.48 2.06
C ALA A 138 -33.26 -14.46 2.72
N GLU A 139 -33.78 -15.42 1.97
CA GLU A 139 -34.60 -16.48 2.54
C GLU A 139 -33.84 -17.26 3.62
N GLU A 140 -32.55 -17.50 3.42
CA GLU A 140 -31.75 -18.23 4.40
C GLU A 140 -31.53 -17.44 5.69
N ILE A 141 -31.17 -16.15 5.60
CA ILE A 141 -31.01 -15.40 6.85
C ILE A 141 -32.34 -15.19 7.58
N MET A 142 -33.46 -15.12 6.86
CA MET A 142 -34.77 -15.07 7.52
C MET A 142 -35.04 -16.35 8.30
N LYS A 143 -34.80 -17.51 7.69
CA LYS A 143 -34.95 -18.77 8.40
C LYS A 143 -34.07 -18.83 9.65
N LEU A 144 -32.80 -18.43 9.53
CA LEU A 144 -31.93 -18.40 10.70
C LEU A 144 -32.46 -17.48 11.80
N LYS A 145 -33.00 -16.33 11.43
CA LYS A 145 -33.60 -15.44 12.42
C LYS A 145 -34.73 -16.12 13.19
N LYS A 146 -35.67 -16.75 12.49
CA LYS A 146 -36.75 -17.48 13.14
C LYS A 146 -36.23 -18.61 14.04
N GLN A 147 -35.27 -19.38 13.53
CA GLN A 147 -34.59 -20.41 14.32
C GLN A 147 -34.08 -19.86 15.65
N LEU A 148 -33.27 -18.81 15.60
CA LEU A 148 -32.70 -18.22 16.80
C LEU A 148 -33.76 -17.71 17.78
N TYR A 149 -34.80 -17.05 17.25
CA TYR A 149 -35.89 -16.58 18.11
C TYR A 149 -36.62 -17.71 18.83
N ASN A 150 -36.77 -18.87 18.17
CA ASN A 150 -37.32 -20.05 18.84
C ASN A 150 -36.43 -20.50 19.99
N ILE A 151 -35.13 -20.57 19.76
CA ILE A 151 -34.17 -20.92 20.82
C ILE A 151 -34.32 -19.98 22.02
N TYR A 152 -34.30 -18.67 21.80
CA TYR A 152 -34.42 -17.73 22.90
C TYR A 152 -35.74 -17.86 23.63
N ALA A 153 -36.84 -18.05 22.89
CA ALA A 153 -38.14 -18.27 23.51
C ALA A 153 -38.16 -19.51 24.40
N LYS A 154 -37.58 -20.61 23.92
CA LYS A 154 -37.49 -21.84 24.71
C LYS A 154 -36.80 -21.64 26.06
N HIS A 155 -35.61 -21.04 26.07
CA HIS A 155 -34.81 -20.98 27.29
C HIS A 155 -35.18 -19.83 28.22
N THR A 156 -35.70 -18.73 27.68
CA THR A 156 -36.12 -17.60 28.52
C THR A 156 -37.59 -17.67 28.94
N LYS A 157 -38.39 -18.50 28.27
CA LYS A 157 -39.84 -18.66 28.46
C LYS A 157 -40.65 -17.46 28.01
N GLN A 158 -40.03 -16.47 27.38
CA GLN A 158 -40.78 -15.39 26.77
C GLN A 158 -41.49 -15.89 25.51
N SER A 159 -42.60 -15.26 25.19
CA SER A 159 -43.30 -15.53 23.95
C SER A 159 -42.50 -15.02 22.77
N LEU A 160 -42.80 -15.57 21.59
CA LEU A 160 -42.15 -15.13 20.34
C LEU A 160 -42.35 -13.63 20.12
N GLN A 161 -43.55 -13.13 20.38
CA GLN A 161 -43.83 -11.70 20.18
C GLN A 161 -42.87 -10.84 20.99
N VAL A 162 -42.71 -11.16 22.28
CA VAL A 162 -41.76 -10.45 23.15
C VAL A 162 -40.35 -10.51 22.56
N ILE A 163 -39.90 -11.72 22.19
CA ILE A 163 -38.58 -11.90 21.59
C ILE A 163 -38.39 -11.00 20.37
N GLU A 164 -39.33 -11.05 19.42
CA GLU A 164 -39.25 -10.24 18.21
C GLU A 164 -39.15 -8.75 18.52
N SER A 165 -40.00 -8.26 19.41
CA SER A 165 -39.96 -6.86 19.83
C SER A 165 -38.61 -6.48 20.45
N ALA A 166 -38.08 -7.33 21.33
CA ALA A 166 -36.85 -7.02 22.04
C ALA A 166 -35.62 -7.02 21.14
N MET A 167 -35.57 -7.89 20.14
CA MET A 167 -34.36 -8.09 19.34
C MET A 167 -34.33 -7.31 18.03
N GLU A 168 -35.38 -6.54 17.71
CA GLU A 168 -35.37 -5.74 16.49
C GLU A 168 -34.13 -4.82 16.45
N ARG A 169 -33.82 -4.17 17.57
CA ARG A 169 -32.63 -3.35 17.72
C ARG A 169 -31.77 -3.91 18.85
N ASP A 170 -30.52 -3.46 18.91
CA ASP A 170 -29.64 -3.74 20.04
C ASP A 170 -30.30 -3.39 21.37
N ARG A 171 -30.32 -4.37 22.29
CA ARG A 171 -30.98 -4.26 23.58
C ARG A 171 -30.00 -4.66 24.68
N TYR A 172 -29.41 -3.67 25.34
CA TYR A 172 -28.48 -3.94 26.45
C TYR A 172 -29.23 -4.14 27.75
N MET A 173 -28.73 -5.07 28.56
CA MET A 173 -29.34 -5.45 29.83
C MET A 173 -28.31 -5.45 30.95
N SER A 174 -28.72 -5.00 32.12
CA SER A 174 -28.00 -5.31 33.34
C SER A 174 -28.29 -6.78 33.72
N PRO A 175 -27.44 -7.37 34.56
CA PRO A 175 -27.74 -8.73 35.08
C PRO A 175 -29.12 -8.89 35.71
N MET A 176 -29.57 -7.93 36.52
CA MET A 176 -30.92 -8.01 37.08
C MET A 176 -32.00 -7.98 36.01
N GLU A 177 -31.87 -7.07 35.03
CA GLU A 177 -32.77 -7.09 33.86
C GLU A 177 -32.73 -8.42 33.13
N ALA A 178 -31.53 -8.94 32.87
CA ALA A 178 -31.40 -10.24 32.23
C ALA A 178 -32.10 -11.34 33.03
N GLN A 179 -31.93 -11.36 34.36
CA GLN A 179 -32.64 -12.30 35.20
C GLN A 179 -34.16 -12.16 35.05
N GLU A 180 -34.66 -10.93 35.10
CA GLU A 180 -36.07 -10.68 34.86
C GLU A 180 -36.51 -11.19 33.49
N PHE A 181 -35.67 -10.99 32.48
CA PHE A 181 -35.98 -11.45 31.12
C PHE A 181 -36.01 -12.98 31.04
N GLY A 182 -35.27 -13.66 31.89
CA GLY A 182 -35.10 -15.09 31.82
C GLY A 182 -33.86 -15.60 31.14
N ILE A 183 -32.88 -14.73 30.87
CA ILE A 183 -31.63 -15.18 30.28
C ILE A 183 -30.77 -15.91 31.33
N LEU A 184 -30.86 -15.50 32.60
CA LEU A 184 -30.07 -16.10 33.66
C LEU A 184 -30.88 -16.18 34.95
N ASP A 185 -30.37 -16.98 35.88
CA ASP A 185 -31.01 -17.29 37.15
C ASP A 185 -30.47 -16.50 38.34
N LYS A 186 -29.14 -16.45 38.50
CA LYS A 186 -28.52 -15.86 39.68
C LYS A 186 -27.52 -14.77 39.30
N VAL A 187 -27.60 -13.65 40.01
CA VAL A 187 -26.59 -12.61 40.04
C VAL A 187 -25.87 -12.67 41.38
N LEU A 188 -24.64 -13.18 41.37
CA LEU A 188 -23.89 -13.46 42.59
C LEU A 188 -22.77 -12.44 42.78
N VAL A 189 -22.68 -11.89 43.99
CA VAL A 189 -21.58 -11.02 44.39
C VAL A 189 -20.43 -11.87 44.93
N HIS A 190 -20.70 -12.67 45.96
CA HIS A 190 -19.74 -13.56 46.59
C HIS A 190 -20.26 -14.99 46.57
N PRO A 191 -19.37 -15.99 46.61
CA PRO A 191 -19.85 -17.38 46.63
C PRO A 191 -20.48 -17.77 47.97
N ILE B 2 -4.70 -23.78 21.90
CA ILE B 2 -5.03 -25.22 21.94
C ILE B 2 -4.60 -25.81 23.28
N PRO B 3 -5.52 -26.35 24.11
CA PRO B 3 -5.21 -26.86 25.44
C PRO B 3 -4.60 -28.27 25.45
N ILE B 4 -3.96 -28.64 26.56
CA ILE B 4 -3.27 -29.92 26.78
C ILE B 4 -3.91 -30.73 27.92
N VAL B 5 -4.16 -32.01 27.68
CA VAL B 5 -4.69 -33.00 28.62
C VAL B 5 -3.56 -33.78 29.28
N ALA B 15 -1.07 -37.42 21.93
CA ALA B 15 -2.21 -37.64 22.82
C ALA B 15 -2.36 -36.55 23.89
N TYR B 16 -1.46 -35.57 23.91
CA TYR B 16 -1.44 -34.48 24.89
C TYR B 16 -2.39 -33.34 24.52
N ASP B 17 -2.21 -32.64 23.39
CA ASP B 17 -3.15 -31.60 22.97
C ASP B 17 -4.55 -32.18 22.65
N ILE B 18 -5.59 -31.34 22.74
CA ILE B 18 -6.99 -31.82 22.74
C ILE B 18 -7.39 -32.61 21.48
N TYR B 19 -6.94 -32.23 20.28
CA TYR B 19 -7.24 -33.00 19.07
C TYR B 19 -6.53 -34.35 19.06
N SER B 20 -5.28 -34.44 19.50
CA SER B 20 -4.59 -35.72 19.66
C SER B 20 -5.28 -36.61 20.68
N ARG B 21 -5.76 -36.03 21.78
CA ARG B 21 -6.52 -36.73 22.81
C ARG B 21 -7.81 -37.32 22.24
N LEU B 22 -8.49 -36.62 21.33
CA LEU B 22 -9.65 -37.14 20.62
C LEU B 22 -9.28 -38.22 19.61
N LEU B 23 -8.12 -38.07 18.96
CA LEU B 23 -7.64 -39.11 18.04
C LEU B 23 -7.60 -40.48 18.71
N ARG B 24 -7.16 -40.55 19.96
CA ARG B 24 -7.19 -41.81 20.69
C ARG B 24 -8.60 -42.39 20.79
N GLU B 25 -9.63 -41.55 20.70
CA GLU B 25 -11.02 -41.99 20.64
C GLU B 25 -11.46 -42.38 19.23
N ARG B 26 -10.54 -42.35 18.26
CA ARG B 26 -10.86 -42.54 16.84
C ARG B 26 -11.83 -41.47 16.31
N ILE B 27 -11.64 -40.23 16.77
CA ILE B 27 -12.42 -39.09 16.33
C ILE B 27 -11.52 -38.22 15.44
N VAL B 28 -11.95 -37.98 14.21
CA VAL B 28 -11.28 -37.07 13.28
C VAL B 28 -12.16 -35.83 13.10
N CYS B 29 -11.55 -34.66 13.23
CA CYS B 29 -12.25 -33.38 13.07
C CYS B 29 -11.95 -32.79 11.69
N VAL B 30 -13.00 -32.59 10.91
CA VAL B 30 -12.92 -31.88 9.64
C VAL B 30 -13.57 -30.50 9.78
N MET B 31 -12.74 -29.48 10.06
CA MET B 31 -13.21 -28.17 10.49
C MET B 31 -12.71 -27.08 9.56
N GLY B 32 -13.61 -26.17 9.19
CA GLY B 32 -13.29 -25.07 8.31
C GLY B 32 -13.09 -25.45 6.86
N PRO B 33 -12.52 -24.53 6.08
CA PRO B 33 -12.33 -24.77 4.65
C PRO B 33 -11.46 -26.00 4.39
N ILE B 34 -11.86 -26.78 3.39
CA ILE B 34 -11.13 -27.98 3.01
C ILE B 34 -10.17 -27.63 1.87
N ASP B 35 -8.86 -27.68 2.16
CA ASP B 35 -7.80 -27.49 1.18
C ASP B 35 -6.87 -28.70 1.24
N ASP B 36 -5.80 -28.64 0.44
CA ASP B 36 -4.83 -29.74 0.36
C ASP B 36 -4.23 -30.06 1.73
N SER B 37 -3.82 -29.03 2.47
CA SER B 37 -3.25 -29.26 3.81
C SER B 37 -4.24 -29.97 4.72
N VAL B 38 -5.47 -29.45 4.80
CA VAL B 38 -6.51 -30.09 5.60
C VAL B 38 -6.74 -31.52 5.15
N ALA B 39 -6.89 -31.72 3.84
CA ALA B 39 -7.07 -33.07 3.28
C ALA B 39 -5.92 -33.99 3.63
N SER B 40 -4.69 -33.52 3.44
CA SER B 40 -3.50 -34.27 3.84
C SER B 40 -3.58 -34.76 5.28
N LEU B 41 -3.88 -33.86 6.22
CA LEU B 41 -4.03 -34.23 7.62
C LEU B 41 -5.10 -35.30 7.83
N VAL B 42 -6.31 -35.08 7.32
CA VAL B 42 -7.41 -36.03 7.53
C VAL B 42 -7.07 -37.41 6.98
N ILE B 43 -6.49 -37.48 5.78
CA ILE B 43 -6.09 -38.76 5.20
C ILE B 43 -5.06 -39.46 6.08
N ALA B 44 -4.03 -38.73 6.51
CA ALA B 44 -3.05 -39.27 7.44
C ALA B 44 -3.69 -39.89 8.68
N GLN B 45 -4.64 -39.17 9.30
CA GLN B 45 -5.32 -39.69 10.47
C GLN B 45 -6.16 -40.92 10.16
N LEU B 46 -6.87 -40.92 9.03
CA LEU B 46 -7.66 -42.08 8.62
C LEU B 46 -6.78 -43.31 8.36
N LEU B 47 -5.63 -43.12 7.71
CA LEU B 47 -4.72 -44.24 7.48
C LEU B 47 -4.10 -44.73 8.79
N PHE B 48 -3.70 -43.82 9.67
CA PHE B 48 -3.26 -44.20 11.01
C PHE B 48 -4.33 -45.00 11.76
N LEU B 49 -5.55 -44.48 11.82
CA LEU B 49 -6.63 -45.17 12.52
C LEU B 49 -6.98 -46.52 11.91
N GLN B 50 -6.87 -46.66 10.58
CA GLN B 50 -7.02 -47.98 9.98
C GLN B 50 -5.92 -48.93 10.41
N SER B 51 -4.67 -48.47 10.44
CA SER B 51 -3.56 -49.32 10.84
C SER B 51 -3.66 -49.73 12.30
N GLU B 52 -4.22 -48.88 13.15
CA GLU B 52 -4.44 -49.28 14.54
C GLU B 52 -5.49 -50.38 14.67
N SER B 53 -6.55 -50.33 13.85
CA SER B 53 -7.37 -51.50 13.61
C SER B 53 -8.32 -51.23 12.45
N ASN B 54 -8.52 -52.24 11.61
CA ASN B 54 -9.42 -52.15 10.47
C ASN B 54 -10.88 -52.43 10.81
N LYS B 55 -11.18 -52.85 12.05
CA LYS B 55 -12.53 -53.20 12.45
C LYS B 55 -13.26 -52.08 13.18
N LYS B 56 -12.58 -51.34 14.05
CA LYS B 56 -13.25 -50.36 14.88
C LYS B 56 -13.73 -49.17 14.04
N PRO B 57 -14.96 -48.72 14.26
CA PRO B 57 -15.44 -47.53 13.54
C PRO B 57 -14.60 -46.29 13.80
N ILE B 58 -14.67 -45.36 12.86
CA ILE B 58 -14.10 -44.02 12.98
C ILE B 58 -15.25 -43.02 12.98
N HIS B 59 -15.13 -41.98 13.79
CA HIS B 59 -16.09 -40.88 13.82
C HIS B 59 -15.49 -39.64 13.19
N MET B 60 -16.16 -39.12 12.16
CA MET B 60 -15.77 -37.89 11.49
C MET B 60 -16.75 -36.79 11.84
N TYR B 61 -16.28 -35.76 12.54
CA TYR B 61 -17.08 -34.60 12.89
C TYR B 61 -16.81 -33.49 11.88
N ILE B 62 -17.88 -33.03 11.22
CA ILE B 62 -17.78 -32.13 10.07
C ILE B 62 -18.42 -30.80 10.45
N ASN B 63 -17.62 -29.73 10.41
CA ASN B 63 -18.11 -28.35 10.46
C ASN B 63 -17.35 -27.54 9.41
N SER B 64 -17.89 -27.48 8.20
CA SER B 64 -17.14 -26.92 7.09
C SER B 64 -18.00 -26.08 6.15
N PRO B 65 -17.48 -24.92 5.72
CA PRO B 65 -18.13 -24.15 4.65
C PRO B 65 -17.90 -24.71 3.25
N GLY B 66 -17.03 -25.70 3.06
CA GLY B 66 -16.65 -26.19 1.75
C GLY B 66 -15.17 -26.13 1.45
N GLY B 67 -14.79 -26.16 0.17
CA GLY B 67 -13.37 -26.15 -0.15
C GLY B 67 -13.10 -26.64 -1.56
N VAL B 68 -11.83 -26.97 -1.78
CA VAL B 68 -11.30 -27.42 -3.07
C VAL B 68 -11.83 -28.80 -3.43
N VAL B 69 -12.29 -28.96 -4.67
CA VAL B 69 -12.89 -30.22 -5.13
C VAL B 69 -11.91 -31.39 -5.03
N THR B 70 -10.70 -31.26 -5.58
CA THR B 70 -9.78 -32.40 -5.55
C THR B 70 -9.32 -32.74 -4.14
N ALA B 71 -9.16 -31.76 -3.27
CA ALA B 71 -8.86 -32.04 -1.86
C ALA B 71 -10.00 -32.81 -1.20
N GLY B 72 -11.24 -32.38 -1.45
CA GLY B 72 -12.40 -33.10 -0.96
C GLY B 72 -12.55 -34.49 -1.53
N LEU B 73 -12.36 -34.64 -2.84
CA LEU B 73 -12.39 -35.96 -3.46
C LEU B 73 -11.30 -36.88 -2.94
N ALA B 74 -10.14 -36.32 -2.59
CA ALA B 74 -9.10 -37.10 -1.92
C ALA B 74 -9.62 -37.72 -0.62
N ILE B 75 -10.19 -36.90 0.26
CA ILE B 75 -10.77 -37.40 1.50
C ILE B 75 -11.87 -38.43 1.21
N TYR B 76 -12.78 -38.10 0.30
CA TYR B 76 -13.87 -39.00 -0.06
C TYR B 76 -13.39 -40.38 -0.51
N ASP B 77 -12.39 -40.43 -1.40
CA ASP B 77 -11.81 -41.71 -1.81
C ASP B 77 -11.17 -42.47 -0.66
N THR B 78 -10.42 -41.78 0.20
CA THR B 78 -9.88 -42.40 1.40
C THR B 78 -10.98 -43.02 2.27
N MET B 79 -12.08 -42.30 2.48
CA MET B 79 -13.18 -42.83 3.26
C MET B 79 -13.75 -44.12 2.66
N GLN B 80 -13.90 -44.15 1.34
CA GLN B 80 -14.36 -45.37 0.67
C GLN B 80 -13.33 -46.49 0.72
N TYR B 81 -12.05 -46.16 0.61
CA TYR B 81 -11.02 -47.18 0.47
C TYR B 81 -10.76 -47.95 1.76
N ILE B 82 -10.66 -47.25 2.91
CA ILE B 82 -10.42 -47.95 4.17
C ILE B 82 -11.59 -48.85 4.54
N LEU B 83 -11.27 -49.95 5.22
CA LEU B 83 -12.26 -50.97 5.57
C LEU B 83 -13.17 -50.56 6.71
N ASN B 84 -12.72 -49.65 7.57
CA ASN B 84 -13.50 -49.25 8.74
C ASN B 84 -14.84 -48.64 8.34
N PRO B 85 -15.91 -48.94 9.06
CA PRO B 85 -17.11 -48.09 9.00
C PRO B 85 -16.80 -46.70 9.52
N ILE B 86 -17.39 -45.70 8.88
CA ILE B 86 -17.19 -44.30 9.24
C ILE B 86 -18.53 -43.67 9.59
N CYS B 87 -18.66 -43.22 10.82
CA CYS B 87 -19.79 -42.39 11.24
C CYS B 87 -19.47 -40.93 10.99
N THR B 88 -20.37 -40.23 10.31
CA THR B 88 -20.23 -38.81 10.04
C THR B 88 -21.22 -38.01 10.89
N TRP B 89 -20.74 -36.88 11.43
CA TRP B 89 -21.51 -36.00 12.29
C TRP B 89 -21.47 -34.58 11.71
N CYS B 90 -22.64 -34.05 11.34
CA CYS B 90 -22.78 -32.64 10.99
C CYS B 90 -22.96 -31.82 12.27
N VAL B 91 -21.98 -30.98 12.57
CA VAL B 91 -22.06 -30.03 13.67
C VAL B 91 -21.96 -28.63 13.08
N GLY B 92 -22.97 -27.81 13.31
CA GLY B 92 -22.99 -26.44 12.82
C GLY B 92 -23.37 -26.25 11.37
N GLN B 93 -22.49 -26.61 10.42
CA GLN B 93 -22.85 -26.57 9.01
C GLN B 93 -22.10 -27.64 8.22
N ALA B 94 -22.70 -28.05 7.11
CA ALA B 94 -22.02 -28.81 6.06
C ALA B 94 -22.44 -28.24 4.71
N ALA B 95 -21.55 -27.49 4.07
CA ALA B 95 -21.79 -26.83 2.80
C ALA B 95 -20.75 -27.30 1.79
N SER B 96 -21.15 -27.37 0.51
CA SER B 96 -20.30 -27.87 -0.57
C SER B 96 -19.73 -29.24 -0.25
N MET B 97 -18.39 -29.29 -0.23
CA MET B 97 -17.67 -30.53 0.04
C MET B 97 -18.04 -31.13 1.39
N GLY B 98 -18.29 -30.28 2.39
CA GLY B 98 -18.72 -30.75 3.69
C GLY B 98 -20.02 -31.54 3.67
N SER B 99 -20.99 -31.10 2.85
CA SER B 99 -22.21 -31.88 2.69
C SER B 99 -21.97 -33.18 1.92
N LEU B 100 -21.04 -33.16 0.96
CA LEU B 100 -20.71 -34.39 0.23
C LEU B 100 -20.01 -35.41 1.14
N LEU B 101 -19.04 -34.98 1.93
CA LEU B 101 -18.39 -35.87 2.90
C LEU B 101 -19.35 -36.41 3.95
N LEU B 102 -20.27 -35.58 4.43
CA LEU B 102 -21.34 -36.05 5.31
C LEU B 102 -22.17 -37.16 4.67
N ALA B 103 -22.57 -36.99 3.41
CA ALA B 103 -23.34 -38.01 2.71
C ALA B 103 -22.53 -39.29 2.46
N ALA B 104 -21.20 -39.20 2.40
CA ALA B 104 -20.34 -40.34 2.12
C ALA B 104 -20.12 -41.27 3.31
N GLY B 105 -20.67 -40.96 4.48
CA GLY B 105 -20.55 -41.86 5.61
C GLY B 105 -21.28 -43.18 5.40
N THR B 106 -20.84 -44.18 6.17
CA THR B 106 -21.42 -45.51 6.12
C THR B 106 -22.94 -45.44 6.27
N PRO B 107 -23.71 -46.10 5.42
CA PRO B 107 -25.18 -46.07 5.52
C PRO B 107 -25.67 -46.47 6.91
N GLY B 108 -26.67 -45.72 7.40
CA GLY B 108 -27.17 -45.80 8.75
C GLY B 108 -26.33 -45.14 9.81
N MET B 109 -25.21 -44.52 9.44
CA MET B 109 -24.23 -43.94 10.37
C MET B 109 -23.98 -42.46 10.12
N ARG B 110 -24.90 -41.77 9.44
CA ARG B 110 -24.74 -40.38 9.08
C ARG B 110 -25.69 -39.55 9.92
N HIS B 111 -25.13 -38.63 10.70
CA HIS B 111 -25.82 -37.95 11.79
C HIS B 111 -25.80 -36.44 11.61
N SER B 112 -26.87 -35.78 12.06
CA SER B 112 -26.83 -34.35 12.31
C SER B 112 -27.37 -34.04 13.70
N LEU B 113 -26.80 -33.00 14.31
CA LEU B 113 -27.45 -32.30 15.41
C LEU B 113 -28.66 -31.49 14.94
N PRO B 114 -29.55 -31.12 15.88
CA PRO B 114 -30.85 -30.50 15.50
C PRO B 114 -30.76 -29.18 14.72
N ASN B 115 -29.78 -28.34 14.99
CA ASN B 115 -29.75 -26.98 14.42
C ASN B 115 -28.69 -26.77 13.35
N SER B 116 -28.05 -27.85 12.86
CA SER B 116 -27.09 -27.72 11.76
C SER B 116 -27.80 -27.33 10.45
N ARG B 117 -27.09 -26.60 9.60
CA ARG B 117 -27.52 -26.30 8.24
C ARG B 117 -26.73 -27.10 7.22
N ILE B 118 -27.41 -27.74 6.27
CA ILE B 118 -26.78 -28.36 5.10
C ILE B 118 -27.02 -27.48 3.88
N MET B 119 -25.99 -27.29 3.05
CA MET B 119 -26.15 -26.64 1.75
C MET B 119 -25.46 -27.45 0.66
N ILE B 120 -26.15 -27.66 -0.46
CA ILE B 120 -25.61 -28.29 -1.66
C ILE B 120 -25.65 -27.31 -2.83
N HIS B 121 -24.63 -27.36 -3.68
CA HIS B 121 -24.64 -26.59 -4.93
C HIS B 121 -23.62 -27.19 -5.91
N GLN B 122 -23.75 -26.79 -7.18
CA GLN B 122 -22.77 -27.10 -8.21
C GLN B 122 -21.41 -26.45 -7.95
N PRO B 123 -20.34 -27.00 -8.55
CA PRO B 123 -19.02 -26.38 -8.44
C PRO B 123 -18.88 -25.06 -9.20
N SER B 124 -17.92 -24.27 -8.75
CA SER B 124 -17.56 -22.98 -9.33
C SER B 124 -16.05 -22.93 -9.56
N GLY B 125 -15.63 -22.09 -10.50
CA GLY B 125 -14.22 -21.92 -10.79
C GLY B 125 -13.89 -20.76 -11.70
N GLY B 126 -12.79 -20.87 -12.44
CA GLY B 126 -12.40 -19.87 -13.40
C GLY B 126 -11.64 -20.47 -14.56
N ALA B 127 -11.48 -19.68 -15.62
CA ALA B 127 -10.68 -20.05 -16.77
C ALA B 127 -10.00 -18.81 -17.35
N ARG B 128 -8.81 -19.02 -17.93
CA ARG B 128 -8.02 -17.95 -18.52
C ARG B 128 -7.22 -18.47 -19.70
N GLY B 129 -6.77 -17.55 -20.54
CA GLY B 129 -5.86 -17.83 -21.62
C GLY B 129 -6.48 -17.67 -23.00
N GLN B 130 -5.88 -18.36 -23.96
CA GLN B 130 -6.41 -18.41 -25.31
C GLN B 130 -7.73 -19.18 -25.33
N ALA B 131 -8.50 -18.96 -26.40
CA ALA B 131 -9.77 -19.65 -26.57
C ALA B 131 -9.64 -21.16 -26.49
N THR B 132 -8.55 -21.72 -27.01
CA THR B 132 -8.30 -23.16 -26.88
C THR B 132 -8.06 -23.59 -25.44
N ASP B 133 -7.29 -22.81 -24.68
CA ASP B 133 -7.08 -23.10 -23.26
C ASP B 133 -8.36 -22.99 -22.46
N ILE B 134 -9.20 -22.00 -22.78
CA ILE B 134 -10.49 -21.84 -22.11
C ILE B 134 -11.43 -23.00 -22.42
N ALA B 135 -11.47 -23.44 -23.68
CA ALA B 135 -12.29 -24.60 -24.03
C ALA B 135 -11.90 -25.86 -23.27
N ILE B 136 -10.60 -26.09 -23.08
CA ILE B 136 -10.12 -27.20 -22.27
C ILE B 136 -10.55 -27.07 -20.80
N GLN B 137 -10.34 -25.90 -20.21
CA GLN B 137 -10.69 -25.70 -18.81
C GLN B 137 -12.19 -25.80 -18.55
N ALA B 138 -13.02 -25.26 -19.44
CA ALA B 138 -14.47 -25.43 -19.32
C ALA B 138 -14.89 -26.88 -19.44
N GLU B 139 -14.30 -27.63 -20.37
CA GLU B 139 -14.55 -29.06 -20.48
C GLU B 139 -14.19 -29.79 -19.18
N GLU B 140 -13.11 -29.37 -18.51
CA GLU B 140 -12.70 -30.01 -17.26
C GLU B 140 -13.68 -29.74 -16.12
N ILE B 141 -14.11 -28.48 -15.92
CA ILE B 141 -15.09 -28.24 -14.85
C ILE B 141 -16.44 -28.89 -15.13
N MET B 142 -16.82 -29.03 -16.40
CA MET B 142 -18.04 -29.78 -16.73
C MET B 142 -17.92 -31.25 -16.33
N LYS B 143 -16.80 -31.89 -16.67
CA LYS B 143 -16.56 -33.26 -16.24
C LYS B 143 -16.61 -33.40 -14.72
N LEU B 144 -15.95 -32.50 -14.00
CA LEU B 144 -16.01 -32.54 -12.54
C LEU B 144 -17.44 -32.40 -12.01
N LYS B 145 -18.24 -31.54 -12.62
CA LYS B 145 -19.65 -31.41 -12.23
C LYS B 145 -20.40 -32.73 -12.36
N LYS B 146 -20.29 -33.39 -13.52
CA LYS B 146 -20.92 -34.69 -13.72
C LYS B 146 -20.42 -35.73 -12.73
N GLN B 147 -19.11 -35.79 -12.51
CA GLN B 147 -18.52 -36.65 -11.50
C GLN B 147 -19.19 -36.48 -10.14
N LEU B 148 -19.22 -35.25 -9.63
CA LEU B 148 -19.81 -34.96 -8.33
C LEU B 148 -21.29 -35.33 -8.25
N TYR B 149 -22.06 -35.03 -9.30
CA TYR B 149 -23.47 -35.40 -9.33
C TYR B 149 -23.68 -36.91 -9.27
N ASN B 150 -22.80 -37.70 -9.90
CA ASN B 150 -22.84 -39.15 -9.75
C ASN B 150 -22.63 -39.59 -8.31
N ILE B 151 -21.62 -39.01 -7.66
CA ILE B 151 -21.37 -39.30 -6.23
C ILE B 151 -22.61 -39.02 -5.39
N TYR B 152 -23.20 -37.83 -5.52
CA TYR B 152 -24.38 -37.51 -4.72
C TYR B 152 -25.56 -38.44 -5.02
N ALA B 153 -25.76 -38.78 -6.29
CA ALA B 153 -26.81 -39.74 -6.66
C ALA B 153 -26.60 -41.10 -6.00
N LYS B 154 -25.36 -41.60 -6.03
CA LYS B 154 -25.02 -42.87 -5.38
C LYS B 154 -25.40 -42.92 -3.90
N HIS B 155 -24.96 -41.92 -3.13
CA HIS B 155 -25.12 -42.00 -1.68
C HIS B 155 -26.48 -41.53 -1.17
N THR B 156 -27.16 -40.64 -1.89
CA THR B 156 -28.49 -40.18 -1.50
C THR B 156 -29.61 -41.00 -2.11
N LYS B 157 -29.33 -41.79 -3.16
CA LYS B 157 -30.27 -42.59 -3.93
C LYS B 157 -31.22 -41.76 -4.78
N GLN B 158 -31.05 -40.46 -4.84
CA GLN B 158 -31.81 -39.64 -5.77
C GLN B 158 -31.33 -39.88 -7.20
N SER B 159 -32.25 -39.71 -8.14
CA SER B 159 -31.89 -39.77 -9.56
C SER B 159 -31.03 -38.57 -9.94
N LEU B 160 -30.31 -38.72 -11.06
CA LEU B 160 -29.50 -37.63 -11.58
C LEU B 160 -30.33 -36.38 -11.85
N GLN B 161 -31.52 -36.56 -12.41
CA GLN B 161 -32.39 -35.42 -12.72
C GLN B 161 -32.68 -34.60 -11.46
N VAL B 162 -33.07 -35.28 -10.38
CA VAL B 162 -33.29 -34.61 -9.09
C VAL B 162 -32.04 -33.87 -8.63
N ILE B 163 -30.89 -34.54 -8.65
CA ILE B 163 -29.62 -33.91 -8.29
C ILE B 163 -29.36 -32.64 -9.08
N GLU B 164 -29.46 -32.73 -10.41
CA GLU B 164 -29.21 -31.57 -11.28
C GLU B 164 -30.13 -30.41 -10.94
N SER B 165 -31.43 -30.68 -10.80
CA SER B 165 -32.39 -29.65 -10.42
C SER B 165 -32.06 -29.01 -9.07
N ALA B 166 -31.71 -29.82 -8.08
CA ALA B 166 -31.46 -29.31 -6.73
C ALA B 166 -30.19 -28.46 -6.64
N MET B 167 -29.15 -28.79 -7.39
CA MET B 167 -27.84 -28.17 -7.24
C MET B 167 -27.57 -27.02 -8.22
N GLU B 168 -28.50 -26.70 -9.11
CA GLU B 168 -28.30 -25.57 -10.02
C GLU B 168 -28.00 -24.29 -9.26
N ARG B 169 -28.74 -24.03 -8.18
CA ARG B 169 -28.51 -22.90 -7.28
C ARG B 169 -28.24 -23.43 -5.88
N ASP B 170 -27.71 -22.55 -5.02
CA ASP B 170 -27.57 -22.84 -3.60
C ASP B 170 -28.89 -23.32 -2.99
N ARG B 171 -28.83 -24.47 -2.32
CA ARG B 171 -29.99 -25.13 -1.74
C ARG B 171 -29.71 -25.46 -0.27
N TYR B 172 -30.23 -24.63 0.63
CA TYR B 172 -30.06 -24.88 2.06
C TYR B 172 -31.11 -25.84 2.58
N MET B 173 -30.69 -26.70 3.51
CA MET B 173 -31.54 -27.73 4.09
C MET B 173 -31.45 -27.72 5.60
N SER B 174 -32.59 -27.94 6.26
CA SER B 174 -32.58 -28.37 7.64
C SER B 174 -32.17 -29.83 7.72
N PRO B 175 -31.72 -30.29 8.91
CA PRO B 175 -31.43 -31.72 9.07
C PRO B 175 -32.56 -32.66 8.68
N MET B 176 -33.82 -32.35 9.03
CA MET B 176 -34.93 -33.20 8.60
C MET B 176 -35.08 -33.22 7.08
N GLU B 177 -34.99 -32.05 6.43
CA GLU B 177 -34.96 -32.01 4.97
C GLU B 177 -33.80 -32.83 4.40
N ALA B 178 -32.60 -32.67 4.95
CA ALA B 178 -31.46 -33.47 4.52
C ALA B 178 -31.72 -34.96 4.66
N GLN B 179 -32.30 -35.39 5.80
CA GLN B 179 -32.68 -36.78 5.97
C GLN B 179 -33.65 -37.24 4.89
N GLU B 180 -34.69 -36.45 4.63
CA GLU B 180 -35.62 -36.74 3.55
C GLU B 180 -34.90 -36.85 2.21
N PHE B 181 -33.94 -35.96 1.96
CA PHE B 181 -33.18 -35.97 0.71
C PHE B 181 -32.31 -37.23 0.60
N GLY B 182 -31.89 -37.79 1.72
CA GLY B 182 -30.95 -38.89 1.74
C GLY B 182 -29.51 -38.53 2.01
N ILE B 183 -29.23 -37.30 2.45
CA ILE B 183 -27.86 -36.94 2.78
C ILE B 183 -27.44 -37.58 4.11
N LEU B 184 -28.38 -37.75 5.04
CA LEU B 184 -28.10 -38.30 6.35
C LEU B 184 -29.24 -39.19 6.82
N ASP B 185 -28.96 -39.97 7.85
CA ASP B 185 -29.87 -40.98 8.41
C ASP B 185 -30.57 -40.52 9.69
N LYS B 186 -29.84 -39.99 10.66
CA LYS B 186 -30.38 -39.67 11.98
C LYS B 186 -30.14 -38.22 12.35
N VAL B 187 -31.18 -37.57 12.86
CA VAL B 187 -31.12 -36.29 13.55
C VAL B 187 -31.33 -36.55 15.04
N LEU B 188 -30.25 -36.45 15.81
CA LEU B 188 -30.24 -36.81 17.22
C LEU B 188 -30.18 -35.57 18.10
N VAL B 189 -31.06 -35.53 19.10
CA VAL B 189 -31.04 -34.49 20.13
C VAL B 189 -30.11 -34.91 21.26
N HIS B 190 -30.38 -36.06 21.87
CA HIS B 190 -29.59 -36.63 22.95
C HIS B 190 -29.12 -38.03 22.57
N PRO B 191 -28.01 -38.51 23.14
CA PRO B 191 -27.56 -39.88 22.83
C PRO B 191 -28.46 -40.95 23.45
N ILE C 2 -1.27 -29.78 13.37
CA ILE C 2 -0.70 -31.14 13.16
C ILE C 2 -0.80 -31.94 14.46
N PRO C 3 -1.52 -33.07 14.49
CA PRO C 3 -1.75 -33.86 15.71
C PRO C 3 -0.57 -34.78 16.07
N ILE C 4 -0.53 -35.23 17.33
CA ILE C 4 0.52 -36.09 17.91
C ILE C 4 -0.05 -37.45 18.35
N VAL C 5 0.63 -38.52 17.99
CA VAL C 5 0.35 -39.92 18.36
C VAL C 5 1.16 -40.34 19.57
N ALA C 15 8.64 -39.62 15.43
CA ALA C 15 7.56 -40.61 15.39
C ALA C 15 6.28 -40.16 16.13
N TYR C 16 6.32 -38.98 16.76
CA TYR C 16 5.21 -38.42 17.53
C TYR C 16 4.16 -37.73 16.67
N ASP C 17 4.49 -36.67 15.93
CA ASP C 17 3.51 -36.04 15.03
C ASP C 17 3.10 -36.97 13.87
N ILE C 18 1.91 -36.75 13.29
CA ILE C 18 1.28 -37.73 12.39
C ILE C 18 2.11 -38.09 11.14
N TYR C 19 2.82 -37.15 10.53
CA TYR C 19 3.69 -37.47 9.38
C TYR C 19 4.91 -38.30 9.80
N SER C 20 5.52 -38.01 10.94
CA SER C 20 6.60 -38.83 11.47
C SER C 20 6.12 -40.24 11.80
N ARG C 21 4.91 -40.36 12.35
CA ARG C 21 4.28 -41.65 12.64
C ARG C 21 4.06 -42.46 11.37
N LEU C 22 3.71 -41.82 10.25
CA LEU C 22 3.61 -42.48 8.95
C LEU C 22 4.99 -42.86 8.40
N LEU C 23 5.99 -42.02 8.64
CA LEU C 23 7.36 -42.33 8.21
C LEU C 23 7.80 -43.70 8.72
N ARG C 24 7.46 -44.04 9.97
CA ARG C 24 7.77 -45.37 10.48
C ARG C 24 7.13 -46.48 9.64
N GLU C 25 6.04 -46.18 8.94
CA GLU C 25 5.41 -47.10 7.99
C GLU C 25 6.08 -47.08 6.62
N ARG C 26 7.17 -46.31 6.46
CA ARG C 26 7.81 -46.09 5.16
C ARG C 26 6.86 -45.41 4.16
N ILE C 27 6.06 -44.47 4.66
CA ILE C 27 5.15 -43.67 3.84
C ILE C 27 5.71 -42.26 3.75
N VAL C 28 5.95 -41.78 2.54
CA VAL C 28 6.35 -40.40 2.27
C VAL C 28 5.19 -39.67 1.60
N CYS C 29 4.87 -38.49 2.11
CA CYS C 29 3.80 -37.66 1.56
C CYS C 29 4.38 -36.55 0.71
N VAL C 30 4.00 -36.53 -0.57
CA VAL C 30 4.32 -35.43 -1.48
C VAL C 30 3.07 -34.61 -1.75
N MET C 31 2.89 -33.52 -1.00
CA MET C 31 1.63 -32.80 -0.93
C MET C 31 1.84 -31.33 -1.30
N GLY C 32 0.94 -30.81 -2.14
CA GLY C 32 0.99 -29.44 -2.60
C GLY C 32 2.09 -29.14 -3.59
N PRO C 33 2.36 -27.85 -3.81
CA PRO C 33 3.37 -27.44 -4.79
C PRO C 33 4.74 -28.01 -4.47
N ILE C 34 5.44 -28.45 -5.50
CA ILE C 34 6.79 -29.01 -5.36
C ILE C 34 7.81 -27.91 -5.61
N ASP C 35 8.52 -27.50 -4.55
CA ASP C 35 9.61 -26.55 -4.63
C ASP C 35 10.86 -27.18 -4.01
N ASP C 36 11.94 -26.38 -3.94
CA ASP C 36 13.21 -26.88 -3.40
C ASP C 36 13.07 -27.39 -1.97
N SER C 37 12.36 -26.65 -1.11
CA SER C 37 12.17 -27.08 0.26
C SER C 37 11.44 -28.42 0.32
N VAL C 38 10.32 -28.53 -0.39
CA VAL C 38 9.58 -29.79 -0.46
C VAL C 38 10.46 -30.91 -0.97
N ALA C 39 11.17 -30.66 -2.08
CA ALA C 39 12.08 -31.64 -2.65
C ALA C 39 13.17 -32.06 -1.67
N SER C 40 13.80 -31.08 -1.02
CA SER C 40 14.77 -31.36 0.04
C SER C 40 14.24 -32.34 1.08
N LEU C 41 13.06 -32.05 1.63
CA LEU C 41 12.43 -32.94 2.60
C LEU C 41 12.22 -34.35 2.06
N VAL C 42 11.58 -34.49 0.90
CA VAL C 42 11.29 -35.81 0.33
C VAL C 42 12.57 -36.61 0.10
N ILE C 43 13.61 -35.99 -0.45
CA ILE C 43 14.88 -36.67 -0.66
C ILE C 43 15.49 -37.16 0.66
N ALA C 44 15.50 -36.27 1.66
CA ALA C 44 15.96 -36.66 2.99
C ALA C 44 15.24 -37.89 3.52
N GLN C 45 13.91 -37.92 3.42
CA GLN C 45 13.14 -39.07 3.87
C GLN C 45 13.44 -40.33 3.05
N LEU C 46 13.57 -40.20 1.74
CA LEU C 46 13.92 -41.34 0.90
C LEU C 46 15.31 -41.91 1.23
N LEU C 47 16.29 -41.03 1.46
CA LEU C 47 17.61 -41.50 1.85
C LEU C 47 17.61 -42.13 3.25
N PHE C 48 16.90 -41.53 4.19
CA PHE C 48 16.69 -42.16 5.50
C PHE C 48 16.06 -43.54 5.38
N LEU C 49 14.95 -43.64 4.65
CA LEU C 49 14.26 -44.93 4.50
C LEU C 49 15.11 -45.96 3.76
N GLN C 50 15.95 -45.54 2.82
CA GLN C 50 16.90 -46.48 2.23
C GLN C 50 17.92 -46.98 3.24
N SER C 51 18.45 -46.08 4.07
CA SER C 51 19.44 -46.47 5.08
C SER C 51 18.84 -47.39 6.13
N GLU C 52 17.55 -47.24 6.44
CA GLU C 52 16.90 -48.17 7.36
C GLU C 52 16.77 -49.56 6.77
N SER C 53 16.49 -49.66 5.47
CA SER C 53 16.73 -50.90 4.73
C SER C 53 16.58 -50.64 3.24
N ASN C 54 17.45 -51.25 2.44
CA ASN C 54 17.41 -51.14 0.99
C ASN C 54 16.44 -52.11 0.31
N LYS C 55 15.84 -53.02 1.07
CA LYS C 55 14.94 -54.04 0.50
C LYS C 55 13.47 -53.67 0.62
N LYS C 56 13.05 -53.10 1.74
CA LYS C 56 11.63 -52.87 1.97
C LYS C 56 11.11 -51.77 1.04
N PRO C 57 9.94 -51.98 0.44
CA PRO C 57 9.35 -50.93 -0.41
C PRO C 57 9.06 -49.65 0.36
N ILE C 58 8.99 -48.56 -0.39
CA ILE C 58 8.56 -47.25 0.09
C ILE C 58 7.26 -46.89 -0.62
N HIS C 59 6.34 -46.27 0.10
CA HIS C 59 5.08 -45.78 -0.47
C HIS C 59 5.12 -44.26 -0.55
N MET C 60 4.93 -43.73 -1.75
CA MET C 60 4.86 -42.30 -1.99
C MET C 60 3.41 -41.92 -2.33
N TYR C 61 2.79 -41.13 -1.47
CA TYR C 61 1.44 -40.62 -1.68
C TYR C 61 1.53 -39.22 -2.28
N ILE C 62 0.94 -39.04 -3.45
CA ILE C 62 1.09 -37.83 -4.25
C ILE C 62 -0.26 -37.12 -4.35
N ASN C 63 -0.32 -35.88 -3.84
CA ASN C 63 -1.42 -34.97 -4.09
C ASN C 63 -0.83 -33.59 -4.39
N SER C 64 -0.59 -33.32 -5.67
CA SER C 64 0.18 -32.13 -6.04
C SER C 64 -0.36 -31.44 -7.28
N PRO C 65 -0.44 -30.11 -7.26
CA PRO C 65 -0.73 -29.36 -8.49
C PRO C 65 0.46 -29.20 -9.43
N GLY C 66 1.66 -29.59 -9.03
CA GLY C 66 2.87 -29.36 -9.81
C GLY C 66 3.96 -28.58 -9.10
N GLY C 67 4.88 -27.97 -9.83
CA GLY C 67 5.96 -27.26 -9.18
C GLY C 67 7.15 -27.03 -10.10
N VAL C 68 8.27 -26.70 -9.46
CA VAL C 68 9.53 -26.38 -10.13
C VAL C 68 10.14 -27.62 -10.76
N VAL C 69 10.58 -27.48 -12.02
CA VAL C 69 11.14 -28.60 -12.78
C VAL C 69 12.37 -29.21 -12.11
N THR C 70 13.36 -28.40 -11.75
CA THR C 70 14.58 -28.97 -11.17
C THR C 70 14.34 -29.59 -9.79
N ALA C 71 13.43 -29.03 -8.99
CA ALA C 71 13.04 -29.65 -7.73
C ALA C 71 12.39 -31.00 -7.96
N GLY C 72 11.48 -31.07 -8.94
CA GLY C 72 10.87 -32.33 -9.32
C GLY C 72 11.85 -33.35 -9.89
N LEU C 73 12.74 -32.90 -10.77
CA LEU C 73 13.77 -33.79 -11.30
C LEU C 73 14.72 -34.29 -10.21
N ALA C 74 14.98 -33.46 -9.19
CA ALA C 74 15.73 -33.92 -8.03
C ALA C 74 15.07 -35.13 -7.37
N ILE C 75 13.78 -35.02 -7.04
CA ILE C 75 13.03 -36.14 -6.47
C ILE C 75 13.04 -37.34 -7.42
N TYR C 76 12.75 -37.11 -8.70
CA TYR C 76 12.73 -38.18 -9.68
C TYR C 76 14.04 -38.96 -9.75
N ASP C 77 15.18 -38.26 -9.80
CA ASP C 77 16.49 -38.93 -9.77
C ASP C 77 16.72 -39.72 -8.50
N THR C 78 16.37 -39.15 -7.34
CA THR C 78 16.43 -39.88 -6.08
C THR C 78 15.62 -41.17 -6.12
N MET C 79 14.40 -41.11 -6.66
CA MET C 79 13.57 -42.30 -6.76
C MET C 79 14.23 -43.39 -7.62
N GLN C 80 14.84 -43.00 -8.73
CA GLN C 80 15.57 -43.95 -9.57
C GLN C 80 16.82 -44.47 -8.89
N TYR C 81 17.53 -43.62 -8.15
CA TYR C 81 18.84 -43.99 -7.63
C TYR C 81 18.76 -44.99 -6.47
N ILE C 82 17.84 -44.80 -5.52
CA ILE C 82 17.73 -45.74 -4.41
C ILE C 82 17.27 -47.11 -4.88
N LEU C 83 17.73 -48.15 -4.19
CA LEU C 83 17.48 -49.53 -4.56
C LEU C 83 16.06 -49.98 -4.26
N ASN C 84 15.40 -49.36 -3.29
CA ASN C 84 14.06 -49.79 -2.89
C ASN C 84 13.06 -49.69 -4.04
N PRO C 85 12.16 -50.66 -4.18
CA PRO C 85 10.95 -50.42 -4.98
C PRO C 85 10.10 -49.33 -4.34
N ILE C 86 9.51 -48.50 -5.19
CA ILE C 86 8.67 -47.39 -4.75
C ILE C 86 7.27 -47.56 -5.34
N CYS C 87 6.28 -47.69 -4.46
CA CYS C 87 4.88 -47.63 -4.85
C CYS C 87 4.40 -46.18 -4.80
N THR C 88 3.79 -45.73 -5.89
CA THR C 88 3.23 -44.39 -5.98
C THR C 88 1.70 -44.45 -5.94
N TRP C 89 1.11 -43.50 -5.20
CA TRP C 89 -0.33 -43.41 -5.01
C TRP C 89 -0.80 -42.01 -5.40
N CYS C 90 -1.65 -41.92 -6.43
CA CYS C 90 -2.34 -40.67 -6.75
C CYS C 90 -3.58 -40.54 -5.87
N VAL C 91 -3.58 -39.54 -5.00
CA VAL C 91 -4.73 -39.19 -4.18
C VAL C 91 -5.13 -37.77 -4.54
N GLY C 92 -6.36 -37.59 -5.00
CA GLY C 92 -6.87 -36.28 -5.35
C GLY C 92 -6.46 -35.74 -6.71
N GLN C 93 -5.20 -35.33 -6.88
CA GLN C 93 -4.73 -34.93 -8.20
C GLN C 93 -3.23 -35.21 -8.34
N ALA C 94 -2.81 -35.39 -9.59
CA ALA C 94 -1.41 -35.35 -9.98
C ALA C 94 -1.29 -34.57 -11.27
N ALA C 95 -0.79 -33.33 -11.18
CA ALA C 95 -0.64 -32.42 -12.31
C ALA C 95 0.82 -32.00 -12.42
N SER C 96 1.26 -31.76 -13.66
CA SER C 96 2.65 -31.43 -13.97
C SER C 96 3.62 -32.44 -13.38
N MET C 97 4.50 -31.94 -12.51
CA MET C 97 5.52 -32.76 -11.86
C MET C 97 4.90 -33.91 -11.07
N GLY C 98 3.75 -33.67 -10.45
CA GLY C 98 3.05 -34.73 -9.74
C GLY C 98 2.66 -35.91 -10.60
N SER C 99 2.21 -35.65 -11.83
CA SER C 99 1.94 -36.75 -12.76
C SER C 99 3.22 -37.45 -13.22
N LEU C 100 4.32 -36.70 -13.37
CA LEU C 100 5.60 -37.30 -13.73
C LEU C 100 6.13 -38.20 -12.62
N LEU C 101 6.11 -37.73 -11.37
CA LEU C 101 6.53 -38.55 -10.24
C LEU C 101 5.66 -39.79 -10.06
N LEU C 102 4.34 -39.66 -10.26
CA LEU C 102 3.45 -40.82 -10.27
C LEU C 102 3.87 -41.85 -11.31
N ALA C 103 4.17 -41.41 -12.53
CA ALA C 103 4.60 -42.33 -13.58
C ALA C 103 5.97 -42.96 -13.28
N ALA C 104 6.81 -42.30 -12.49
CA ALA C 104 8.14 -42.79 -12.17
C ALA C 104 8.18 -43.91 -11.13
N GLY C 105 7.04 -44.31 -10.57
CA GLY C 105 7.03 -45.43 -9.65
C GLY C 105 7.41 -46.75 -10.30
N THR C 106 7.85 -47.67 -9.46
CA THR C 106 8.23 -49.01 -9.89
C THR C 106 7.13 -49.64 -10.74
N PRO C 107 7.45 -50.20 -11.91
CA PRO C 107 6.43 -50.83 -12.75
C PRO C 107 5.61 -51.88 -12.01
N GLY C 108 4.29 -51.85 -12.25
CA GLY C 108 3.29 -52.62 -11.54
C GLY C 108 2.92 -52.11 -10.17
N MET C 109 3.49 -50.98 -9.73
CA MET C 109 3.32 -50.45 -8.38
C MET C 109 2.80 -49.02 -8.39
N ARG C 110 2.18 -48.58 -9.49
CA ARG C 110 1.70 -47.21 -9.63
C ARG C 110 0.17 -47.23 -9.57
N HIS C 111 -0.39 -46.52 -8.59
CA HIS C 111 -1.78 -46.66 -8.19
C HIS C 111 -2.50 -45.32 -8.28
N SER C 112 -3.79 -45.38 -8.60
CA SER C 112 -4.70 -44.27 -8.36
C SER C 112 -5.95 -44.75 -7.64
N LEU C 113 -6.48 -43.87 -6.78
CA LEU C 113 -7.86 -43.95 -6.32
C LEU C 113 -8.85 -43.62 -7.45
N PRO C 114 -10.12 -44.03 -7.29
CA PRO C 114 -11.11 -43.91 -8.39
C PRO C 114 -11.38 -42.50 -8.91
N ASN C 115 -11.34 -41.48 -8.06
CA ASN C 115 -11.79 -40.13 -8.45
C ASN C 115 -10.65 -39.12 -8.59
N SER C 116 -9.39 -39.57 -8.59
CA SER C 116 -8.27 -38.66 -8.81
C SER C 116 -8.26 -38.15 -10.26
N ARG C 117 -7.76 -36.94 -10.45
CA ARG C 117 -7.50 -36.36 -11.77
C ARG C 117 -6.00 -36.32 -12.05
N ILE C 118 -5.59 -36.79 -13.24
CA ILE C 118 -4.24 -36.61 -13.75
C ILE C 118 -4.23 -35.54 -14.83
N MET C 119 -3.24 -34.64 -14.80
CA MET C 119 -3.02 -33.69 -15.89
C MET C 119 -1.55 -33.67 -16.31
N ILE C 120 -1.31 -33.72 -17.61
CA ILE C 120 0.03 -33.58 -18.20
C ILE C 120 0.07 -32.35 -19.10
N HIS C 121 1.20 -31.66 -19.11
CA HIS C 121 1.42 -30.56 -20.06
C HIS C 121 2.92 -30.26 -20.18
N GLN C 122 3.28 -29.52 -21.23
CA GLN C 122 4.63 -28.99 -21.41
C GLN C 122 5.01 -27.99 -20.32
N PRO C 123 6.32 -27.78 -20.11
CA PRO C 123 6.77 -26.76 -19.16
C PRO C 123 6.53 -25.32 -19.64
N SER C 124 6.47 -24.43 -18.66
CA SER C 124 6.29 -22.99 -18.84
C SER C 124 7.36 -22.24 -18.06
N GLY C 125 7.66 -21.01 -18.51
CA GLY C 125 8.62 -20.18 -17.82
C GLY C 125 8.67 -18.75 -18.28
N GLY C 126 9.83 -18.11 -18.15
CA GLY C 126 10.03 -16.75 -18.63
C GLY C 126 11.46 -16.51 -19.04
N ALA C 127 11.68 -15.40 -19.74
CA ALA C 127 13.01 -14.95 -20.12
C ALA C 127 13.07 -13.43 -20.11
N ARG C 128 14.25 -12.89 -19.80
CA ARG C 128 14.47 -11.46 -19.73
C ARG C 128 15.90 -11.13 -20.13
N GLY C 129 16.11 -9.86 -20.47
CA GLY C 129 17.43 -9.31 -20.73
C GLY C 129 17.65 -8.93 -22.18
N GLN C 130 18.92 -8.90 -22.55
CA GLN C 130 19.32 -8.67 -23.93
C GLN C 130 18.90 -9.85 -24.80
N ALA C 131 18.84 -9.59 -26.10
CA ALA C 131 18.48 -10.63 -27.06
C ALA C 131 19.37 -11.87 -26.95
N THR C 132 20.66 -11.69 -26.67
CA THR C 132 21.55 -12.83 -26.44
C THR C 132 21.19 -13.62 -25.18
N ASP C 133 20.86 -12.92 -24.09
CA ASP C 133 20.42 -13.59 -22.87
C ASP C 133 19.11 -14.34 -23.08
N ILE C 134 18.19 -13.74 -23.83
CA ILE C 134 16.92 -14.40 -24.14
C ILE C 134 17.11 -15.64 -25.01
N ALA C 135 17.99 -15.57 -26.01
CA ALA C 135 18.28 -16.74 -26.83
C ALA C 135 18.83 -17.90 -26.01
N ILE C 136 19.70 -17.62 -25.04
CA ILE C 136 20.21 -18.64 -24.13
C ILE C 136 19.09 -19.25 -23.28
N GLN C 137 18.28 -18.41 -22.66
CA GLN C 137 17.21 -18.91 -21.81
C GLN C 137 16.15 -19.71 -22.57
N ALA C 138 15.78 -19.27 -23.77
CA ALA C 138 14.87 -20.07 -24.61
C ALA C 138 15.47 -21.41 -25.00
N GLU C 139 16.75 -21.44 -25.36
CA GLU C 139 17.45 -22.69 -25.62
C GLU C 139 17.40 -23.63 -24.41
N GLU C 140 17.51 -23.08 -23.20
CA GLU C 140 17.49 -23.89 -21.99
C GLU C 140 16.10 -24.50 -21.72
N ILE C 141 15.03 -23.71 -21.83
CA ILE C 141 13.70 -24.31 -21.62
C ILE C 141 13.34 -25.31 -22.72
N MET C 142 13.83 -25.12 -23.94
CA MET C 142 13.63 -26.13 -24.99
C MET C 142 14.31 -27.45 -24.63
N LYS C 143 15.56 -27.38 -24.19
CA LYS C 143 16.26 -28.59 -23.73
C LYS C 143 15.51 -29.28 -22.60
N LEU C 144 15.05 -28.52 -21.60
CA LEU C 144 14.28 -29.12 -20.52
C LEU C 144 13.01 -29.79 -21.03
N LYS C 145 12.32 -29.18 -21.98
CA LYS C 145 11.14 -29.80 -22.58
C LYS C 145 11.45 -31.17 -23.19
N LYS C 146 12.51 -31.24 -24.02
CA LYS C 146 12.92 -32.51 -24.61
C LYS C 146 13.29 -33.54 -23.55
N GLN C 147 14.07 -33.11 -22.54
CA GLN C 147 14.40 -33.96 -21.40
C GLN C 147 13.16 -34.59 -20.78
N LEU C 148 12.18 -33.76 -20.39
CA LEU C 148 10.97 -34.25 -19.75
C LEU C 148 10.18 -35.20 -20.65
N TYR C 149 10.06 -34.89 -21.94
CA TYR C 149 9.37 -35.78 -22.88
C TYR C 149 10.04 -37.15 -22.99
N ASN C 150 11.37 -37.20 -22.93
CA ASN C 150 12.07 -38.48 -22.88
C ASN C 150 11.71 -39.28 -21.64
N ILE C 151 11.69 -38.62 -20.48
CA ILE C 151 11.27 -39.27 -19.23
C ILE C 151 9.87 -39.88 -19.37
N TYR C 152 8.91 -39.09 -19.83
CA TYR C 152 7.54 -39.61 -19.96
C TYR C 152 7.46 -40.76 -20.95
N ALA C 153 8.17 -40.67 -22.07
CA ALA C 153 8.22 -41.76 -23.03
C ALA C 153 8.78 -43.04 -22.42
N LYS C 154 9.86 -42.93 -21.66
CA LYS C 154 10.45 -44.09 -20.98
C LYS C 154 9.46 -44.83 -20.09
N HIS C 155 8.78 -44.11 -19.19
CA HIS C 155 7.97 -44.76 -18.17
C HIS C 155 6.56 -45.13 -18.65
N THR C 156 6.01 -44.41 -19.62
CA THR C 156 4.69 -44.74 -20.16
C THR C 156 4.73 -45.66 -21.36
N LYS C 157 5.90 -45.79 -22.00
CA LYS C 157 6.14 -46.58 -23.22
C LYS C 157 5.51 -45.98 -24.46
N GLN C 158 4.93 -44.78 -24.36
CA GLN C 158 4.47 -44.09 -25.55
C GLN C 158 5.66 -43.58 -26.35
N SER C 159 5.47 -43.46 -27.66
CA SER C 159 6.47 -42.85 -28.52
C SER C 159 6.55 -41.34 -28.25
N LEU C 160 7.70 -40.76 -28.64
CA LEU C 160 7.89 -39.31 -28.50
C LEU C 160 6.80 -38.53 -29.21
N GLN C 161 6.42 -38.96 -30.42
CA GLN C 161 5.39 -38.27 -31.18
C GLN C 161 4.08 -38.17 -30.38
N VAL C 162 3.64 -39.29 -29.80
CA VAL C 162 2.45 -39.30 -28.95
C VAL C 162 2.60 -38.34 -27.79
N ILE C 163 3.73 -38.40 -27.08
CA ILE C 163 4.01 -37.49 -25.97
C ILE C 163 3.89 -36.03 -26.39
N GLU C 164 4.58 -35.65 -27.47
CA GLU C 164 4.54 -34.27 -27.96
C GLU C 164 3.13 -33.81 -28.27
N SER C 165 2.37 -34.63 -28.99
CA SER C 165 0.98 -34.32 -29.30
C SER C 165 0.13 -34.14 -28.04
N ALA C 166 0.29 -35.03 -27.06
CA ALA C 166 -0.54 -35.00 -25.86
C ALA C 166 -0.24 -33.80 -24.96
N MET C 167 1.02 -33.37 -24.88
CA MET C 167 1.43 -32.35 -23.91
C MET C 167 1.48 -30.93 -24.47
N GLU C 168 1.17 -30.72 -25.75
CA GLU C 168 1.15 -29.37 -26.30
C GLU C 168 0.23 -28.46 -25.49
N ARG C 169 -0.96 -28.95 -25.13
CA ARG C 169 -1.89 -28.24 -24.27
C ARG C 169 -2.16 -29.08 -23.03
N ASP C 170 -2.75 -28.45 -22.02
CA ASP C 170 -3.25 -29.16 -20.84
C ASP C 170 -4.16 -30.33 -21.21
N ARG C 171 -3.83 -31.50 -20.69
CA ARG C 171 -4.53 -32.75 -21.00
C ARG C 171 -4.93 -33.45 -19.69
N TYR C 172 -6.19 -33.31 -19.31
CA TYR C 172 -6.69 -33.96 -18.11
C TYR C 172 -7.11 -35.39 -18.40
N MET C 173 -6.85 -36.28 -17.44
CA MET C 173 -7.12 -37.71 -17.56
C MET C 173 -7.87 -38.21 -16.34
N SER C 174 -8.82 -39.11 -16.56
CA SER C 174 -9.31 -39.96 -15.50
C SER C 174 -8.26 -41.04 -15.20
N PRO C 175 -8.34 -41.67 -14.02
CA PRO C 175 -7.44 -42.81 -13.73
C PRO C 175 -7.45 -43.92 -14.78
N MET C 176 -8.61 -44.31 -15.30
CA MET C 176 -8.65 -45.32 -16.36
C MET C 176 -7.93 -44.84 -17.62
N GLU C 177 -8.19 -43.60 -18.04
CA GLU C 177 -7.43 -43.01 -19.15
C GLU C 177 -5.92 -43.00 -18.87
N ALA C 178 -5.52 -42.57 -17.68
CA ALA C 178 -4.11 -42.59 -17.29
C ALA C 178 -3.53 -44.01 -17.38
N GLN C 179 -4.26 -45.01 -16.87
CA GLN C 179 -3.82 -46.40 -17.02
C GLN C 179 -3.63 -46.78 -18.48
N GLU C 180 -4.61 -46.46 -19.32
CA GLU C 180 -4.48 -46.69 -20.76
C GLU C 180 -3.25 -45.99 -21.34
N PHE C 181 -3.00 -44.75 -20.90
CA PHE C 181 -1.84 -43.99 -21.36
C PHE C 181 -0.53 -44.64 -20.92
N GLY C 182 -0.53 -45.34 -19.80
CA GLY C 182 0.68 -45.87 -19.21
C GLY C 182 1.27 -45.07 -18.08
N ILE C 183 0.55 -44.10 -17.54
CA ILE C 183 1.06 -43.34 -16.39
C ILE C 183 0.98 -44.19 -15.12
N LEU C 184 -0.02 -45.06 -15.01
CA LEU C 184 -0.21 -45.89 -13.83
C LEU C 184 -0.71 -47.27 -14.22
N ASP C 185 -0.63 -48.19 -13.26
CA ASP C 185 -0.96 -49.61 -13.44
C ASP C 185 -2.32 -50.00 -12.89
N LYS C 186 -2.66 -49.60 -11.66
CA LYS C 186 -3.87 -50.05 -10.99
C LYS C 186 -4.72 -48.88 -10.52
N VAL C 187 -6.02 -48.96 -10.78
CA VAL C 187 -7.06 -48.13 -10.18
C VAL C 187 -7.82 -48.97 -9.18
N LEU C 188 -7.57 -48.72 -7.89
CA LEU C 188 -8.10 -49.54 -6.81
C LEU C 188 -9.21 -48.81 -6.07
N VAL C 189 -10.33 -49.50 -5.86
CA VAL C 189 -11.43 -49.01 -5.03
C VAL C 189 -11.19 -49.39 -3.58
N HIS C 190 -11.03 -50.68 -3.31
CA HIS C 190 -10.78 -51.22 -1.98
C HIS C 190 -9.50 -52.06 -2.01
N PRO C 191 -8.82 -52.21 -0.87
CA PRO C 191 -7.60 -53.03 -0.84
C PRO C 191 -7.91 -54.52 -0.96
N ILE D 2 8.73 -30.19 8.89
CA ILE D 2 9.96 -31.00 9.06
C ILE D 2 9.67 -32.19 9.99
N PRO D 3 9.81 -33.45 9.52
CA PRO D 3 9.47 -34.65 10.30
C PRO D 3 10.55 -35.05 11.32
N ILE D 4 10.17 -35.86 12.30
CA ILE D 4 11.02 -36.36 13.41
C ILE D 4 11.17 -37.89 13.35
N VAL D 5 12.41 -38.37 13.48
CA VAL D 5 12.80 -39.78 13.55
C VAL D 5 12.93 -40.24 15.01
N ALA D 15 19.53 -35.00 16.61
CA ALA D 15 19.40 -36.26 15.87
C ALA D 15 17.93 -36.68 15.64
N TYR D 16 16.97 -35.91 16.15
CA TYR D 16 15.54 -36.21 16.07
C TYR D 16 14.93 -35.75 14.73
N ASP D 17 14.94 -34.46 14.41
CA ASP D 17 14.44 -34.00 13.10
C ASP D 17 15.28 -34.54 11.92
N ILE D 18 14.70 -34.63 10.73
CA ILE D 18 15.31 -35.38 9.61
C ILE D 18 16.69 -34.87 9.18
N TYR D 19 16.95 -33.56 9.16
CA TYR D 19 18.29 -33.05 8.84
C TYR D 19 19.32 -33.38 9.91
N SER D 20 18.96 -33.30 11.20
CA SER D 20 19.84 -33.75 12.27
C SER D 20 20.15 -35.24 12.19
N ARG D 21 19.13 -36.04 11.84
CA ARG D 21 19.28 -37.48 11.64
C ARG D 21 20.27 -37.78 10.50
N LEU D 22 20.27 -36.98 9.43
CA LEU D 22 21.25 -37.09 8.36
C LEU D 22 22.64 -36.62 8.80
N LEU D 23 22.70 -35.59 9.64
CA LEU D 23 23.98 -35.14 10.18
C LEU D 23 24.76 -36.27 10.84
N ARG D 24 24.08 -37.15 11.57
CA ARG D 24 24.74 -38.33 12.13
C ARG D 24 25.38 -39.21 11.05
N GLU D 25 24.88 -39.15 9.83
CA GLU D 25 25.48 -39.83 8.68
C GLU D 25 26.62 -39.03 8.05
N ARG D 26 26.98 -37.88 8.64
CA ARG D 26 27.95 -36.95 8.05
C ARG D 26 27.49 -36.41 6.69
N ILE D 27 26.18 -36.14 6.58
CA ILE D 27 25.59 -35.57 5.38
C ILE D 27 25.20 -34.12 5.70
N VAL D 28 25.72 -33.18 4.93
CA VAL D 28 25.37 -31.76 5.01
C VAL D 28 24.57 -31.39 3.76
N CYS D 29 23.42 -30.73 3.98
CA CYS D 29 22.55 -30.29 2.89
C CYS D 29 22.77 -28.80 2.62
N VAL D 30 23.17 -28.48 1.40
CA VAL D 30 23.25 -27.10 0.93
C VAL D 30 22.12 -26.84 -0.07
N MET D 31 21.01 -26.29 0.42
CA MET D 31 19.75 -26.23 -0.32
C MET D 31 19.28 -24.80 -0.45
N GLY D 32 18.85 -24.43 -1.65
CA GLY D 32 18.35 -23.09 -1.94
C GLY D 32 19.42 -22.02 -2.00
N PRO D 33 18.99 -20.76 -1.97
CA PRO D 33 19.93 -19.64 -2.08
C PRO D 33 20.96 -19.65 -0.96
N ILE D 34 22.20 -19.35 -1.32
CA ILE D 34 23.30 -19.31 -0.35
C ILE D 34 23.48 -17.87 0.12
N ASP D 35 23.16 -17.63 1.40
CA ASP D 35 23.38 -16.35 2.05
C ASP D 35 24.22 -16.59 3.32
N ASP D 36 24.44 -15.50 4.08
CA ASP D 36 25.25 -15.57 5.29
C ASP D 36 24.69 -16.60 6.29
N SER D 37 23.38 -16.57 6.52
CA SER D 37 22.78 -17.54 7.44
C SER D 37 23.02 -18.97 7.00
N VAL D 38 22.73 -19.27 5.73
CA VAL D 38 22.98 -20.60 5.18
C VAL D 38 24.45 -20.97 5.33
N ALA D 39 25.34 -20.06 4.93
CA ALA D 39 26.78 -20.29 5.05
C ALA D 39 27.19 -20.54 6.49
N SER D 40 26.73 -19.71 7.42
CA SER D 40 26.96 -19.92 8.84
C SER D 40 26.61 -21.34 9.28
N LEU D 41 25.40 -21.80 8.96
CA LEU D 41 24.98 -23.16 9.29
C LEU D 41 25.91 -24.21 8.72
N VAL D 42 26.19 -24.16 7.41
CA VAL D 42 27.02 -25.18 6.77
C VAL D 42 28.41 -25.23 7.39
N ILE D 43 29.03 -24.07 7.64
CA ILE D 43 30.35 -24.03 8.27
C ILE D 43 30.31 -24.66 9.66
N ALA D 44 29.32 -24.30 10.46
CA ALA D 44 29.12 -24.91 11.78
C ALA D 44 29.06 -26.44 11.69
N GLN D 45 28.28 -26.97 10.76
CA GLN D 45 28.18 -28.42 10.59
C GLN D 45 29.50 -29.04 10.14
N LEU D 46 30.20 -28.39 9.22
CA LEU D 46 31.50 -28.89 8.77
C LEU D 46 32.53 -28.90 9.90
N LEU D 47 32.56 -27.85 10.72
CA LEU D 47 33.47 -27.83 11.87
C LEU D 47 33.10 -28.86 12.92
N PHE D 48 31.80 -29.01 13.20
CA PHE D 48 31.34 -30.10 14.06
C PHE D 48 31.76 -31.47 13.53
N LEU D 49 31.47 -31.76 12.27
CA LEU D 49 31.83 -33.04 11.68
C LEU D 49 33.33 -33.29 11.64
N GLN D 50 34.14 -32.25 11.46
CA GLN D 50 35.59 -32.42 11.59
C GLN D 50 35.98 -32.77 13.02
N SER D 51 35.41 -32.10 14.02
CA SER D 51 35.73 -32.39 15.40
C SER D 51 35.31 -33.79 15.81
N GLU D 52 34.23 -34.32 15.23
CA GLU D 52 33.83 -35.69 15.51
C GLU D 52 34.84 -36.70 14.94
N SER D 53 35.39 -36.42 13.76
CA SER D 53 36.62 -37.07 13.32
C SER D 53 37.16 -36.37 12.08
N ASN D 54 38.47 -36.23 12.01
CA ASN D 54 39.15 -35.61 10.87
C ASN D 54 39.41 -36.57 9.72
N LYS D 55 39.14 -37.86 9.89
CA LYS D 55 39.41 -38.87 8.87
C LYS D 55 38.20 -39.23 8.02
N LYS D 56 37.03 -39.33 8.63
CA LYS D 56 35.85 -39.82 7.90
C LYS D 56 35.38 -38.79 6.87
N PRO D 57 35.07 -39.23 5.66
CA PRO D 57 34.54 -38.29 4.65
C PRO D 57 33.25 -37.62 5.08
N ILE D 58 32.99 -36.47 4.49
CA ILE D 58 31.73 -35.74 4.60
C ILE D 58 31.07 -35.72 3.23
N HIS D 59 29.74 -35.86 3.21
CA HIS D 59 28.96 -35.76 1.99
C HIS D 59 28.18 -34.45 1.98
N MET D 60 28.39 -33.66 0.93
CA MET D 60 27.67 -32.39 0.73
C MET D 60 26.70 -32.56 -0.44
N TYR D 61 25.41 -32.48 -0.16
CA TYR D 61 24.37 -32.55 -1.17
C TYR D 61 23.97 -31.12 -1.55
N ILE D 62 24.10 -30.79 -2.82
CA ILE D 62 23.94 -29.42 -3.32
C ILE D 62 22.72 -29.36 -4.23
N ASN D 63 21.74 -28.54 -3.86
CA ASN D 63 20.63 -28.16 -4.75
C ASN D 63 20.42 -26.65 -4.57
N SER D 64 21.10 -25.85 -5.39
CA SER D 64 21.12 -24.42 -5.17
C SER D 64 21.04 -23.61 -6.46
N PRO D 65 20.23 -22.54 -6.46
CA PRO D 65 20.27 -21.58 -7.57
C PRO D 65 21.44 -20.61 -7.53
N GLY D 66 22.24 -20.58 -6.47
CA GLY D 66 23.30 -19.60 -6.30
C GLY D 66 23.19 -18.75 -5.03
N GLY D 67 23.83 -17.60 -5.00
CA GLY D 67 23.80 -16.80 -3.79
C GLY D 67 24.93 -15.77 -3.73
N VAL D 68 25.13 -15.26 -2.52
CA VAL D 68 26.12 -14.23 -2.22
C VAL D 68 27.53 -14.77 -2.35
N VAL D 69 28.40 -14.00 -3.02
CA VAL D 69 29.78 -14.43 -3.28
C VAL D 69 30.56 -14.67 -2.00
N THR D 70 30.56 -13.71 -1.06
CA THR D 70 31.35 -13.89 0.16
C THR D 70 30.82 -15.02 1.04
N ALA D 71 29.51 -15.22 1.08
CA ALA D 71 28.95 -16.36 1.80
C ALA D 71 29.40 -17.68 1.17
N GLY D 72 29.35 -17.75 -0.16
CA GLY D 72 29.86 -18.91 -0.86
C GLY D 72 31.36 -19.14 -0.69
N LEU D 73 32.15 -18.07 -0.80
CA LEU D 73 33.59 -18.19 -0.56
C LEU D 73 33.90 -18.61 0.87
N ALA D 74 33.08 -18.20 1.83
CA ALA D 74 33.22 -18.69 3.21
C ALA D 74 33.12 -20.21 3.25
N ILE D 75 32.05 -20.77 2.69
CA ILE D 75 31.89 -22.22 2.62
C ILE D 75 33.05 -22.87 1.89
N TYR D 76 33.41 -22.33 0.72
CA TYR D 76 34.50 -22.87 -0.07
C TYR D 76 35.82 -22.95 0.70
N ASP D 77 36.19 -21.87 1.40
CA ASP D 77 37.39 -21.89 2.24
C ASP D 77 37.32 -22.92 3.37
N THR D 78 36.17 -23.03 4.03
CA THR D 78 35.97 -24.06 5.03
C THR D 78 36.17 -25.46 4.45
N MET D 79 35.62 -25.72 3.27
CA MET D 79 35.81 -27.02 2.62
C MET D 79 37.29 -27.33 2.38
N GLN D 80 38.05 -26.34 1.91
CA GLN D 80 39.49 -26.53 1.71
C GLN D 80 40.23 -26.69 3.03
N TYR D 81 39.84 -25.95 4.07
CA TYR D 81 40.61 -25.91 5.30
C TYR D 81 40.51 -27.20 6.11
N ILE D 82 39.31 -27.77 6.27
CA ILE D 82 39.17 -29.01 7.03
C ILE D 82 39.90 -30.16 6.34
N LEU D 83 40.40 -31.09 7.16
CA LEU D 83 41.20 -32.20 6.68
C LEU D 83 40.38 -33.29 5.99
N ASN D 84 39.10 -33.40 6.33
CA ASN D 84 38.26 -34.47 5.78
C ASN D 84 38.16 -34.37 4.26
N PRO D 85 38.18 -35.50 3.56
CA PRO D 85 37.69 -35.52 2.18
C PRO D 85 36.21 -35.19 2.14
N ILE D 86 35.80 -34.44 1.12
CA ILE D 86 34.41 -34.04 0.94
C ILE D 86 33.90 -34.53 -0.40
N CYS D 87 32.88 -35.38 -0.36
CA CYS D 87 32.13 -35.78 -1.55
C CYS D 87 31.00 -34.78 -1.79
N THR D 88 30.93 -34.26 -3.01
CA THR D 88 29.87 -33.36 -3.42
C THR D 88 28.89 -34.05 -4.35
N TRP D 89 27.61 -33.79 -4.15
CA TRP D 89 26.52 -34.38 -4.92
C TRP D 89 25.64 -33.26 -5.49
N CYS D 90 25.57 -33.17 -6.82
CA CYS D 90 24.60 -32.30 -7.49
C CYS D 90 23.27 -33.04 -7.59
N VAL D 91 22.26 -32.52 -6.91
CA VAL D 91 20.89 -33.01 -7.01
C VAL D 91 20.03 -31.85 -7.51
N GLY D 92 19.38 -32.06 -8.65
CA GLY D 92 18.50 -31.05 -9.22
C GLY D 92 19.19 -29.93 -9.99
N GLN D 93 19.86 -29.00 -9.31
CA GLN D 93 20.63 -28.00 -10.01
C GLN D 93 21.83 -27.54 -9.17
N ALA D 94 22.86 -27.06 -9.87
CA ALA D 94 23.94 -26.30 -9.26
C ALA D 94 24.27 -25.12 -10.18
N ALA D 95 23.85 -23.92 -9.77
CA ALA D 95 24.02 -22.68 -10.51
C ALA D 95 24.80 -21.69 -9.66
N SER D 96 25.60 -20.85 -10.33
CA SER D 96 26.48 -19.88 -9.67
C SER D 96 27.35 -20.54 -8.62
N MET D 97 27.20 -20.07 -7.38
CA MET D 97 27.97 -20.57 -6.24
C MET D 97 27.79 -22.07 -6.05
N GLY D 98 26.59 -22.59 -6.31
CA GLY D 98 26.35 -24.01 -6.22
C GLY D 98 27.21 -24.85 -7.16
N SER D 99 27.42 -24.36 -8.39
CA SER D 99 28.34 -25.05 -9.29
C SER D 99 29.79 -24.92 -8.84
N LEU D 100 30.16 -23.79 -8.25
CA LEU D 100 31.51 -23.63 -7.72
C LEU D 100 31.78 -24.57 -6.54
N LEU D 101 30.85 -24.63 -5.59
CA LEU D 101 30.98 -25.56 -4.46
C LEU D 101 31.02 -27.02 -4.91
N LEU D 102 30.20 -27.38 -5.89
CA LEU D 102 30.27 -28.71 -6.50
C LEU D 102 31.66 -29.02 -7.05
N ALA D 103 32.25 -28.08 -7.80
CA ALA D 103 33.59 -28.27 -8.34
C ALA D 103 34.67 -28.33 -7.25
N ALA D 104 34.43 -27.74 -6.08
CA ALA D 104 35.40 -27.71 -5.00
C ALA D 104 35.50 -29.00 -4.20
N GLY D 105 34.69 -30.01 -4.51
CA GLY D 105 34.82 -31.28 -3.83
C GLY D 105 36.14 -31.99 -4.12
N THR D 106 36.50 -32.89 -3.20
CA THR D 106 37.72 -33.68 -3.31
C THR D 106 37.79 -34.35 -4.69
N PRO D 107 38.92 -34.25 -5.39
CA PRO D 107 39.05 -34.88 -6.71
C PRO D 107 38.71 -36.37 -6.68
N GLY D 108 37.98 -36.80 -7.71
CA GLY D 108 37.39 -38.12 -7.81
C GLY D 108 36.14 -38.35 -6.98
N MET D 109 35.66 -37.34 -6.26
CA MET D 109 34.55 -37.47 -5.32
C MET D 109 33.42 -36.50 -5.64
N ARG D 110 33.35 -35.99 -6.86
CA ARG D 110 32.36 -35.00 -7.25
C ARG D 110 31.35 -35.67 -8.18
N HIS D 111 30.08 -35.68 -7.77
CA HIS D 111 29.04 -36.51 -8.35
C HIS D 111 27.88 -35.67 -8.86
N SER D 112 27.24 -36.14 -9.92
CA SER D 112 25.92 -35.68 -10.31
C SER D 112 24.99 -36.86 -10.55
N LEU D 113 23.72 -36.68 -10.21
CA LEU D 113 22.63 -37.49 -10.76
C LEU D 113 22.40 -37.21 -12.25
N PRO D 114 21.72 -38.14 -12.94
CA PRO D 114 21.59 -38.04 -14.41
C PRO D 114 20.91 -36.79 -14.95
N ASN D 115 19.91 -36.24 -14.26
CA ASN D 115 19.09 -35.17 -14.81
C ASN D 115 19.34 -33.80 -14.18
N SER D 116 20.39 -33.65 -13.38
CA SER D 116 20.74 -32.34 -12.83
C SER D 116 21.21 -31.38 -13.93
N ARG D 117 20.96 -30.09 -13.72
CA ARG D 117 21.50 -29.02 -14.55
C ARG D 117 22.59 -28.26 -13.82
N ILE D 118 23.74 -28.04 -14.48
CA ILE D 118 24.79 -27.15 -14.00
C ILE D 118 24.75 -25.85 -14.81
N MET D 119 24.88 -24.70 -14.13
CA MET D 119 25.07 -23.42 -14.82
C MET D 119 26.22 -22.64 -14.20
N ILE D 120 27.09 -22.10 -15.04
CA ILE D 120 28.19 -21.21 -14.64
C ILE D 120 28.00 -19.84 -15.28
N HIS D 121 28.35 -18.79 -14.56
CA HIS D 121 28.39 -17.44 -15.13
C HIS D 121 29.25 -16.53 -14.24
N GLN D 122 29.62 -15.37 -14.81
CA GLN D 122 30.29 -14.31 -14.08
C GLN D 122 29.41 -13.70 -12.98
N PRO D 123 30.03 -13.07 -11.98
CA PRO D 123 29.26 -12.36 -10.94
C PRO D 123 28.56 -11.11 -11.44
N SER D 124 27.51 -10.75 -10.70
CA SER D 124 26.70 -9.56 -10.94
C SER D 124 26.55 -8.77 -9.63
N GLY D 125 26.30 -7.47 -9.76
CA GLY D 125 26.11 -6.63 -8.60
C GLY D 125 25.58 -5.24 -8.90
N GLY D 126 25.91 -4.28 -8.04
CA GLY D 126 25.53 -2.89 -8.26
C GLY D 126 26.55 -1.94 -7.65
N ALA D 127 26.43 -0.68 -8.03
CA ALA D 127 27.24 0.39 -7.46
C ALA D 127 26.42 1.68 -7.38
N ARG D 128 26.73 2.50 -6.38
CA ARG D 128 26.03 3.76 -6.16
C ARG D 128 26.99 4.79 -5.55
N GLY D 129 26.60 6.04 -5.65
CA GLY D 129 27.28 7.15 -5.00
C GLY D 129 27.98 8.09 -5.96
N GLN D 130 28.97 8.79 -5.43
CA GLN D 130 29.82 9.65 -6.23
C GLN D 130 30.66 8.81 -7.19
N ALA D 131 31.17 9.48 -8.24
CA ALA D 131 32.02 8.82 -9.22
C ALA D 131 33.21 8.12 -8.59
N THR D 132 33.80 8.70 -7.54
CA THR D 132 34.89 8.04 -6.82
C THR D 132 34.44 6.78 -6.10
N ASP D 133 33.27 6.81 -5.46
CA ASP D 133 32.71 5.63 -4.82
C ASP D 133 32.39 4.54 -5.84
N ILE D 134 31.86 4.92 -6.99
CA ILE D 134 31.56 3.96 -8.05
C ILE D 134 32.84 3.33 -8.61
N ALA D 135 33.88 4.12 -8.82
CA ALA D 135 35.15 3.57 -9.30
C ALA D 135 35.73 2.53 -8.34
N ILE D 136 35.63 2.78 -7.03
CA ILE D 136 36.05 1.80 -6.03
C ILE D 136 35.22 0.52 -6.09
N GLN D 137 33.89 0.66 -6.13
CA GLN D 137 33.04 -0.53 -6.16
C GLN D 137 33.20 -1.35 -7.44
N ALA D 138 33.34 -0.70 -8.59
CA ALA D 138 33.64 -1.43 -9.82
C ALA D 138 34.98 -2.16 -9.78
N GLU D 139 36.01 -1.51 -9.22
CA GLU D 139 37.29 -2.17 -9.01
C GLU D 139 37.14 -3.42 -8.13
N GLU D 140 36.28 -3.35 -7.11
CA GLU D 140 36.08 -4.49 -6.22
C GLU D 140 35.38 -5.66 -6.91
N ILE D 141 34.30 -5.42 -7.66
CA ILE D 141 33.67 -6.54 -8.35
C ILE D 141 34.56 -7.13 -9.46
N MET D 142 35.42 -6.31 -10.08
CA MET D 142 36.38 -6.85 -11.03
C MET D 142 37.38 -7.79 -10.35
N LYS D 143 37.92 -7.38 -9.20
CA LYS D 143 38.80 -8.26 -8.43
C LYS D 143 38.11 -9.56 -8.06
N LEU D 144 36.87 -9.50 -7.57
CA LEU D 144 36.14 -10.71 -7.24
C LEU D 144 35.96 -11.61 -8.46
N LYS D 145 35.68 -11.04 -9.62
CA LYS D 145 35.56 -11.83 -10.84
C LYS D 145 36.84 -12.60 -11.13
N LYS D 146 38.00 -11.93 -11.11
CA LYS D 146 39.28 -12.59 -11.32
C LYS D 146 39.54 -13.68 -10.28
N GLN D 147 39.27 -13.38 -9.01
CA GLN D 147 39.36 -14.36 -7.94
C GLN D 147 38.59 -15.63 -8.27
N LEU D 148 37.29 -15.49 -8.57
CA LEU D 148 36.45 -16.64 -8.86
C LEU D 148 36.94 -17.44 -10.08
N TYR D 149 37.36 -16.74 -11.14
CA TYR D 149 37.89 -17.42 -12.31
C TYR D 149 39.15 -18.24 -12.01
N ASN D 150 40.01 -17.75 -11.10
CA ASN D 150 41.15 -18.55 -10.64
C ASN D 150 40.71 -19.81 -9.94
N ILE D 151 39.72 -19.71 -9.05
CA ILE D 151 39.17 -20.88 -8.36
C ILE D 151 38.66 -21.91 -9.37
N TYR D 152 37.83 -21.50 -10.33
CA TYR D 152 37.31 -22.44 -11.32
C TYR D 152 38.41 -23.07 -12.16
N ALA D 153 39.41 -22.28 -12.55
CA ALA D 153 40.55 -22.82 -13.29
C ALA D 153 41.31 -23.88 -12.49
N LYS D 154 41.55 -23.61 -11.21
CA LYS D 154 42.22 -24.58 -10.33
C LYS D 154 41.52 -25.94 -10.29
N HIS D 155 40.21 -25.95 -10.03
CA HIS D 155 39.51 -27.21 -9.77
C HIS D 155 39.06 -27.92 -11.04
N THR D 156 38.81 -27.20 -12.13
CA THR D 156 38.41 -27.82 -13.39
C THR D 156 39.59 -28.12 -14.31
N LYS D 157 40.76 -27.53 -14.06
CA LYS D 157 41.98 -27.62 -14.85
C LYS D 157 41.88 -26.93 -16.20
N GLN D 158 40.80 -26.22 -16.48
CA GLN D 158 40.74 -25.39 -17.67
C GLN D 158 41.64 -24.18 -17.52
N SER D 159 42.13 -23.68 -18.64
CA SER D 159 42.88 -22.44 -18.65
C SER D 159 41.97 -21.25 -18.35
N LEU D 160 42.58 -20.15 -17.92
CA LEU D 160 41.84 -18.91 -17.66
C LEU D 160 41.07 -18.45 -18.89
N GLN D 161 41.70 -18.53 -20.07
CA GLN D 161 41.04 -18.11 -21.30
C GLN D 161 39.73 -18.86 -21.52
N VAL D 162 39.76 -20.19 -21.38
CA VAL D 162 38.55 -21.01 -21.48
C VAL D 162 37.50 -20.56 -20.47
N ILE D 163 37.90 -20.41 -19.20
CA ILE D 163 37.00 -19.95 -18.15
C ILE D 163 36.33 -18.63 -18.53
N GLU D 164 37.12 -17.63 -18.91
CA GLU D 164 36.59 -16.31 -19.28
C GLU D 164 35.58 -16.41 -20.42
N SER D 165 35.93 -17.15 -21.48
CA SER D 165 35.01 -17.36 -22.60
C SER D 165 33.71 -18.02 -22.16
N ALA D 166 33.78 -19.06 -21.32
CA ALA D 166 32.61 -19.81 -20.92
C ALA D 166 31.66 -19.02 -20.02
N MET D 167 32.20 -18.17 -19.15
CA MET D 167 31.40 -17.50 -18.11
C MET D 167 30.93 -16.09 -18.48
N GLU D 168 31.28 -15.59 -19.66
CA GLU D 168 30.81 -14.27 -20.08
C GLU D 168 29.28 -14.19 -20.02
N ARG D 169 28.60 -15.22 -20.52
CA ARG D 169 27.15 -15.35 -20.44
C ARG D 169 26.80 -16.61 -19.67
N ASP D 170 25.52 -16.70 -19.25
CA ASP D 170 24.99 -17.93 -18.68
C ASP D 170 25.24 -19.14 -19.57
N ARG D 171 25.84 -20.18 -18.98
CA ARG D 171 26.25 -21.39 -19.69
C ARG D 171 25.68 -22.62 -18.96
N TYR D 172 24.59 -23.17 -19.47
CA TYR D 172 24.00 -24.36 -18.87
C TYR D 172 24.68 -25.62 -19.40
N MET D 173 24.84 -26.60 -18.51
CA MET D 173 25.51 -27.86 -18.80
C MET D 173 24.68 -29.05 -18.34
N SER D 174 24.68 -30.10 -19.15
CA SER D 174 24.28 -31.41 -18.66
C SER D 174 25.40 -31.98 -17.77
N PRO D 175 25.08 -32.96 -16.93
CA PRO D 175 26.14 -33.63 -16.16
C PRO D 175 27.30 -34.18 -16.99
N MET D 176 27.04 -34.81 -18.14
CA MET D 176 28.13 -35.26 -18.99
C MET D 176 28.99 -34.10 -19.50
N GLU D 177 28.36 -33.02 -19.97
CA GLU D 177 29.09 -31.81 -20.32
C GLU D 177 29.92 -31.28 -19.14
N ALA D 178 29.31 -31.20 -17.96
CA ALA D 178 30.04 -30.77 -16.76
C ALA D 178 31.25 -31.67 -16.49
N GLN D 179 31.07 -32.99 -16.59
CA GLN D 179 32.20 -33.91 -16.43
C GLN D 179 33.30 -33.60 -17.46
N GLU D 180 32.92 -33.44 -18.72
CA GLU D 180 33.89 -33.05 -19.75
C GLU D 180 34.59 -31.75 -19.39
N PHE D 181 33.84 -30.78 -18.87
CA PHE D 181 34.41 -29.49 -18.48
C PHE D 181 35.38 -29.63 -17.31
N GLY D 182 35.20 -30.64 -16.46
CA GLY D 182 35.96 -30.79 -15.24
C GLY D 182 35.30 -30.29 -13.97
N ILE D 183 34.02 -29.98 -14.01
CA ILE D 183 33.33 -29.56 -12.79
C ILE D 183 33.08 -30.76 -11.87
N LEU D 184 32.86 -31.95 -12.45
CA LEU D 184 32.58 -33.15 -11.68
C LEU D 184 33.23 -34.37 -12.32
N ASP D 185 33.29 -35.45 -11.55
CA ASP D 185 33.95 -36.70 -11.92
C ASP D 185 33.00 -37.80 -12.38
N LYS D 186 31.93 -38.05 -11.64
CA LYS D 186 31.03 -39.18 -11.91
C LYS D 186 29.59 -38.72 -12.06
N VAL D 187 28.94 -39.24 -13.10
CA VAL D 187 27.49 -39.20 -13.29
C VAL D 187 26.94 -40.59 -13.01
N LEU D 188 26.28 -40.75 -11.86
CA LEU D 188 25.83 -42.05 -11.39
C LEU D 188 24.33 -42.17 -11.51
N VAL D 189 23.87 -43.30 -12.08
CA VAL D 189 22.46 -43.65 -12.14
C VAL D 189 22.06 -44.39 -10.87
N HIS D 190 22.75 -45.51 -10.60
CA HIS D 190 22.52 -46.34 -9.42
C HIS D 190 23.82 -46.49 -8.64
N PRO D 191 23.75 -46.75 -7.33
CA PRO D 191 24.98 -46.94 -6.55
C PRO D 191 25.67 -48.26 -6.86
N ILE E 2 17.77 -24.73 11.81
CA ILE E 2 18.93 -24.95 12.72
C ILE E 2 18.91 -26.40 13.23
N PRO E 3 19.94 -27.21 12.93
CA PRO E 3 19.99 -28.63 13.29
C PRO E 3 20.38 -28.89 14.75
N ILE E 4 20.08 -30.10 15.25
CA ILE E 4 20.32 -30.56 16.63
C ILE E 4 21.30 -31.75 16.66
N VAL E 5 22.29 -31.67 17.54
CA VAL E 5 23.30 -32.71 17.82
C VAL E 5 22.86 -33.58 19.01
N ALA E 15 23.39 -27.06 24.56
CA ALA E 15 24.39 -27.88 23.88
C ALA E 15 23.80 -28.76 22.77
N TYR E 16 22.49 -28.72 22.57
CA TYR E 16 21.76 -29.52 21.57
C TYR E 16 21.82 -28.91 20.18
N ASP E 17 21.28 -27.71 19.95
CA ASP E 17 21.38 -27.06 18.63
C ASP E 17 22.84 -26.71 18.26
N ILE E 18 23.14 -26.60 16.95
CA ILE E 18 24.53 -26.56 16.47
C ILE E 18 25.37 -25.40 17.04
N TYR E 19 24.82 -24.20 17.22
CA TYR E 19 25.57 -23.10 17.82
C TYR E 19 25.86 -23.35 19.31
N SER E 20 24.92 -23.90 20.07
CA SER E 20 25.16 -24.29 21.45
C SER E 20 26.22 -25.37 21.55
N ARG E 21 26.20 -26.33 20.62
CA ARG E 21 27.21 -27.39 20.53
C ARG E 21 28.61 -26.81 20.28
N LEU E 22 28.72 -25.75 19.48
CA LEU E 22 29.98 -25.04 19.28
C LEU E 22 30.39 -24.25 20.52
N LEU E 23 29.41 -23.67 21.22
CA LEU E 23 29.70 -22.96 22.46
C LEU E 23 30.50 -23.81 23.43
N ARG E 24 30.17 -25.11 23.54
CA ARG E 24 30.96 -26.00 24.38
C ARG E 24 32.42 -26.08 23.94
N GLU E 25 32.70 -25.78 22.68
CA GLU E 25 34.07 -25.67 22.17
C GLU E 25 34.69 -24.30 22.43
N ARG E 26 33.98 -23.41 23.13
CA ARG E 26 34.40 -22.02 23.32
C ARG E 26 34.50 -21.27 21.98
N ILE E 27 33.57 -21.54 21.07
CA ILE E 27 33.48 -20.88 19.78
C ILE E 27 32.27 -19.95 19.81
N VAL E 28 32.49 -18.67 19.56
CA VAL E 28 31.44 -17.67 19.43
C VAL E 28 31.36 -17.24 17.96
N CYS E 29 30.15 -17.24 17.41
CA CYS E 29 29.91 -16.84 16.04
C CYS E 29 29.36 -15.43 15.99
N VAL E 30 30.08 -14.53 15.31
CA VAL E 30 29.61 -13.18 15.03
C VAL E 30 29.25 -13.06 13.55
N MET E 31 27.98 -13.25 13.22
CA MET E 31 27.52 -13.46 11.86
C MET E 31 26.47 -12.41 11.48
N GLY E 32 26.62 -11.85 10.28
CA GLY E 32 25.71 -10.84 9.77
C GLY E 32 25.84 -9.48 10.43
N PRO E 33 24.84 -8.62 10.19
CA PRO E 33 24.89 -7.26 10.75
C PRO E 33 24.97 -7.25 12.26
N ILE E 34 25.80 -6.35 12.79
CA ILE E 34 25.98 -6.21 14.23
C ILE E 34 25.05 -5.12 14.75
N ASP E 35 24.05 -5.51 15.52
CA ASP E 35 23.13 -4.61 16.20
C ASP E 35 23.13 -4.91 17.70
N ASP E 36 22.29 -4.19 18.44
CA ASP E 36 22.21 -4.37 19.89
C ASP E 36 21.90 -5.81 20.29
N SER E 37 20.93 -6.43 19.63
CA SER E 37 20.58 -7.81 19.93
C SER E 37 21.77 -8.75 19.71
N VAL E 38 22.41 -8.65 18.54
CA VAL E 38 23.59 -9.45 18.26
C VAL E 38 24.68 -9.19 19.31
N ALA E 39 24.96 -7.92 19.58
CA ALA E 39 25.95 -7.55 20.59
C ALA E 39 25.61 -8.12 21.97
N SER E 40 24.35 -7.97 22.39
CA SER E 40 23.88 -8.57 23.63
C SER E 40 24.21 -10.06 23.72
N LEU E 41 23.85 -10.83 22.68
CA LEU E 41 24.16 -12.25 22.64
C LEU E 41 25.66 -12.52 22.78
N VAL E 42 26.48 -11.90 21.94
CA VAL E 42 27.93 -12.16 21.96
C VAL E 42 28.53 -11.84 23.33
N ILE E 43 28.15 -10.72 23.95
CA ILE E 43 28.65 -10.37 25.27
C ILE E 43 28.26 -11.42 26.30
N ALA E 44 26.99 -11.82 26.29
CA ALA E 44 26.52 -12.90 27.17
C ALA E 44 27.37 -14.15 27.04
N GLN E 45 27.64 -14.58 25.80
CA GLN E 45 28.47 -15.77 25.59
C GLN E 45 29.91 -15.57 26.07
N LEU E 46 30.49 -14.40 25.82
CA LEU E 46 31.83 -14.10 26.30
C LEU E 46 31.92 -14.10 27.82
N LEU E 47 30.92 -13.52 28.49
CA LEU E 47 30.91 -13.54 29.96
C LEU E 47 30.69 -14.94 30.51
N PHE E 48 29.78 -15.71 29.89
CA PHE E 48 29.64 -17.12 30.24
C PHE E 48 30.95 -17.89 30.08
N LEU E 49 31.59 -17.79 28.91
CA LEU E 49 32.84 -18.49 28.66
C LEU E 49 33.97 -18.06 29.58
N GLN E 50 34.00 -16.78 29.98
CA GLN E 50 34.96 -16.37 31.01
C GLN E 50 34.68 -17.02 32.35
N SER E 51 33.40 -17.07 32.75
CA SER E 51 33.06 -17.69 34.03
C SER E 51 33.34 -19.19 34.05
N GLU E 52 33.23 -19.86 32.90
CA GLU E 52 33.60 -21.26 32.85
C GLU E 52 35.10 -21.47 33.02
N SER E 53 35.93 -20.57 32.47
CA SER E 53 37.32 -20.44 32.91
C SER E 53 37.91 -19.19 32.30
N ASN E 54 38.74 -18.49 33.10
CA ASN E 54 39.42 -17.28 32.67
C ASN E 54 40.72 -17.55 31.92
N LYS E 55 41.17 -18.80 31.86
CA LYS E 55 42.44 -19.14 31.23
C LYS E 55 42.30 -19.64 29.80
N LYS E 56 41.29 -20.43 29.51
CA LYS E 56 41.18 -21.06 28.19
C LYS E 56 40.84 -20.01 27.13
N PRO E 57 41.51 -20.06 25.98
CA PRO E 57 41.18 -19.14 24.89
C PRO E 57 39.74 -19.28 24.41
N ILE E 58 39.25 -18.21 23.80
CA ILE E 58 37.97 -18.17 23.11
C ILE E 58 38.24 -17.94 21.62
N HIS E 59 37.47 -18.59 20.76
CA HIS E 59 37.56 -18.40 19.32
C HIS E 59 36.33 -17.62 18.85
N MET E 60 36.56 -16.49 18.19
CA MET E 60 35.51 -15.67 17.60
C MET E 60 35.59 -15.77 16.08
N TYR E 61 34.57 -16.35 15.48
CA TYR E 61 34.46 -16.46 14.02
C TYR E 61 33.60 -15.32 13.50
N ILE E 62 34.17 -14.51 12.61
CA ILE E 62 33.56 -13.26 12.15
C ILE E 62 33.22 -13.38 10.67
N ASN E 63 31.93 -13.25 10.36
CA ASN E 63 31.47 -13.05 8.98
C ASN E 63 30.40 -11.96 9.00
N SER E 64 30.82 -10.71 8.82
CA SER E 64 29.92 -9.59 9.03
C SER E 64 30.09 -8.48 8.01
N PRO E 65 28.99 -7.92 7.51
CA PRO E 65 29.05 -6.71 6.70
C PRO E 65 29.25 -5.42 7.50
N GLY E 66 29.19 -5.46 8.83
CA GLY E 66 29.25 -4.26 9.65
C GLY E 66 28.05 -4.07 10.57
N GLY E 67 27.80 -2.85 11.03
CA GLY E 67 26.71 -2.65 11.95
C GLY E 67 26.83 -1.35 12.73
N VAL E 68 26.05 -1.29 13.81
CA VAL E 68 25.95 -0.13 14.69
C VAL E 68 27.24 0.07 15.49
N VAL E 69 27.72 1.31 15.53
CA VAL E 69 28.99 1.63 16.22
C VAL E 69 28.96 1.28 17.70
N THR E 70 27.94 1.73 18.43
CA THR E 70 27.92 1.46 19.87
C THR E 70 27.74 -0.01 20.19
N ALA E 71 26.97 -0.74 19.38
CA ALA E 71 26.87 -2.19 19.56
C ALA E 71 28.23 -2.87 19.34
N GLY E 72 28.92 -2.46 18.28
CA GLY E 72 30.28 -2.96 18.04
C GLY E 72 31.27 -2.59 19.12
N LEU E 73 31.25 -1.33 19.57
CA LEU E 73 32.12 -0.92 20.66
C LEU E 73 31.81 -1.66 21.96
N ALA E 74 30.55 -2.01 22.19
CA ALA E 74 30.19 -2.86 23.32
C ALA E 74 30.94 -4.19 23.26
N ILE E 75 30.86 -4.89 22.14
CA ILE E 75 31.59 -6.14 21.95
C ILE E 75 33.09 -5.93 22.11
N TYR E 76 33.63 -4.90 21.46
CA TYR E 76 35.06 -4.59 21.53
C TYR E 76 35.55 -4.40 22.97
N ASP E 77 34.82 -3.60 23.77
CA ASP E 77 35.17 -3.43 25.18
C ASP E 77 35.11 -4.74 25.97
N THR E 78 34.08 -5.54 25.74
CA THR E 78 34.00 -6.86 26.37
C THR E 78 35.21 -7.72 26.03
N MET E 79 35.62 -7.73 24.76
CA MET E 79 36.80 -8.50 24.36
C MET E 79 38.05 -8.04 25.11
N GLN E 80 38.23 -6.73 25.26
CA GLN E 80 39.37 -6.21 26.01
C GLN E 80 39.26 -6.52 27.51
N TYR E 81 38.06 -6.46 28.06
CA TYR E 81 37.89 -6.56 29.51
C TYR E 81 38.11 -7.97 30.04
N ILE E 82 37.58 -8.99 29.37
CA ILE E 82 37.77 -10.37 29.86
C ILE E 82 39.24 -10.78 29.76
N LEU E 83 39.65 -11.63 30.70
CA LEU E 83 41.05 -12.05 30.82
C LEU E 83 41.46 -13.04 29.74
N ASN E 84 40.53 -13.79 29.18
CA ASN E 84 40.87 -14.83 28.20
C ASN E 84 41.55 -14.23 26.97
N PRO E 85 42.56 -14.90 26.42
CA PRO E 85 42.97 -14.61 25.04
C PRO E 85 41.85 -14.95 24.08
N ILE E 86 41.70 -14.12 23.05
CA ILE E 86 40.66 -14.29 22.04
C ILE E 86 41.32 -14.43 20.67
N CYS E 87 41.10 -15.57 20.03
CA CYS E 87 41.47 -15.78 18.63
C CYS E 87 40.31 -15.33 17.74
N THR E 88 40.61 -14.48 16.77
CA THR E 88 39.62 -14.02 15.80
C THR E 88 39.87 -14.66 14.43
N TRP E 89 38.79 -15.06 13.78
CA TRP E 89 38.81 -15.72 12.47
C TRP E 89 37.93 -14.95 11.50
N CYS E 90 38.52 -14.41 10.44
CA CYS E 90 37.77 -13.86 9.32
C CYS E 90 37.37 -14.97 8.37
N VAL E 91 36.07 -15.22 8.27
CA VAL E 91 35.50 -16.15 7.30
C VAL E 91 34.58 -15.37 6.38
N GLY E 92 34.86 -15.39 5.09
CA GLY E 92 34.04 -14.71 4.12
C GLY E 92 34.25 -13.22 3.98
N GLN E 93 33.82 -12.42 4.96
CA GLN E 93 34.13 -10.99 4.93
C GLN E 93 34.22 -10.43 6.34
N ALA E 94 34.98 -9.35 6.47
CA ALA E 94 34.94 -8.47 7.65
C ALA E 94 34.97 -7.03 7.17
N ALA E 95 33.82 -6.36 7.26
CA ALA E 95 33.63 -4.98 6.81
C ALA E 95 33.13 -4.14 7.97
N SER E 96 33.54 -2.86 8.00
CA SER E 96 33.22 -1.93 9.09
C SER E 96 33.61 -2.51 10.44
N MET E 97 32.60 -2.63 11.30
CA MET E 97 32.78 -3.15 12.65
C MET E 97 33.40 -4.53 12.66
N GLY E 98 33.04 -5.37 11.69
CA GLY E 98 33.64 -6.69 11.58
C GLY E 98 35.15 -6.68 11.38
N SER E 99 35.65 -5.74 10.58
CA SER E 99 37.10 -5.59 10.45
C SER E 99 37.73 -5.05 11.74
N LEU E 100 37.03 -4.17 12.45
CA LEU E 100 37.54 -3.66 13.72
C LEU E 100 37.62 -4.76 14.79
N LEU E 101 36.55 -5.56 14.93
CA LEU E 101 36.57 -6.68 15.86
C LEU E 101 37.64 -7.73 15.50
N LEU E 102 37.82 -8.01 14.21
CA LEU E 102 38.93 -8.86 13.77
C LEU E 102 40.28 -8.33 14.23
N ALA E 103 40.53 -7.03 14.05
CA ALA E 103 41.78 -6.43 14.49
C ALA E 103 41.95 -6.44 16.00
N ALA E 104 40.85 -6.46 16.76
CA ALA E 104 40.90 -6.43 18.22
C ALA E 104 41.27 -7.77 18.87
N GLY E 105 41.46 -8.83 18.10
CA GLY E 105 41.90 -10.08 18.69
C GLY E 105 43.29 -10.01 19.28
N THR E 106 43.54 -10.94 20.20
CA THR E 106 44.83 -11.05 20.88
C THR E 106 45.97 -11.08 19.86
N PRO E 107 47.02 -10.26 20.03
CA PRO E 107 48.14 -10.25 19.09
C PRO E 107 48.73 -11.64 18.87
N GLY E 108 49.04 -11.92 17.60
CA GLY E 108 49.44 -13.23 17.12
C GLY E 108 48.33 -14.25 16.96
N MET E 109 47.09 -13.87 17.23
CA MET E 109 45.94 -14.79 17.23
C MET E 109 44.83 -14.33 16.29
N ARG E 110 45.14 -13.49 15.31
CA ARG E 110 44.15 -12.94 14.39
C ARG E 110 44.36 -13.58 13.02
N HIS E 111 43.33 -14.26 12.53
CA HIS E 111 43.43 -15.18 11.40
C HIS E 111 42.47 -14.78 10.28
N SER E 112 42.89 -15.04 9.05
CA SER E 112 41.97 -15.07 7.92
C SER E 112 42.16 -16.35 7.13
N LEU E 113 41.05 -16.85 6.57
CA LEU E 113 41.08 -17.78 5.45
C LEU E 113 41.55 -17.10 4.15
N PRO E 114 41.99 -17.90 3.16
CA PRO E 114 42.63 -17.33 1.96
C PRO E 114 41.77 -16.37 1.13
N ASN E 115 40.46 -16.58 1.03
CA ASN E 115 39.62 -15.83 0.11
C ASN E 115 38.70 -14.83 0.78
N SER E 116 38.87 -14.55 2.06
CA SER E 116 38.07 -13.53 2.74
C SER E 116 38.43 -12.13 2.23
N ARG E 117 37.44 -11.23 2.24
CA ARG E 117 37.63 -9.81 1.96
C ARG E 117 37.54 -8.99 3.25
N ILE E 118 38.49 -8.09 3.47
CA ILE E 118 38.43 -7.09 4.53
C ILE E 118 38.11 -5.72 3.91
N MET E 119 37.21 -4.97 4.53
CA MET E 119 36.97 -3.58 4.16
C MET E 119 36.95 -2.68 5.39
N ILE E 120 37.66 -1.55 5.30
CA ILE E 120 37.67 -0.50 6.32
C ILE E 120 37.12 0.79 5.73
N HIS E 121 36.38 1.55 6.54
CA HIS E 121 35.95 2.90 6.15
C HIS E 121 35.55 3.69 7.40
N GLN E 122 35.44 5.02 7.21
CA GLN E 122 34.89 5.91 8.23
C GLN E 122 33.41 5.64 8.53
N PRO E 123 32.94 6.06 9.71
CA PRO E 123 31.51 5.95 10.03
C PRO E 123 30.62 6.87 9.22
N SER E 124 29.35 6.46 9.13
CA SER E 124 28.29 7.20 8.46
C SER E 124 27.08 7.32 9.38
N GLY E 125 26.27 8.34 9.14
CA GLY E 125 25.06 8.54 9.94
C GLY E 125 24.10 9.58 9.40
N GLY E 126 23.33 10.20 10.29
CA GLY E 126 22.43 11.28 9.90
C GLY E 126 22.24 12.26 11.04
N ALA E 127 21.67 13.42 10.69
CA ALA E 127 21.29 14.43 11.66
C ALA E 127 20.02 15.13 11.23
N ARG E 128 19.23 15.56 12.21
CA ARG E 128 17.97 16.25 11.96
C ARG E 128 17.70 17.27 13.07
N GLY E 129 16.80 18.19 12.76
CA GLY E 129 16.30 19.16 13.72
C GLY E 129 16.72 20.58 13.44
N GLN E 130 16.70 21.39 14.50
CA GLN E 130 17.19 22.75 14.44
C GLN E 130 18.69 22.76 14.22
N ALA E 131 19.20 23.90 13.76
CA ALA E 131 20.63 24.07 13.52
C ALA E 131 21.46 23.75 14.77
N THR E 132 20.97 24.10 15.96
CA THR E 132 21.67 23.75 17.19
C THR E 132 21.70 22.24 17.43
N ASP E 133 20.58 21.54 17.19
CA ASP E 133 20.55 20.09 17.30
C ASP E 133 21.48 19.42 16.29
N ILE E 134 21.53 19.94 15.07
CA ILE E 134 22.42 19.41 14.04
C ILE E 134 23.88 19.62 14.41
N ALA E 135 24.23 20.79 14.94
CA ALA E 135 25.61 21.04 15.38
C ALA E 135 26.06 20.07 16.46
N ILE E 136 25.17 19.74 17.41
CA ILE E 136 25.47 18.74 18.43
C ILE E 136 25.67 17.35 17.81
N GLN E 137 24.77 16.93 16.95
CA GLN E 137 24.88 15.59 16.35
C GLN E 137 26.11 15.44 15.45
N ALA E 138 26.45 16.48 14.68
CA ALA E 138 27.68 16.45 13.89
C ALA E 138 28.93 16.38 14.77
N GLU E 139 28.95 17.15 15.87
CA GLU E 139 30.03 17.05 16.84
C GLU E 139 30.17 15.64 17.40
N GLU E 140 29.05 14.96 17.63
CA GLU E 140 29.09 13.61 18.17
C GLU E 140 29.64 12.58 17.18
N ILE E 141 29.20 12.61 15.90
CA ILE E 141 29.78 11.67 14.95
C ILE E 141 31.26 11.97 14.66
N MET E 142 31.68 13.23 14.74
CA MET E 142 33.10 13.53 14.63
C MET E 142 33.91 12.91 15.76
N LYS E 143 33.43 13.05 17.00
CA LYS E 143 34.09 12.42 18.13
C LYS E 143 34.17 10.90 17.96
N LEU E 144 33.08 10.27 17.54
CA LEU E 144 33.11 8.83 17.31
C LEU E 144 34.12 8.45 16.24
N LYS E 145 34.23 9.23 15.17
CA LYS E 145 35.23 8.98 14.14
C LYS E 145 36.65 8.98 14.72
N LYS E 146 37.00 10.00 15.49
CA LYS E 146 38.32 10.06 16.13
C LYS E 146 38.55 8.89 17.07
N GLN E 147 37.54 8.56 17.89
CA GLN E 147 37.58 7.39 18.76
C GLN E 147 37.96 6.12 17.98
N LEU E 148 37.20 5.82 16.92
CA LEU E 148 37.45 4.62 16.13
C LEU E 148 38.84 4.61 15.49
N TYR E 149 39.29 5.75 14.96
CA TYR E 149 40.63 5.85 14.38
C TYR E 149 41.73 5.57 15.41
N ASN E 150 41.54 6.00 16.65
CA ASN E 150 42.48 5.66 17.73
C ASN E 150 42.53 4.15 17.96
N ILE E 151 41.37 3.50 18.03
CA ILE E 151 41.30 2.05 18.16
C ILE E 151 42.08 1.35 17.05
N TYR E 152 41.82 1.71 15.80
CA TYR E 152 42.51 1.06 14.68
C TYR E 152 44.01 1.31 14.73
N ALA E 153 44.43 2.52 15.07
CA ALA E 153 45.85 2.82 15.23
C ALA E 153 46.52 1.96 16.30
N LYS E 154 45.85 1.81 17.45
CA LYS E 154 46.36 0.97 18.54
C LYS E 154 46.64 -0.47 18.08
N HIS E 155 45.66 -1.12 17.46
CA HIS E 155 45.78 -2.56 17.18
C HIS E 155 46.55 -2.87 15.91
N THR E 156 46.54 -1.98 14.91
CA THR E 156 47.30 -2.19 13.68
C THR E 156 48.71 -1.62 13.73
N LYS E 157 48.99 -0.72 14.67
CA LYS E 157 50.26 0.00 14.84
C LYS E 157 50.52 1.03 13.76
N GLN E 158 49.56 1.27 12.87
CA GLN E 158 49.69 2.37 11.92
C GLN E 158 49.51 3.70 12.65
N SER E 159 50.15 4.73 12.11
CA SER E 159 49.94 6.08 12.60
C SER E 159 48.54 6.58 12.27
N LEU E 160 48.10 7.59 13.02
CA LEU E 160 46.80 8.21 12.77
C LEU E 160 46.69 8.72 11.34
N GLN E 161 47.75 9.35 10.83
CA GLN E 161 47.73 9.88 9.47
C GLN E 161 47.42 8.79 8.45
N VAL E 162 48.10 7.65 8.56
CA VAL E 162 47.83 6.51 7.69
C VAL E 162 46.38 6.06 7.80
N ILE E 163 45.89 5.90 9.03
CA ILE E 163 44.50 5.51 9.27
C ILE E 163 43.53 6.47 8.58
N GLU E 164 43.69 7.77 8.82
CA GLU E 164 42.80 8.78 8.22
C GLU E 164 42.80 8.70 6.70
N SER E 165 43.98 8.62 6.09
CA SER E 165 44.09 8.47 4.64
C SER E 165 43.39 7.22 4.13
N ALA E 166 43.58 6.08 4.80
CA ALA E 166 43.03 4.81 4.34
C ALA E 166 41.51 4.75 4.45
N MET E 167 40.92 5.36 5.48
CA MET E 167 39.50 5.20 5.77
C MET E 167 38.60 6.31 5.22
N GLU E 168 39.17 7.31 4.54
CA GLU E 168 38.34 8.36 3.95
C GLU E 168 37.29 7.77 3.02
N ARG E 169 37.68 6.81 2.19
CA ARG E 169 36.77 6.07 1.31
C ARG E 169 36.83 4.59 1.66
N ASP E 170 35.85 3.84 1.16
CA ASP E 170 35.88 2.37 1.24
C ASP E 170 37.19 1.80 0.69
N ARG E 171 37.84 0.98 1.51
CA ARG E 171 39.14 0.39 1.19
C ARG E 171 39.08 -1.12 1.38
N TYR E 172 38.94 -1.85 0.28
CA TYR E 172 38.92 -3.31 0.33
C TYR E 172 40.33 -3.88 0.34
N MET E 173 40.52 -4.95 1.11
CA MET E 173 41.81 -5.61 1.29
C MET E 173 41.68 -7.12 1.08
N SER E 174 42.69 -7.69 0.44
CA SER E 174 42.90 -9.13 0.54
C SER E 174 43.48 -9.46 1.92
N PRO E 175 43.38 -10.73 2.35
CA PRO E 175 44.04 -11.12 3.61
C PRO E 175 45.52 -10.78 3.70
N MET E 176 46.31 -10.99 2.63
CA MET E 176 47.71 -10.61 2.66
C MET E 176 47.88 -9.09 2.84
N GLU E 177 47.12 -8.29 2.10
CA GLU E 177 47.10 -6.84 2.33
C GLU E 177 46.73 -6.49 3.77
N ALA E 178 45.67 -7.11 4.29
CA ALA E 178 45.28 -6.89 5.69
C ALA E 178 46.41 -7.24 6.65
N GLN E 179 47.09 -8.37 6.44
CA GLN E 179 48.25 -8.72 7.26
C GLN E 179 49.32 -7.64 7.18
N GLU E 180 49.66 -7.19 5.97
CA GLU E 180 50.60 -6.09 5.80
C GLU E 180 50.14 -4.84 6.55
N PHE E 181 48.85 -4.54 6.50
CA PHE E 181 48.29 -3.38 7.18
C PHE E 181 48.40 -3.52 8.70
N GLY E 182 48.38 -4.74 9.21
CA GLY E 182 48.32 -5.00 10.63
C GLY E 182 46.96 -5.33 11.20
N ILE E 183 45.97 -5.59 10.36
CA ILE E 183 44.66 -5.98 10.87
C ILE E 183 44.69 -7.42 11.39
N LEU E 184 45.51 -8.28 10.78
CA LEU E 184 45.59 -9.68 11.17
C LEU E 184 47.03 -10.18 11.08
N ASP E 185 47.26 -11.34 11.67
CA ASP E 185 48.58 -11.97 11.80
C ASP E 185 48.81 -13.11 10.81
N LYS E 186 47.87 -14.04 10.69
CA LYS E 186 48.06 -15.25 9.89
C LYS E 186 46.95 -15.42 8.86
N VAL E 187 47.36 -15.74 7.63
CA VAL E 187 46.50 -16.24 6.56
C VAL E 187 46.77 -17.73 6.40
N LEU E 188 45.84 -18.56 6.85
CA LEU E 188 46.02 -20.00 6.91
C LEU E 188 45.18 -20.69 5.85
N VAL E 189 45.80 -21.61 5.11
CA VAL E 189 45.12 -22.47 4.14
C VAL E 189 44.61 -23.72 4.86
N HIS E 190 45.52 -24.46 5.48
CA HIS E 190 45.23 -25.67 6.23
C HIS E 190 45.74 -25.54 7.65
N PRO E 191 45.15 -26.28 8.61
CA PRO E 191 45.65 -26.21 10.00
C PRO E 191 47.00 -26.90 10.16
N ILE F 2 19.07 -17.47 19.94
CA ILE F 2 19.47 -17.51 21.38
C ILE F 2 19.99 -18.90 21.73
N PRO F 3 21.27 -19.05 22.14
CA PRO F 3 21.90 -20.35 22.41
C PRO F 3 21.54 -20.94 23.79
N ILE F 4 21.75 -22.25 23.95
CA ILE F 4 21.43 -23.04 25.15
C ILE F 4 22.71 -23.62 25.78
N VAL F 5 22.86 -23.47 27.09
CA VAL F 5 23.93 -24.02 27.93
C VAL F 5 23.51 -25.36 28.55
N ALA F 15 17.33 -21.77 33.29
CA ALA F 15 18.79 -21.79 33.40
C ALA F 15 19.49 -22.35 32.14
N TYR F 16 18.71 -22.79 31.14
CA TYR F 16 19.21 -23.39 29.91
C TYR F 16 19.63 -22.35 28.87
N ASP F 17 18.74 -21.49 28.37
CA ASP F 17 19.14 -20.43 27.44
C ASP F 17 20.08 -19.40 28.10
N ILE F 18 20.89 -18.70 27.30
CA ILE F 18 22.03 -17.90 27.81
C ILE F 18 21.63 -16.80 28.80
N TYR F 19 20.51 -16.09 28.62
CA TYR F 19 20.05 -15.09 29.59
C TYR F 19 19.61 -15.71 30.90
N SER F 20 18.91 -16.85 30.87
CA SER F 20 18.57 -17.59 32.09
C SER F 20 19.80 -18.08 32.83
N ARG F 21 20.80 -18.55 32.08
CA ARG F 21 22.09 -18.97 32.63
C ARG F 21 22.80 -17.81 33.33
N LEU F 22 22.71 -16.59 32.82
CA LEU F 22 23.23 -15.40 33.48
C LEU F 22 22.40 -15.02 34.70
N LEU F 23 21.08 -15.21 34.64
CA LEU F 23 20.22 -14.96 35.79
C LEU F 23 20.71 -15.69 37.03
N ARG F 24 21.15 -16.94 36.88
CA ARG F 24 21.73 -17.67 38.01
C ARG F 24 22.94 -16.96 38.60
N GLU F 25 23.62 -16.13 37.81
CA GLU F 25 24.71 -15.29 38.30
C GLU F 25 24.21 -13.99 38.93
N ARG F 26 22.89 -13.79 39.03
CA ARG F 26 22.29 -12.52 39.46
C ARG F 26 22.63 -11.38 38.53
N ILE F 27 22.67 -11.66 37.23
CA ILE F 27 22.92 -10.66 36.19
C ILE F 27 21.61 -10.41 35.46
N VAL F 28 21.16 -9.15 35.44
CA VAL F 28 20.00 -8.73 34.67
C VAL F 28 20.46 -7.86 33.51
N CYS F 29 19.98 -8.16 32.31
CA CYS F 29 20.32 -7.42 31.10
C CYS F 29 19.19 -6.46 30.74
N VAL F 30 19.52 -5.16 30.71
CA VAL F 30 18.62 -4.12 30.21
C VAL F 30 19.10 -3.64 28.85
N MET F 31 18.55 -4.21 27.78
CA MET F 31 19.08 -4.06 26.43
C MET F 31 18.02 -3.49 25.49
N GLY F 32 18.43 -2.51 24.68
CA GLY F 32 17.54 -1.88 23.73
C GLY F 32 16.52 -0.93 24.34
N PRO F 33 15.53 -0.55 23.55
CA PRO F 33 14.51 0.40 24.02
C PRO F 33 13.77 -0.12 25.25
N ILE F 34 13.53 0.78 26.19
CA ILE F 34 12.82 0.44 27.42
C ILE F 34 11.34 0.78 27.24
N ASP F 35 10.50 -0.26 27.20
CA ASP F 35 9.05 -0.13 27.14
C ASP F 35 8.44 -0.94 28.29
N ASP F 36 7.11 -0.98 28.34
CA ASP F 36 6.40 -1.68 29.41
C ASP F 36 6.79 -3.16 29.48
N SER F 37 6.85 -3.83 28.32
CA SER F 37 7.23 -5.24 28.31
C SER F 37 8.64 -5.44 28.89
N VAL F 38 9.60 -4.66 28.41
CA VAL F 38 10.97 -4.73 28.93
C VAL F 38 10.98 -4.45 30.43
N ALA F 39 10.31 -3.38 30.85
CA ALA F 39 10.21 -3.03 32.26
C ALA F 39 9.60 -4.15 33.09
N SER F 40 8.48 -4.70 32.62
CA SER F 40 7.85 -5.85 33.25
C SER F 40 8.85 -6.99 33.50
N LEU F 41 9.58 -7.39 32.46
CA LEU F 41 10.60 -8.43 32.59
C LEU F 41 11.64 -8.09 33.66
N VAL F 42 12.27 -6.91 33.56
CA VAL F 42 13.33 -6.54 34.49
C VAL F 42 12.84 -6.53 35.93
N ILE F 43 11.65 -5.98 36.19
CA ILE F 43 11.08 -5.97 37.54
C ILE F 43 10.87 -7.38 38.05
N ALA F 44 10.27 -8.25 37.22
CA ALA F 44 10.11 -9.66 37.58
C ALA F 44 11.43 -10.30 38.00
N GLN F 45 12.49 -10.09 37.21
CA GLN F 45 13.80 -10.64 37.55
C GLN F 45 14.36 -10.06 38.84
N LEU F 46 14.22 -8.75 39.05
CA LEU F 46 14.68 -8.12 40.28
C LEU F 46 13.93 -8.65 41.51
N LEU F 47 12.62 -8.83 41.40
CA LEU F 47 11.86 -9.39 42.52
C LEU F 47 12.20 -10.85 42.77
N PHE F 48 12.36 -11.64 41.70
CA PHE F 48 12.88 -13.00 41.85
C PHE F 48 14.23 -13.04 42.54
N LEU F 49 15.19 -12.24 42.05
CA LEU F 49 16.52 -12.23 42.65
C LEU F 49 16.54 -11.73 44.09
N GLN F 50 15.64 -10.80 44.44
CA GLN F 50 15.49 -10.44 45.85
C GLN F 50 14.97 -11.60 46.69
N SER F 51 13.97 -12.31 46.19
CA SER F 51 13.41 -13.44 46.94
C SER F 51 14.42 -14.57 47.10
N GLU F 52 15.32 -14.76 46.14
CA GLU F 52 16.38 -15.75 46.30
C GLU F 52 17.37 -15.35 47.39
N SER F 53 17.69 -14.07 47.51
CA SER F 53 18.28 -13.53 48.73
C SER F 53 18.29 -12.02 48.69
N ASN F 54 18.01 -11.40 49.83
CA ASN F 54 18.00 -9.95 49.96
C ASN F 54 19.39 -9.35 50.22
N LYS F 55 20.41 -10.17 50.44
CA LYS F 55 21.75 -9.70 50.75
C LYS F 55 22.69 -9.64 49.55
N LYS F 56 22.63 -10.63 48.66
CA LYS F 56 23.58 -10.70 47.57
C LYS F 56 23.35 -9.58 46.56
N PRO F 57 24.41 -8.92 46.10
CA PRO F 57 24.25 -7.89 45.07
C PRO F 57 23.65 -8.43 43.78
N ILE F 58 23.06 -7.52 43.02
CA ILE F 58 22.57 -7.77 41.67
C ILE F 58 23.39 -6.91 40.71
N HIS F 59 23.71 -7.46 39.55
CA HIS F 59 24.41 -6.72 38.49
C HIS F 59 23.43 -6.42 37.36
N MET F 60 23.30 -5.14 37.03
CA MET F 60 22.47 -4.68 35.91
C MET F 60 23.38 -4.19 34.79
N TYR F 61 23.35 -4.86 33.66
CA TYR F 61 24.10 -4.47 32.48
C TYR F 61 23.18 -3.68 31.55
N ILE F 62 23.56 -2.44 31.24
CA ILE F 62 22.71 -1.50 30.53
C ILE F 62 23.33 -1.19 29.17
N ASN F 63 22.61 -1.50 28.10
CA ASN F 63 22.92 -1.02 26.75
C ASN F 63 21.60 -0.56 26.11
N SER F 64 21.28 0.71 26.26
CA SER F 64 19.96 1.18 25.88
C SER F 64 19.99 2.56 25.23
N PRO F 65 19.23 2.74 24.14
CA PRO F 65 19.02 4.09 23.58
C PRO F 65 18.01 4.94 24.36
N GLY F 66 17.30 4.39 25.34
CA GLY F 66 16.24 5.10 26.03
C GLY F 66 14.88 4.42 25.97
N GLY F 67 13.80 5.17 26.20
CA GLY F 67 12.49 4.54 26.21
C GLY F 67 11.44 5.40 26.91
N VAL F 68 10.34 4.71 27.24
CA VAL F 68 9.18 5.32 27.88
C VAL F 68 9.48 5.72 29.31
N VAL F 69 9.09 6.93 29.69
CA VAL F 69 9.37 7.48 31.02
C VAL F 69 8.76 6.63 32.14
N THR F 70 7.46 6.30 32.06
CA THR F 70 6.85 5.55 33.15
C THR F 70 7.39 4.13 33.25
N ALA F 71 7.73 3.50 32.13
CA ALA F 71 8.38 2.19 32.15
C ALA F 71 9.74 2.28 32.84
N GLY F 72 10.52 3.30 32.49
CA GLY F 72 11.79 3.53 33.16
C GLY F 72 11.67 3.86 34.64
N LEU F 73 10.72 4.73 34.98
CA LEU F 73 10.48 5.03 36.40
C LEU F 73 10.01 3.81 37.18
N ALA F 74 9.27 2.90 36.53
CA ALA F 74 8.93 1.63 37.16
C ALA F 74 10.18 0.86 37.58
N ILE F 75 11.10 0.66 36.64
CA ILE F 75 12.37 -0.01 36.94
C ILE F 75 13.13 0.74 38.04
N TYR F 76 13.25 2.05 37.89
CA TYR F 76 13.97 2.88 38.87
C TYR F 76 13.42 2.72 40.29
N ASP F 77 12.09 2.78 40.46
CA ASP F 77 11.48 2.55 41.77
C ASP F 77 11.76 1.15 42.31
N THR F 78 11.65 0.13 41.45
CA THR F 78 12.01 -1.23 41.86
C THR F 78 13.45 -1.32 42.36
N MET F 79 14.39 -0.68 41.64
CA MET F 79 15.78 -0.68 42.07
C MET F 79 15.95 -0.06 43.45
N GLN F 80 15.27 1.05 43.72
CA GLN F 80 15.31 1.68 45.04
C GLN F 80 14.63 0.83 46.11
N TYR F 81 13.53 0.17 45.76
CA TYR F 81 12.71 -0.51 46.77
C TYR F 81 13.36 -1.78 47.30
N ILE F 82 13.94 -2.62 46.42
CA ILE F 82 14.58 -3.85 46.89
C ILE F 82 15.80 -3.54 47.75
N LEU F 83 16.05 -4.43 48.72
CA LEU F 83 17.12 -4.24 49.68
C LEU F 83 18.51 -4.49 49.11
N ASN F 84 18.62 -5.30 48.07
CA ASN F 84 19.91 -5.66 47.51
C ASN F 84 20.67 -4.42 47.01
N PRO F 85 21.98 -4.36 47.22
CA PRO F 85 22.81 -3.44 46.42
C PRO F 85 22.78 -3.84 44.96
N ILE F 86 22.75 -2.83 44.09
CA ILE F 86 22.71 -3.03 42.65
C ILE F 86 23.93 -2.37 42.01
N CYS F 87 24.76 -3.17 41.36
CA CYS F 87 25.84 -2.67 40.51
C CYS F 87 25.32 -2.45 39.10
N THR F 88 25.55 -1.27 38.56
CA THR F 88 25.16 -0.94 37.19
C THR F 88 26.38 -0.87 36.29
N TRP F 89 26.25 -1.40 35.08
CA TRP F 89 27.31 -1.46 34.09
C TRP F 89 26.82 -0.83 32.78
N CYS F 90 27.46 0.26 32.36
CA CYS F 90 27.25 0.82 31.03
C CYS F 90 28.11 0.07 30.01
N VAL F 91 27.46 -0.64 29.10
CA VAL F 91 28.12 -1.30 27.99
C VAL F 91 27.56 -0.70 26.71
N GLY F 92 28.44 -0.13 25.89
CA GLY F 92 28.03 0.46 24.63
C GLY F 92 27.41 1.85 24.69
N GLN F 93 26.18 1.97 25.18
CA GLN F 93 25.60 3.29 25.38
C GLN F 93 24.60 3.28 26.54
N ALA F 94 24.43 4.45 27.15
CA ALA F 94 23.30 4.72 28.04
C ALA F 94 22.76 6.11 27.72
N ALA F 95 21.61 6.16 27.06
CA ALA F 95 20.97 7.39 26.63
C ALA F 95 19.56 7.44 27.23
N SER F 96 19.10 8.67 27.53
CA SER F 96 17.81 8.91 28.18
C SER F 96 17.67 8.10 29.45
N MET F 97 16.63 7.25 29.47
CA MET F 97 16.33 6.40 30.62
C MET F 97 17.50 5.51 30.99
N GLY F 98 18.24 5.02 29.99
CA GLY F 98 19.42 4.22 30.26
C GLY F 98 20.49 4.92 31.08
N SER F 99 20.71 6.20 30.80
CA SER F 99 21.64 6.98 31.64
C SER F 99 21.07 7.22 33.04
N LEU F 100 19.75 7.41 33.16
CA LEU F 100 19.14 7.57 34.47
C LEU F 100 19.24 6.29 35.31
N LEU F 101 18.93 5.14 34.72
CA LEU F 101 19.07 3.86 35.43
C LEU F 101 20.52 3.58 35.82
N LEU F 102 21.47 3.89 34.95
CA LEU F 102 22.89 3.81 35.29
C LEU F 102 23.24 4.64 36.52
N ALA F 103 22.76 5.90 36.57
CA ALA F 103 23.02 6.75 37.71
C ALA F 103 22.34 6.26 38.99
N ALA F 104 21.25 5.50 38.87
CA ALA F 104 20.49 5.01 40.02
C ALA F 104 21.13 3.82 40.73
N GLY F 105 22.25 3.30 40.24
CA GLY F 105 22.92 2.22 40.94
C GLY F 105 23.47 2.64 42.30
N THR F 106 23.67 1.63 43.14
CA THR F 106 24.21 1.84 44.49
C THR F 106 25.50 2.66 44.43
N PRO F 107 25.63 3.70 45.25
CA PRO F 107 26.84 4.53 45.24
C PRO F 107 28.11 3.70 45.42
N GLY F 108 29.13 4.06 44.64
CA GLY F 108 30.37 3.32 44.50
C GLY F 108 30.30 2.07 43.64
N MET F 109 29.14 1.77 43.07
CA MET F 109 28.91 0.53 42.32
C MET F 109 28.43 0.79 40.90
N ARG F 110 28.68 1.98 40.36
CA ARG F 110 28.22 2.37 39.03
C ARG F 110 29.42 2.43 38.10
N HIS F 111 29.39 1.61 37.04
CA HIS F 111 30.56 1.30 36.22
C HIS F 111 30.30 1.65 34.77
N SER F 112 31.35 2.07 34.07
CA SER F 112 31.37 2.07 32.62
C SER F 112 32.63 1.38 32.09
N LEU F 113 32.47 0.71 30.95
CA LEU F 113 33.59 0.36 30.09
C LEU F 113 34.20 1.59 29.41
N PRO F 114 35.44 1.48 28.92
CA PRO F 114 36.17 2.67 28.41
C PRO F 114 35.52 3.41 27.24
N ASN F 115 34.85 2.72 26.32
CA ASN F 115 34.37 3.34 25.09
C ASN F 115 32.85 3.54 25.03
N SER F 116 32.14 3.37 26.14
CA SER F 116 30.71 3.64 26.17
C SER F 116 30.43 5.14 26.03
N ARG F 117 29.28 5.46 25.43
CA ARG F 117 28.77 6.82 25.38
C ARG F 117 27.57 6.99 26.31
N ILE F 118 27.58 8.06 27.12
CA ILE F 118 26.42 8.48 27.90
C ILE F 118 25.78 9.70 27.25
N MET F 119 24.45 9.72 27.16
CA MET F 119 23.72 10.92 26.75
C MET F 119 22.56 11.21 27.70
N ILE F 120 22.44 12.48 28.12
CA ILE F 120 21.33 12.97 28.93
C ILE F 120 20.57 14.04 28.15
N HIS F 121 19.24 14.06 28.31
CA HIS F 121 18.42 15.14 27.77
C HIS F 121 17.07 15.18 28.48
N GLN F 122 16.35 16.29 28.29
CA GLN F 122 14.97 16.44 28.74
C GLN F 122 14.02 15.49 28.03
N PRO F 123 12.86 15.20 28.64
CA PRO F 123 11.84 14.40 27.97
C PRO F 123 11.16 15.09 26.80
N SER F 124 10.61 14.26 25.91
CA SER F 124 9.87 14.67 24.73
C SER F 124 8.54 13.93 24.67
N GLY F 125 7.57 14.52 23.98
CA GLY F 125 6.27 13.89 23.83
C GLY F 125 5.35 14.56 22.82
N GLY F 126 4.04 14.43 23.02
CA GLY F 126 3.06 15.09 22.18
C GLY F 126 1.80 15.41 22.95
N ALA F 127 0.97 16.25 22.33
CA ALA F 127 -0.34 16.59 22.86
C ALA F 127 -1.33 16.79 21.73
N ARG F 128 -2.59 16.47 22.00
CA ARG F 128 -3.66 16.60 21.00
C ARG F 128 -4.98 16.93 21.70
N GLY F 129 -5.92 17.43 20.90
CA GLY F 129 -7.28 17.67 21.34
C GLY F 129 -7.65 19.13 21.43
N GLN F 130 -8.66 19.40 22.24
CA GLN F 130 -9.08 20.76 22.54
C GLN F 130 -7.99 21.48 23.33
N ALA F 131 -8.06 22.81 23.32
CA ALA F 131 -7.11 23.63 24.07
C ALA F 131 -7.04 23.26 25.54
N THR F 132 -8.17 22.90 26.15
CA THR F 132 -8.17 22.44 27.54
C THR F 132 -7.44 21.11 27.72
N ASP F 133 -7.64 20.16 26.79
CA ASP F 133 -6.91 18.90 26.83
C ASP F 133 -5.41 19.10 26.64
N ILE F 134 -5.03 20.00 25.74
CA ILE F 134 -3.63 20.32 25.51
C ILE F 134 -2.98 20.96 26.73
N ALA F 135 -3.69 21.89 27.39
CA ALA F 135 -3.17 22.51 28.60
C ALA F 135 -2.90 21.49 29.71
N ILE F 136 -3.79 20.50 29.86
CA ILE F 136 -3.58 19.42 30.82
C ILE F 136 -2.36 18.56 30.45
N GLN F 137 -2.25 18.16 29.19
CA GLN F 137 -1.13 17.32 28.78
C GLN F 137 0.21 18.04 28.87
N ALA F 138 0.27 19.32 28.51
CA ALA F 138 1.49 20.10 28.70
C ALA F 138 1.87 20.24 30.17
N GLU F 139 0.90 20.48 31.04
CA GLU F 139 1.14 20.50 32.48
C GLU F 139 1.72 19.17 32.97
N GLU F 140 1.25 18.05 32.42
CA GLU F 140 1.74 16.74 32.83
C GLU F 140 3.19 16.50 32.40
N ILE F 141 3.55 16.81 31.14
CA ILE F 141 4.96 16.62 30.75
C ILE F 141 5.90 17.58 31.48
N MET F 142 5.42 18.77 31.84
CA MET F 142 6.24 19.67 32.67
C MET F 142 6.51 19.07 34.05
N LYS F 143 5.48 18.54 34.70
CA LYS F 143 5.66 17.86 35.98
C LYS F 143 6.65 16.71 35.87
N LEU F 144 6.50 15.86 34.84
CA LEU F 144 7.45 14.77 34.64
C LEU F 144 8.89 15.28 34.46
N LYS F 145 9.08 16.36 33.72
CA LYS F 145 10.40 16.96 33.56
C LYS F 145 11.02 17.33 34.92
N LYS F 146 10.26 18.05 35.76
CA LYS F 146 10.75 18.42 37.09
C LYS F 146 11.06 17.18 37.94
N GLN F 147 10.16 16.19 37.92
CA GLN F 147 10.38 14.91 38.59
C GLN F 147 11.74 14.31 38.21
N LEU F 148 11.97 14.13 36.91
CA LEU F 148 13.21 13.52 36.42
C LEU F 148 14.45 14.32 36.83
N TYR F 149 14.38 15.66 36.73
CA TYR F 149 15.49 16.51 37.15
C TYR F 149 15.83 16.36 38.63
N ASN F 150 14.82 16.18 39.48
CA ASN F 150 15.06 15.89 40.89
C ASN F 150 15.80 14.57 41.08
N ILE F 151 15.37 13.53 40.37
CA ILE F 151 16.07 12.23 40.41
C ILE F 151 17.54 12.40 40.03
N TYR F 152 17.83 13.04 38.90
CA TYR F 152 19.21 13.21 38.48
C TYR F 152 20.03 14.02 39.48
N ALA F 153 19.44 15.08 40.04
CA ALA F 153 20.11 15.86 41.07
C ALA F 153 20.46 15.03 42.30
N LYS F 154 19.51 14.20 42.75
CA LYS F 154 19.75 13.32 43.90
C LYS F 154 20.95 12.41 43.70
N HIS F 155 21.02 11.68 42.58
CA HIS F 155 22.03 10.64 42.42
C HIS F 155 23.38 11.17 41.92
N THR F 156 23.38 12.28 41.18
CA THR F 156 24.64 12.87 40.71
C THR F 156 25.21 13.92 41.65
N LYS F 157 24.40 14.43 42.58
CA LYS F 157 24.74 15.49 43.53
C LYS F 157 24.90 16.86 42.88
N GLN F 158 24.60 17.00 41.60
CA GLN F 158 24.58 18.31 40.97
C GLN F 158 23.34 19.07 41.44
N SER F 159 23.45 20.39 41.45
CA SER F 159 22.32 21.25 41.74
C SER F 159 21.31 21.19 40.59
N LEU F 160 20.07 21.58 40.91
CA LEU F 160 19.02 21.64 39.89
C LEU F 160 19.40 22.55 38.73
N GLN F 161 20.00 23.70 39.03
CA GLN F 161 20.42 24.64 37.99
C GLN F 161 21.35 23.97 36.98
N VAL F 162 22.37 23.27 37.48
CA VAL F 162 23.29 22.53 36.62
C VAL F 162 22.53 21.52 35.76
N ILE F 163 21.67 20.71 36.40
CA ILE F 163 20.85 19.73 35.68
C ILE F 163 20.06 20.37 34.55
N GLU F 164 19.31 21.43 34.86
CA GLU F 164 18.50 22.13 33.85
C GLU F 164 19.33 22.62 32.68
N SER F 165 20.47 23.26 32.96
CA SER F 165 21.37 23.73 31.92
C SER F 165 21.88 22.58 31.05
N ALA F 166 22.28 21.47 31.67
CA ALA F 166 22.87 20.35 30.94
C ALA F 166 21.87 19.62 30.05
N MET F 167 20.62 19.51 30.48
CA MET F 167 19.63 18.67 29.79
C MET F 167 18.73 19.43 28.82
N GLU F 168 18.89 20.75 28.67
CA GLU F 168 18.08 21.49 27.72
C GLU F 168 18.21 20.90 26.31
N ARG F 169 19.43 20.57 25.90
CA ARG F 169 19.71 19.90 24.63
C ARG F 169 20.40 18.57 24.91
N ASP F 170 20.44 17.71 23.88
CA ASP F 170 21.23 16.49 23.94
C ASP F 170 22.69 16.76 24.34
N ARG F 171 23.15 16.04 25.36
CA ARG F 171 24.47 16.22 25.95
C ARG F 171 25.18 14.86 26.02
N TYR F 172 26.07 14.61 25.07
CA TYR F 172 26.84 13.36 25.07
C TYR F 172 28.06 13.47 25.96
N MET F 173 28.37 12.38 26.65
CA MET F 173 29.47 12.30 27.60
C MET F 173 30.34 11.08 27.33
N SER F 174 31.65 11.25 27.47
CA SER F 174 32.53 10.11 27.66
C SER F 174 32.36 9.57 29.08
N PRO F 175 32.78 8.32 29.31
CA PRO F 175 32.77 7.80 30.70
C PRO F 175 33.50 8.67 31.72
N MET F 176 34.67 9.22 31.40
CA MET F 176 35.35 10.12 32.33
C MET F 176 34.53 11.37 32.61
N GLU F 177 33.98 11.99 31.57
CA GLU F 177 33.04 13.11 31.76
C GLU F 177 31.85 12.71 32.64
N ALA F 178 31.24 11.56 32.35
CA ALA F 178 30.14 11.06 33.18
C ALA F 178 30.55 10.90 34.64
N GLN F 179 31.73 10.32 34.88
CA GLN F 179 32.25 10.21 36.24
C GLN F 179 32.38 11.59 36.90
N GLU F 180 32.98 12.54 36.19
CA GLU F 180 33.06 13.91 36.68
C GLU F 180 31.68 14.49 36.99
N PHE F 181 30.71 14.21 36.13
CA PHE F 181 29.34 14.70 36.32
C PHE F 181 28.70 14.06 37.55
N GLY F 182 29.10 12.85 37.91
CA GLY F 182 28.46 12.09 38.96
C GLY F 182 27.47 11.04 38.52
N ILE F 183 27.41 10.71 37.24
CA ILE F 183 26.51 9.66 36.79
C ILE F 183 27.06 8.28 37.17
N LEU F 184 28.38 8.13 37.22
CA LEU F 184 29.02 6.86 37.54
C LEU F 184 30.27 7.08 38.36
N ASP F 185 30.75 5.99 38.96
CA ASP F 185 31.88 5.98 39.88
C ASP F 185 33.18 5.49 39.24
N LYS F 186 33.16 4.36 38.53
CA LYS F 186 34.38 3.73 38.02
C LYS F 186 34.30 3.51 36.52
N VAL F 187 35.38 3.87 35.83
CA VAL F 187 35.66 3.49 34.45
C VAL F 187 36.75 2.42 34.46
N LEU F 188 36.37 1.17 34.20
CA LEU F 188 37.26 0.03 34.33
C LEU F 188 37.65 -0.50 32.96
N VAL F 189 38.95 -0.72 32.77
CA VAL F 189 39.49 -1.38 31.58
C VAL F 189 39.49 -2.88 31.78
N HIS F 190 40.17 -3.35 32.83
CA HIS F 190 40.26 -4.76 33.18
C HIS F 190 39.77 -4.96 34.62
N PRO F 191 39.30 -6.17 34.96
CA PRO F 191 38.86 -6.41 36.33
C PRO F 191 40.03 -6.49 37.32
N ILE G 2 11.61 -13.93 27.17
CA ILE G 2 11.13 -14.32 28.52
C ILE G 2 12.07 -15.39 29.10
N PRO G 3 12.75 -15.13 30.23
CA PRO G 3 13.74 -16.05 30.82
C PRO G 3 13.11 -17.19 31.63
N ILE G 4 13.89 -18.25 31.86
CA ILE G 4 13.50 -19.48 32.57
C ILE G 4 14.33 -19.67 33.87
N VAL G 5 13.65 -19.97 34.97
CA VAL G 5 14.21 -20.28 36.28
C VAL G 5 14.36 -21.78 36.47
N ALA G 15 5.90 -23.12 36.24
CA ALA G 15 6.79 -22.57 37.25
C ALA G 15 8.20 -22.28 36.72
N TYR G 16 8.47 -22.60 35.45
CA TYR G 16 9.77 -22.45 34.81
C TYR G 16 10.01 -21.01 34.30
N ASP G 17 9.21 -20.50 33.36
CA ASP G 17 9.37 -19.10 32.92
C ASP G 17 9.07 -18.09 34.05
N ILE G 18 9.62 -16.88 33.96
CA ILE G 18 9.64 -15.94 35.09
C ILE G 18 8.25 -15.55 35.63
N TYR G 19 7.23 -15.36 34.78
CA TYR G 19 5.88 -15.07 35.26
C TYR G 19 5.24 -16.26 35.97
N SER G 20 5.44 -17.49 35.48
CA SER G 20 4.99 -18.69 36.18
C SER G 20 5.68 -18.85 37.53
N ARG G 21 6.98 -18.54 37.59
CA ARG G 21 7.76 -18.57 38.82
C ARG G 21 7.21 -17.57 39.84
N LEU G 22 6.75 -16.40 39.41
CA LEU G 22 6.07 -15.44 40.28
C LEU G 22 4.69 -15.91 40.70
N LEU G 23 3.97 -16.59 39.80
CA LEU G 23 2.68 -17.16 40.15
C LEU G 23 2.74 -18.04 41.40
N ARG G 24 3.81 -18.83 41.53
CA ARG G 24 4.00 -19.62 42.75
C ARG G 24 4.07 -18.74 44.00
N GLU G 25 4.46 -17.47 43.85
CA GLU G 25 4.44 -16.50 44.94
C GLU G 25 3.08 -15.85 45.12
N ARG G 26 2.06 -16.29 44.36
CA ARG G 26 0.75 -15.64 44.34
C ARG G 26 0.82 -14.19 43.86
N ILE G 27 1.68 -13.93 42.88
CA ILE G 27 1.83 -12.62 42.26
C ILE G 27 1.22 -12.69 40.86
N VAL G 28 0.25 -11.83 40.59
CA VAL G 28 -0.35 -11.67 39.26
C VAL G 28 0.09 -10.33 38.69
N CYS G 29 0.56 -10.35 37.45
CA CYS G 29 1.00 -9.14 36.75
C CYS G 29 -0.08 -8.67 35.77
N VAL G 30 -0.56 -7.45 35.97
CA VAL G 30 -1.46 -6.79 35.04
C VAL G 30 -0.71 -5.68 34.31
N MET G 31 -0.19 -5.99 33.13
CA MET G 31 0.77 -5.15 32.42
C MET G 31 0.27 -4.77 31.05
N GLY G 32 0.41 -3.50 30.70
CA GLY G 32 -0.03 -2.98 29.41
C GLY G 32 -1.53 -2.85 29.26
N PRO G 33 -1.97 -2.65 28.01
CA PRO G 33 -3.40 -2.46 27.75
C PRO G 33 -4.23 -3.65 28.21
N ILE G 34 -5.38 -3.35 28.80
CA ILE G 34 -6.30 -4.38 29.28
C ILE G 34 -7.34 -4.65 28.21
N ASP G 35 -7.28 -5.84 27.62
CA ASP G 35 -8.27 -6.33 26.66
C ASP G 35 -8.82 -7.67 27.14
N ASP G 36 -9.68 -8.27 26.32
CA ASP G 36 -10.31 -9.55 26.67
C ASP G 36 -9.27 -10.64 26.95
N SER G 37 -8.26 -10.75 26.10
CA SER G 37 -7.22 -11.76 26.30
C SER G 37 -6.51 -11.56 27.63
N VAL G 38 -6.05 -10.32 27.89
CA VAL G 38 -5.41 -10.00 29.16
C VAL G 38 -6.34 -10.31 30.33
N ALA G 39 -7.59 -9.86 30.24
CA ALA G 39 -8.58 -10.13 31.28
C ALA G 39 -8.80 -11.62 31.50
N SER G 40 -8.96 -12.38 30.41
CA SER G 40 -9.05 -13.83 30.47
C SER G 40 -7.92 -14.44 31.28
N LEU G 41 -6.68 -14.10 30.94
CA LEU G 41 -5.51 -14.59 31.68
C LEU G 41 -5.58 -14.25 33.17
N VAL G 42 -5.77 -12.98 33.51
CA VAL G 42 -5.79 -12.56 34.91
C VAL G 42 -6.86 -13.29 35.71
N ILE G 43 -8.07 -13.42 35.15
CA ILE G 43 -9.15 -14.14 35.83
C ILE G 43 -8.76 -15.60 36.06
N ALA G 44 -8.24 -16.26 35.03
CA ALA G 44 -7.75 -17.63 35.17
C ALA G 44 -6.75 -17.76 36.32
N GLN G 45 -5.78 -16.86 36.40
CA GLN G 45 -4.80 -16.91 37.48
C GLN G 45 -5.44 -16.66 38.85
N LEU G 46 -6.35 -15.71 38.94
CA LEU G 46 -7.06 -15.44 40.20
C LEU G 46 -7.88 -16.64 40.65
N LEU G 47 -8.58 -17.30 39.73
CA LEU G 47 -9.35 -18.49 40.09
C LEU G 47 -8.44 -19.66 40.47
N PHE G 48 -7.34 -19.86 39.74
CA PHE G 48 -6.33 -20.83 40.15
C PHE G 48 -5.80 -20.55 41.56
N LEU G 49 -5.36 -19.31 41.82
CA LEU G 49 -4.82 -18.96 43.11
C LEU G 49 -5.84 -19.07 44.24
N GLN G 50 -7.12 -18.80 43.96
CA GLN G 50 -8.16 -19.08 44.96
C GLN G 50 -8.29 -20.57 45.24
N SER G 51 -8.28 -21.40 44.21
CA SER G 51 -8.40 -22.84 44.40
C SER G 51 -7.21 -23.42 45.15
N GLU G 52 -6.02 -22.84 44.99
CA GLU G 52 -4.87 -23.29 45.76
C GLU G 52 -5.01 -22.96 47.24
N SER G 53 -5.58 -21.79 47.56
CA SER G 53 -6.13 -21.55 48.90
C SER G 53 -6.94 -20.27 48.89
N ASN G 54 -8.07 -20.29 49.61
CA ASN G 54 -8.94 -19.13 49.73
C ASN G 54 -8.52 -18.16 50.82
N LYS G 55 -7.51 -18.49 51.63
CA LYS G 55 -7.07 -17.65 52.75
C LYS G 55 -5.87 -16.78 52.41
N LYS G 56 -4.90 -17.29 51.67
CA LYS G 56 -3.67 -16.56 51.44
C LYS G 56 -3.91 -15.35 50.53
N PRO G 57 -3.35 -14.20 50.87
CA PRO G 57 -3.49 -13.02 50.00
C PRO G 57 -2.90 -13.25 48.61
N ILE G 58 -3.39 -12.46 47.67
CA ILE G 58 -2.86 -12.37 46.31
C ILE G 58 -2.31 -10.97 46.11
N HIS G 59 -1.18 -10.86 45.41
CA HIS G 59 -0.60 -9.58 45.05
C HIS G 59 -0.80 -9.31 43.57
N MET G 60 -1.43 -8.18 43.25
CA MET G 60 -1.64 -7.73 41.88
C MET G 60 -0.74 -6.53 41.61
N TYR G 61 0.21 -6.69 40.70
CA TYR G 61 1.09 -5.61 40.28
C TYR G 61 0.55 -5.00 38.99
N ILE G 62 0.27 -3.70 39.02
CA ILE G 62 -0.44 -3.01 37.96
C ILE G 62 0.50 -2.00 37.31
N ASN G 63 0.75 -2.16 36.02
CA ASN G 63 1.40 -1.15 35.19
C ASN G 63 0.63 -1.07 33.86
N SER G 64 -0.37 -0.20 33.80
CA SER G 64 -1.27 -0.21 32.67
C SER G 64 -1.68 1.18 32.21
N PRO G 65 -1.71 1.41 30.89
CA PRO G 65 -2.30 2.65 30.36
C PRO G 65 -3.83 2.66 30.33
N GLY G 66 -4.50 1.54 30.62
CA GLY G 66 -5.94 1.44 30.49
C GLY G 66 -6.41 0.33 29.56
N GLY G 67 -7.64 0.41 29.06
CA GLY G 67 -8.15 -0.66 28.22
C GLY G 67 -9.66 -0.65 28.11
N VAL G 68 -10.17 -1.79 27.65
CA VAL G 68 -11.60 -2.01 27.41
C VAL G 68 -12.37 -2.07 28.72
N VAL G 69 -13.50 -1.37 28.77
CA VAL G 69 -14.31 -1.29 29.99
C VAL G 69 -14.81 -2.66 30.45
N THR G 70 -15.43 -3.43 29.55
CA THR G 70 -15.99 -4.72 29.99
C THR G 70 -14.90 -5.72 30.38
N ALA G 71 -13.75 -5.68 29.71
CA ALA G 71 -12.61 -6.51 30.13
C ALA G 71 -12.13 -6.13 31.53
N GLY G 72 -12.02 -4.83 31.78
CA GLY G 72 -11.67 -4.35 33.10
C GLY G 72 -12.71 -4.66 34.17
N LEU G 73 -13.98 -4.46 33.85
CA LEU G 73 -15.05 -4.83 34.78
C LEU G 73 -15.08 -6.33 35.06
N ALA G 74 -14.73 -7.16 34.08
CA ALA G 74 -14.57 -8.59 34.32
C ALA G 74 -13.55 -8.86 35.42
N ILE G 75 -12.34 -8.30 35.29
CA ILE G 75 -11.31 -8.44 36.32
C ILE G 75 -11.80 -7.90 37.66
N TYR G 76 -12.38 -6.69 37.65
CA TYR G 76 -12.88 -6.08 38.88
C TYR G 76 -13.88 -6.95 39.62
N ASP G 77 -14.87 -7.52 38.90
CA ASP G 77 -15.82 -8.45 39.52
C ASP G 77 -15.15 -9.70 40.07
N THR G 78 -14.21 -10.28 39.34
CA THR G 78 -13.43 -11.41 39.84
C THR G 78 -12.72 -11.06 41.14
N MET G 79 -12.10 -9.89 41.21
CA MET G 79 -11.41 -9.46 42.43
C MET G 79 -12.37 -9.37 43.62
N GLN G 80 -13.56 -8.83 43.40
CA GLN G 80 -14.57 -8.78 44.46
C GLN G 80 -15.10 -10.16 44.83
N TYR G 81 -15.27 -11.04 43.84
CA TYR G 81 -15.94 -12.32 44.08
C TYR G 81 -15.09 -13.30 44.88
N ILE G 82 -13.80 -13.43 44.56
CA ILE G 82 -12.95 -14.37 45.30
C ILE G 82 -12.78 -13.92 46.75
N LEU G 83 -12.63 -14.90 47.64
CA LEU G 83 -12.54 -14.65 49.07
C LEU G 83 -11.20 -14.08 49.51
N ASN G 84 -10.14 -14.32 48.75
CA ASN G 84 -8.81 -13.87 49.15
C ASN G 84 -8.74 -12.34 49.27
N PRO G 85 -8.04 -11.82 50.28
CA PRO G 85 -7.60 -10.42 50.21
C PRO G 85 -6.64 -10.22 49.05
N ILE G 86 -6.76 -9.08 48.39
CA ILE G 86 -5.92 -8.73 47.25
C ILE G 86 -5.17 -7.44 47.55
N CYS G 87 -3.84 -7.52 47.57
CA CYS G 87 -2.98 -6.35 47.61
C CYS G 87 -2.70 -5.87 46.19
N THR G 88 -2.93 -4.59 45.94
CA THR G 88 -2.64 -3.97 44.65
C THR G 88 -1.42 -3.07 44.75
N TRP G 89 -0.58 -3.12 43.71
CA TRP G 89 0.66 -2.36 43.63
C TRP G 89 0.67 -1.57 42.32
N CYS G 90 0.70 -0.24 42.43
CA CYS G 90 0.95 0.63 41.28
C CYS G 90 2.45 0.73 41.03
N VAL G 91 2.90 0.20 39.90
CA VAL G 91 4.28 0.35 39.46
C VAL G 91 4.25 1.08 38.13
N GLY G 92 4.93 2.22 38.06
CA GLY G 92 5.00 3.01 36.85
C GLY G 92 3.81 3.88 36.53
N GLN G 93 2.68 3.29 36.12
CA GLN G 93 1.46 4.07 35.93
C GLN G 93 0.22 3.22 36.19
N ALA G 94 -0.86 3.89 36.56
CA ALA G 94 -2.21 3.32 36.54
C ALA G 94 -3.16 4.36 35.98
N ALA G 95 -3.59 4.17 34.73
CA ALA G 95 -4.46 5.08 34.01
C ALA G 95 -5.72 4.33 33.58
N SER G 96 -6.85 5.05 33.54
CA SER G 96 -8.16 4.46 33.22
C SER G 96 -8.47 3.26 34.09
N MET G 97 -8.68 2.12 33.43
CA MET G 97 -9.00 0.87 34.10
C MET G 97 -7.94 0.47 35.12
N GLY G 98 -6.67 0.74 34.82
CA GLY G 98 -5.60 0.47 35.76
C GLY G 98 -5.73 1.20 37.09
N SER G 99 -6.16 2.46 37.04
CA SER G 99 -6.42 3.18 38.28
C SER G 99 -7.66 2.64 39.01
N LEU G 100 -8.66 2.20 38.27
CA LEU G 100 -9.84 1.59 38.88
C LEU G 100 -9.51 0.26 39.58
N LEU G 101 -8.77 -0.61 38.90
CA LEU G 101 -8.33 -1.87 39.51
C LEU G 101 -7.44 -1.65 40.73
N LEU G 102 -6.54 -0.67 40.66
CA LEU G 102 -5.75 -0.27 41.84
C LEU G 102 -6.64 0.11 43.02
N ALA G 103 -7.66 0.94 42.77
CA ALA G 103 -8.57 1.35 43.84
C ALA G 103 -9.41 0.18 44.38
N ALA G 104 -9.63 -0.86 43.58
CA ALA G 104 -10.45 -2.00 43.97
C ALA G 104 -9.74 -3.00 44.89
N GLY G 105 -8.47 -2.78 45.23
CA GLY G 105 -7.81 -3.65 46.18
C GLY G 105 -8.40 -3.58 47.57
N THR G 106 -8.14 -4.63 48.33
CA THR G 106 -8.61 -4.73 49.72
C THR G 106 -8.21 -3.50 50.51
N PRO G 107 -9.13 -2.88 51.24
CA PRO G 107 -8.80 -1.68 52.03
C PRO G 107 -7.61 -1.90 52.97
N GLY G 108 -6.75 -0.89 53.02
CA GLY G 108 -5.45 -0.94 53.68
C GLY G 108 -4.36 -1.69 52.96
N MET G 109 -4.63 -2.22 51.77
CA MET G 109 -3.70 -3.07 51.02
C MET G 109 -3.41 -2.53 49.63
N ARG G 110 -3.64 -1.23 49.40
CA ARG G 110 -3.46 -0.62 48.08
C ARG G 110 -2.23 0.27 48.14
N HIS G 111 -1.25 -0.03 47.29
CA HIS G 111 0.10 0.50 47.40
C HIS G 111 0.51 1.22 46.12
N SER G 112 1.32 2.25 46.26
CA SER G 112 2.10 2.80 45.16
C SER G 112 3.57 2.94 45.54
N LEU G 113 4.43 2.73 44.55
CA LEU G 113 5.79 3.23 44.60
C LEU G 113 5.86 4.76 44.49
N PRO G 114 6.99 5.36 44.90
CA PRO G 114 7.07 6.84 44.99
C PRO G 114 6.84 7.62 43.70
N ASN G 115 7.27 7.10 42.55
CA ASN G 115 7.26 7.86 41.30
C ASN G 115 6.20 7.43 40.30
N SER G 116 5.26 6.57 40.70
CA SER G 116 4.17 6.20 39.81
C SER G 116 3.23 7.38 39.55
N ARG G 117 2.62 7.38 38.36
CA ARG G 117 1.56 8.32 38.01
C ARG G 117 0.20 7.63 37.98
N ILE G 118 -0.81 8.22 38.62
CA ILE G 118 -2.21 7.80 38.50
C ILE G 118 -2.95 8.79 37.62
N MET G 119 -3.78 8.28 36.69
CA MET G 119 -4.70 9.13 35.93
C MET G 119 -6.11 8.54 35.94
N ILE G 120 -7.11 9.38 36.20
CA ILE G 120 -8.53 9.03 36.13
C ILE G 120 -9.21 9.89 35.06
N HIS G 121 -10.16 9.29 34.34
CA HIS G 121 -11.01 10.06 33.42
C HIS G 121 -12.28 9.26 33.11
N GLN G 122 -13.26 9.95 32.53
CA GLN G 122 -14.47 9.34 31.99
C GLN G 122 -14.19 8.41 30.82
N PRO G 123 -15.10 7.47 30.54
CA PRO G 123 -14.96 6.61 29.35
C PRO G 123 -15.18 7.34 28.03
N SER G 124 -14.60 6.75 26.99
CA SER G 124 -14.70 7.22 25.62
C SER G 124 -15.10 6.07 24.71
N GLY G 125 -15.71 6.41 23.57
CA GLY G 125 -16.12 5.40 22.61
C GLY G 125 -16.56 5.94 21.26
N GLY G 126 -17.43 5.21 20.58
CA GLY G 126 -17.99 5.66 19.32
C GLY G 126 -19.39 5.12 19.10
N ALA G 127 -20.08 5.70 18.12
CA ALA G 127 -21.39 5.23 17.71
C ALA G 127 -21.56 5.41 16.20
N ARG G 128 -22.33 4.52 15.59
CA ARG G 128 -22.58 4.54 14.15
C ARG G 128 -23.98 4.02 13.85
N GLY G 129 -24.44 4.34 12.65
CA GLY G 129 -25.68 3.80 12.12
C GLY G 129 -26.78 4.83 11.98
N GLN G 130 -28.01 4.33 11.97
CA GLN G 130 -29.19 5.18 11.96
C GLN G 130 -29.31 5.94 13.28
N ALA G 131 -30.08 7.03 13.24
CA ALA G 131 -30.31 7.84 14.45
C ALA G 131 -30.83 7.01 15.62
N THR G 132 -31.68 6.02 15.35
CA THR G 132 -32.15 5.12 16.41
C THR G 132 -31.03 4.26 16.99
N ASP G 133 -30.16 3.73 16.14
CA ASP G 133 -29.01 2.96 16.61
C ASP G 133 -28.05 3.83 17.42
N ILE G 134 -27.83 5.07 16.98
CA ILE G 134 -26.97 5.99 17.71
C ILE G 134 -27.56 6.36 19.07
N ALA G 135 -28.87 6.59 19.14
CA ALA G 135 -29.51 6.88 20.43
C ALA G 135 -29.35 5.73 21.42
N ILE G 136 -29.46 4.48 20.96
CA ILE G 136 -29.21 3.32 21.80
C ILE G 136 -27.76 3.26 22.29
N GLN G 137 -26.81 3.43 21.38
CA GLN G 137 -25.40 3.35 21.76
C GLN G 137 -24.97 4.47 22.71
N ALA G 138 -25.47 5.69 22.49
CA ALA G 138 -25.20 6.78 23.44
C ALA G 138 -25.81 6.52 24.81
N GLU G 139 -27.02 5.99 24.86
CA GLU G 139 -27.63 5.58 26.12
C GLU G 139 -26.77 4.53 26.84
N GLU G 140 -26.17 3.61 26.10
CA GLU G 140 -25.33 2.58 26.70
C GLU G 140 -24.03 3.14 27.29
N ILE G 141 -23.32 4.01 26.56
CA ILE G 141 -22.10 4.58 27.16
C ILE G 141 -22.41 5.50 28.33
N MET G 142 -23.56 6.17 28.34
CA MET G 142 -23.97 6.94 29.51
C MET G 142 -24.18 6.06 30.73
N LYS G 143 -24.90 4.94 30.56
CA LYS G 143 -25.07 3.98 31.65
C LYS G 143 -23.73 3.48 32.17
N LEU G 144 -22.81 3.10 31.27
CA LEU G 144 -21.49 2.66 31.70
C LEU G 144 -20.75 3.74 32.48
N LYS G 145 -20.85 4.99 32.06
CA LYS G 145 -20.24 6.09 32.81
C LYS G 145 -20.76 6.16 34.24
N LYS G 146 -22.08 6.14 34.42
CA LYS G 146 -22.66 6.15 35.76
C LYS G 146 -22.22 4.94 36.58
N GLN G 147 -22.24 3.76 35.98
CA GLN G 147 -21.74 2.54 36.61
C GLN G 147 -20.33 2.74 37.17
N LEU G 148 -19.40 3.17 36.32
CA LEU G 148 -18.00 3.36 36.72
C LEU G 148 -17.86 4.39 37.84
N TYR G 149 -18.59 5.51 37.75
CA TYR G 149 -18.56 6.52 38.80
C TYR G 149 -19.04 6.00 40.15
N ASN G 150 -20.04 5.12 40.15
CA ASN G 150 -20.46 4.45 41.39
C ASN G 150 -19.34 3.60 41.97
N ILE G 151 -18.67 2.82 41.14
CA ILE G 151 -17.52 2.02 41.59
C ILE G 151 -16.46 2.90 42.24
N TYR G 152 -16.04 3.97 41.57
CA TYR G 152 -15.01 4.85 42.13
C TYR G 152 -15.47 5.49 43.44
N ALA G 153 -16.73 5.93 43.52
CA ALA G 153 -17.26 6.48 44.75
C ALA G 153 -17.22 5.47 45.90
N LYS G 154 -17.61 4.23 45.63
CA LYS G 154 -17.57 3.16 46.64
C LYS G 154 -16.18 2.99 47.25
N HIS G 155 -15.15 2.82 46.40
CA HIS G 155 -13.83 2.44 46.91
C HIS G 155 -12.99 3.62 47.40
N THR G 156 -13.21 4.82 46.86
CA THR G 156 -12.48 6.00 47.30
C THR G 156 -13.19 6.77 48.41
N LYS G 157 -14.48 6.52 48.62
CA LYS G 157 -15.36 7.19 49.59
C LYS G 157 -15.67 8.64 49.22
N GLN G 158 -15.26 9.09 48.05
CA GLN G 158 -15.68 10.40 47.57
C GLN G 158 -17.15 10.35 47.16
N SER G 159 -17.81 11.49 47.27
CA SER G 159 -19.18 11.62 46.78
C SER G 159 -19.19 11.58 45.26
N LEU G 160 -20.38 11.27 44.71
CA LEU G 160 -20.56 11.26 43.26
C LEU G 160 -20.22 12.60 42.63
N GLN G 161 -20.62 13.70 43.27
CA GLN G 161 -20.32 15.03 42.75
C GLN G 161 -18.83 15.23 42.56
N VAL G 162 -18.03 14.90 43.58
CA VAL G 162 -16.57 14.97 43.49
C VAL G 162 -16.06 14.13 42.32
N ILE G 163 -16.51 12.88 42.24
CA ILE G 163 -16.11 11.97 41.15
C ILE G 163 -16.40 12.60 39.79
N GLU G 164 -17.63 13.06 39.57
CA GLU G 164 -18.02 13.66 38.29
C GLU G 164 -17.13 14.85 37.94
N SER G 165 -16.91 15.75 38.89
CA SER G 165 -16.03 16.90 38.67
C SER G 165 -14.61 16.48 38.31
N ALA G 166 -14.06 15.49 39.01
CA ALA G 166 -12.67 15.08 38.81
C ALA G 166 -12.45 14.38 37.47
N MET G 167 -13.43 13.60 36.99
CA MET G 167 -13.24 12.75 35.82
C MET G 167 -13.73 13.36 34.50
N GLU G 168 -14.29 14.58 34.53
CA GLU G 168 -14.73 15.21 33.28
C GLU G 168 -13.58 15.29 32.28
N ARG G 169 -12.39 15.67 32.73
CA ARG G 169 -11.17 15.70 31.92
C ARG G 169 -10.14 14.78 32.55
N ASP G 170 -9.10 14.46 31.77
CA ASP G 170 -7.93 13.75 32.30
C ASP G 170 -7.36 14.43 33.53
N ARG G 171 -7.19 13.65 34.60
CA ARG G 171 -6.75 14.14 35.90
C ARG G 171 -5.57 13.28 36.39
N TYR G 172 -4.35 13.79 36.21
CA TYR G 172 -3.17 13.07 36.67
C TYR G 172 -2.90 13.35 38.15
N MET G 173 -2.45 12.31 38.85
CA MET G 173 -2.19 12.36 40.29
C MET G 173 -0.81 11.81 40.61
N SER G 174 -0.13 12.44 41.56
CA SER G 174 0.98 11.79 42.24
C SER G 174 0.43 10.75 43.22
N PRO G 175 1.27 9.80 43.64
CA PRO G 175 0.82 8.85 44.69
C PRO G 175 0.27 9.50 45.96
N MET G 176 0.90 10.56 46.47
CA MET G 176 0.36 11.25 47.63
C MET G 176 -1.02 11.85 47.35
N GLU G 177 -1.18 12.52 46.21
CA GLU G 177 -2.50 12.99 45.78
C GLU G 177 -3.51 11.84 45.69
N ALA G 178 -3.12 10.73 45.05
CA ALA G 178 -3.99 9.56 44.98
C ALA G 178 -4.39 9.06 46.36
N GLN G 179 -3.43 8.98 47.29
CA GLN G 179 -3.75 8.60 48.66
C GLN G 179 -4.77 9.56 49.28
N GLU G 180 -4.54 10.86 49.14
CA GLU G 180 -5.50 11.86 49.60
C GLU G 180 -6.88 11.65 48.97
N PHE G 181 -6.91 11.33 47.68
CA PHE G 181 -8.16 11.09 46.96
C PHE G 181 -8.87 9.84 47.49
N GLY G 182 -8.13 8.87 48.00
CA GLY G 182 -8.66 7.59 48.38
C GLY G 182 -8.49 6.46 47.39
N ILE G 183 -7.67 6.65 46.36
CA ILE G 183 -7.44 5.55 45.41
C ILE G 183 -6.52 4.49 46.03
N LEU G 184 -5.60 4.90 46.91
CA LEU G 184 -4.66 3.99 47.53
C LEU G 184 -4.40 4.40 48.98
N ASP G 185 -3.79 3.47 49.72
CA ASP G 185 -3.53 3.60 51.15
C ASP G 185 -2.09 3.97 51.48
N LYS G 186 -1.11 3.28 50.90
CA LYS G 186 0.30 3.45 51.27
C LYS G 186 1.16 3.79 50.05
N VAL G 187 2.02 4.78 50.22
CA VAL G 187 3.13 5.09 49.33
C VAL G 187 4.42 4.65 50.01
N LEU G 188 5.00 3.55 49.55
CA LEU G 188 6.15 2.93 50.19
C LEU G 188 7.41 3.16 49.38
N VAL G 189 8.48 3.58 50.06
CA VAL G 189 9.81 3.70 49.48
C VAL G 189 10.54 2.37 49.59
N HIS G 190 10.69 1.88 50.82
CA HIS G 190 11.35 0.61 51.13
C HIS G 190 10.39 -0.28 51.92
N PRO G 191 10.57 -1.61 51.85
CA PRO G 191 9.71 -2.50 52.63
C PRO G 191 9.99 -2.44 54.13
N ILE H 2 -10.96 29.47 -8.86
CA ILE H 2 -10.45 30.85 -9.05
C ILE H 2 -11.40 31.63 -9.96
N PRO H 3 -12.02 32.73 -9.50
CA PRO H 3 -13.02 33.49 -10.27
C PRO H 3 -12.40 34.46 -11.29
N ILE H 4 -13.21 34.89 -12.27
CA ILE H 4 -12.83 35.78 -13.38
C ILE H 4 -13.61 37.11 -13.32
N VAL H 5 -12.90 38.22 -13.46
CA VAL H 5 -13.41 39.60 -13.54
C VAL H 5 -13.60 40.03 -14.99
N ALA H 15 -5.21 39.71 -16.70
CA ALA H 15 -6.04 40.64 -15.95
C ALA H 15 -7.47 40.14 -15.70
N TYR H 16 -7.80 38.94 -16.20
CA TYR H 16 -9.12 38.33 -16.10
C TYR H 16 -9.32 37.60 -14.77
N ASP H 17 -8.55 36.57 -14.44
CA ASP H 17 -8.68 35.91 -13.13
C ASP H 17 -8.28 36.84 -11.96
N ILE H 18 -8.80 36.57 -10.76
CA ILE H 18 -8.74 37.54 -9.64
C ILE H 18 -7.31 37.96 -9.23
N TYR H 19 -6.33 37.06 -9.23
CA TYR H 19 -4.95 37.43 -8.92
C TYR H 19 -4.33 38.31 -10.01
N SER H 20 -4.59 38.03 -11.29
CA SER H 20 -4.15 38.90 -12.38
C SER H 20 -4.79 40.28 -12.29
N ARG H 21 -6.07 40.33 -11.92
CA ARG H 21 -6.80 41.58 -11.72
C ARG H 21 -6.18 42.41 -10.58
N LEU H 22 -5.68 41.77 -9.52
CA LEU H 22 -4.95 42.45 -8.46
C LEU H 22 -3.56 42.89 -8.93
N LEU H 23 -2.92 42.10 -9.77
CA LEU H 23 -1.62 42.48 -10.33
C LEU H 23 -1.67 43.86 -10.98
N ARG H 24 -2.75 44.16 -11.71
CA ARG H 24 -2.91 45.50 -12.27
C ARG H 24 -2.91 46.58 -11.20
N GLU H 25 -3.26 46.25 -9.96
CA GLU H 25 -3.16 47.15 -8.82
C GLU H 25 -1.77 47.19 -8.21
N ARG H 26 -0.80 46.48 -8.81
CA ARG H 26 0.54 46.30 -8.23
C ARG H 26 0.49 45.59 -6.87
N ILE H 27 -0.39 44.61 -6.74
CA ILE H 27 -0.52 43.79 -5.55
C ILE H 27 0.03 42.40 -5.87
N VAL H 28 1.01 41.96 -5.10
CA VAL H 28 1.56 40.60 -5.18
C VAL H 28 1.15 39.83 -3.93
N CYS H 29 0.62 38.63 -4.13
CA CYS H 29 0.20 37.77 -3.04
C CYS H 29 1.24 36.69 -2.78
N VAL H 30 1.78 36.67 -1.56
CA VAL H 30 2.67 35.61 -1.09
C VAL H 30 1.92 34.73 -0.09
N MET H 31 1.35 33.63 -0.56
CA MET H 31 0.38 32.85 0.19
C MET H 31 0.85 31.40 0.31
N GLY H 32 0.73 30.85 1.53
CA GLY H 32 1.13 29.49 1.82
C GLY H 32 2.62 29.26 1.86
N PRO H 33 3.03 27.98 1.83
CA PRO H 33 4.45 27.64 1.92
C PRO H 33 5.26 28.26 0.79
N ILE H 34 6.44 28.75 1.13
CA ILE H 34 7.34 29.37 0.15
C ILE H 34 8.33 28.31 -0.34
N ASP H 35 8.20 27.93 -1.60
CA ASP H 35 9.13 27.03 -2.28
C ASP H 35 9.64 27.70 -3.55
N ASP H 36 10.46 26.95 -4.31
CA ASP H 36 11.05 27.49 -5.54
C ASP H 36 9.99 27.97 -6.52
N SER H 37 8.94 27.19 -6.73
CA SER H 37 7.87 27.59 -7.64
C SER H 37 7.22 28.89 -7.20
N VAL H 38 6.83 28.96 -5.93
CA VAL H 38 6.25 30.19 -5.38
C VAL H 38 7.21 31.36 -5.54
N ALA H 39 8.47 31.15 -5.16
CA ALA H 39 9.49 32.19 -5.29
C ALA H 39 9.67 32.64 -6.74
N SER H 40 9.76 31.68 -7.66
CA SER H 40 9.81 31.98 -9.09
C SER H 40 8.69 32.91 -9.52
N LEU H 41 7.45 32.57 -9.18
CA LEU H 41 6.29 33.41 -9.50
C LEU H 41 6.43 34.83 -8.93
N VAL H 42 6.69 34.95 -7.63
CA VAL H 42 6.77 36.27 -6.99
C VAL H 42 7.86 37.13 -7.63
N ILE H 43 9.03 36.56 -7.89
CA ILE H 43 10.11 37.31 -8.54
C ILE H 43 9.69 37.79 -9.93
N ALA H 44 9.09 36.89 -10.72
CA ALA H 44 8.56 37.28 -12.02
C ALA H 44 7.61 38.48 -11.93
N GLN H 45 6.67 38.44 -11.00
CA GLN H 45 5.74 39.55 -10.82
C GLN H 45 6.44 40.83 -10.38
N LEU H 46 7.40 40.73 -9.46
CA LEU H 46 8.16 41.90 -9.03
C LEU H 46 8.97 42.52 -10.17
N LEU H 47 9.60 41.69 -11.00
CA LEU H 47 10.34 42.21 -12.15
C LEU H 47 9.41 42.81 -13.20
N PHE H 48 8.28 42.17 -13.47
CA PHE H 48 7.25 42.77 -14.32
C PHE H 48 6.78 44.12 -13.79
N LEU H 49 6.40 44.18 -12.52
CA LEU H 49 5.92 45.44 -11.94
C LEU H 49 7.00 46.52 -11.90
N GLN H 50 8.27 46.16 -11.74
CA GLN H 50 9.33 47.15 -11.89
C GLN H 50 9.43 47.67 -13.32
N SER H 51 9.33 46.78 -14.31
CA SER H 51 9.42 47.21 -15.70
C SER H 51 8.23 48.08 -16.10
N GLU H 52 7.06 47.86 -15.51
CA GLU H 52 5.93 48.75 -15.78
C GLU H 52 6.15 50.15 -15.21
N SER H 53 6.78 50.25 -14.04
CA SER H 53 7.38 51.51 -13.61
C SER H 53 8.25 51.27 -12.38
N ASN H 54 9.40 51.93 -12.33
CA ASN H 54 10.32 51.84 -11.21
C ASN H 54 9.97 52.77 -10.04
N LYS H 55 8.98 53.65 -10.21
CA LYS H 55 8.62 54.63 -9.19
C LYS H 55 7.45 54.21 -8.32
N LYS H 56 6.43 53.59 -8.91
CA LYS H 56 5.21 53.29 -8.17
C LYS H 56 5.46 52.19 -7.14
N PRO H 57 4.96 52.35 -5.93
CA PRO H 57 5.10 51.30 -4.91
C PRO H 57 4.45 49.99 -5.33
N ILE H 58 4.93 48.91 -4.74
CA ILE H 58 4.35 47.58 -4.84
C ILE H 58 3.83 47.17 -3.47
N HIS H 59 2.69 46.50 -3.43
CA HIS H 59 2.12 45.97 -2.19
C HIS H 59 2.27 44.45 -2.17
N MET H 60 2.93 43.93 -1.14
CA MET H 60 3.10 42.49 -0.94
C MET H 60 2.24 42.07 0.25
N TYR H 61 1.24 41.24 -0.02
CA TYR H 61 0.38 40.67 1.01
C TYR H 61 0.89 39.28 1.39
N ILE H 62 1.22 39.10 2.66
CA ILE H 62 1.90 37.90 3.15
C ILE H 62 0.97 37.14 4.08
N ASN H 63 0.65 35.89 3.72
CA ASN H 63 0.01 34.93 4.61
C ASN H 63 0.72 33.59 4.43
N SER H 64 1.75 33.35 5.24
CA SER H 64 2.62 32.21 5.01
C SER H 64 3.05 31.51 6.29
N PRO H 65 3.03 30.18 6.31
CA PRO H 65 3.64 29.43 7.42
C PRO H 65 5.17 29.34 7.36
N GLY H 66 5.80 29.78 6.28
CA GLY H 66 7.24 29.61 6.09
C GLY H 66 7.64 28.87 4.83
N GLY H 67 8.84 28.31 4.78
CA GLY H 67 9.27 27.65 3.57
C GLY H 67 10.78 27.48 3.49
N VAL H 68 11.24 27.19 2.28
CA VAL H 68 12.64 26.93 1.95
C VAL H 68 13.46 28.22 2.07
N VAL H 69 14.61 28.11 2.74
CA VAL H 69 15.48 29.27 2.97
C VAL H 69 15.96 29.93 1.67
N THR H 70 16.51 29.15 0.75
CA THR H 70 17.03 29.77 -0.48
C THR H 70 15.93 30.36 -1.36
N ALA H 71 14.75 29.73 -1.38
CA ALA H 71 13.61 30.32 -2.09
C ALA H 71 13.20 31.65 -1.46
N GLY H 72 13.14 31.69 -0.13
CA GLY H 72 12.86 32.93 0.58
C GLY H 72 13.93 34.00 0.39
N LEU H 73 15.20 33.61 0.48
CA LEU H 73 16.29 34.55 0.22
C LEU H 73 16.28 35.07 -1.21
N ALA H 74 15.85 34.24 -2.17
CA ALA H 74 15.65 34.72 -3.53
C ALA H 74 14.67 35.89 -3.57
N ILE H 75 13.48 35.71 -3.00
CA ILE H 75 12.49 36.78 -2.93
C ILE H 75 13.06 38.00 -2.20
N TYR H 76 13.68 37.78 -1.04
CA TYR H 76 14.25 38.87 -0.26
C TYR H 76 15.26 39.70 -1.04
N ASP H 77 16.19 39.05 -1.75
CA ASP H 77 17.13 39.78 -2.61
C ASP H 77 16.45 40.56 -3.72
N THR H 78 15.45 39.96 -4.38
CA THR H 78 14.66 40.67 -5.37
C THR H 78 14.01 41.92 -4.79
N MET H 79 13.43 41.82 -3.59
CA MET H 79 12.82 42.97 -2.95
C MET H 79 13.82 44.10 -2.71
N GLN H 80 15.03 43.75 -2.27
CA GLN H 80 16.08 44.75 -2.09
C GLN H 80 16.57 45.32 -3.41
N TYR H 81 16.67 44.49 -4.45
CA TYR H 81 17.31 44.91 -5.69
C TYR H 81 16.45 45.88 -6.50
N ILE H 82 15.15 45.64 -6.63
CA ILE H 82 14.30 46.55 -7.39
C ILE H 82 14.19 47.91 -6.71
N LEU H 83 14.05 48.95 -7.52
CA LEU H 83 14.04 50.33 -7.05
C LEU H 83 12.74 50.71 -6.34
N ASN H 84 11.64 50.05 -6.67
CA ASN H 84 10.35 50.41 -6.10
C ASN H 84 10.33 50.28 -4.58
N PRO H 85 9.70 51.21 -3.88
CA PRO H 85 9.31 50.94 -2.49
C PRO H 85 8.30 49.80 -2.44
N ILE H 86 8.43 48.95 -1.42
CA ILE H 86 7.56 47.80 -1.22
C ILE H 86 6.87 47.91 0.13
N CYS H 87 5.54 47.99 0.11
CA CYS H 87 4.73 47.87 1.31
C CYS H 87 4.40 46.40 1.56
N THR H 88 4.67 45.94 2.77
CA THR H 88 4.35 44.58 3.19
C THR H 88 3.16 44.57 4.15
N TRP H 89 2.28 43.59 3.95
CA TRP H 89 1.06 43.43 4.74
C TRP H 89 1.02 42.01 5.32
N CYS H 90 1.05 41.91 6.65
CA CYS H 90 0.78 40.64 7.32
C CYS H 90 -0.72 40.44 7.44
N VAL H 91 -1.24 39.42 6.77
CA VAL H 91 -2.63 39.00 6.89
C VAL H 91 -2.64 37.57 7.40
N GLY H 92 -3.27 37.35 8.55
CA GLY H 92 -3.37 36.02 9.12
C GLY H 92 -2.15 35.53 9.88
N GLN H 93 -1.07 35.17 9.19
CA GLN H 93 0.16 34.82 9.87
C GLN H 93 1.39 35.16 9.02
N ALA H 94 2.51 35.38 9.71
CA ALA H 94 3.83 35.41 9.08
C ALA H 94 4.79 34.66 9.98
N ALA H 95 5.16 33.45 9.57
CA ALA H 95 6.04 32.55 10.31
C ALA H 95 7.25 32.20 9.45
N SER H 96 8.40 32.00 10.10
CA SER H 96 9.67 31.74 9.43
C SER H 96 9.98 32.79 8.37
N MET H 97 10.11 32.31 7.13
CA MET H 97 10.43 33.17 5.99
C MET H 97 9.39 34.27 5.81
N GLY H 98 8.12 33.97 6.07
CA GLY H 98 7.08 34.99 6.01
C GLY H 98 7.30 36.17 6.93
N SER H 99 7.77 35.91 8.15
CA SER H 99 8.11 37.00 9.05
C SER H 99 9.35 37.77 8.58
N LEU H 100 10.32 37.06 7.98
CA LEU H 100 11.50 37.73 7.43
C LEU H 100 11.14 38.64 6.25
N LEU H 101 10.34 38.14 5.31
CA LEU H 101 9.88 38.96 4.19
C LEU H 101 9.05 40.16 4.64
N LEU H 102 8.19 39.98 5.64
CA LEU H 102 7.47 41.09 6.25
C LEU H 102 8.41 42.16 6.78
N ALA H 103 9.45 41.75 7.52
CA ALA H 103 10.42 42.71 8.05
C ALA H 103 11.24 43.39 6.95
N ALA H 104 11.39 42.76 5.78
CA ALA H 104 12.18 43.31 4.69
C ALA H 104 11.48 44.41 3.89
N GLY H 105 10.24 44.75 4.21
CA GLY H 105 9.58 45.85 3.53
C GLY H 105 10.23 47.19 3.80
N THR H 106 9.97 48.12 2.89
CA THR H 106 10.49 49.49 3.00
C THR H 106 10.17 50.08 4.36
N PRO H 107 11.15 50.67 5.06
CA PRO H 107 10.89 51.26 6.37
C PRO H 107 9.74 52.27 6.36
N GLY H 108 8.90 52.18 7.40
CA GLY H 108 7.64 52.90 7.51
C GLY H 108 6.50 52.35 6.70
N MET H 109 6.69 51.24 5.98
CA MET H 109 5.71 50.68 5.06
C MET H 109 5.38 49.22 5.38
N ARG H 110 5.64 48.78 6.61
CA ARG H 110 5.43 47.39 7.01
C ARG H 110 4.23 47.34 7.95
N HIS H 111 3.20 46.59 7.55
CA HIS H 111 1.88 46.66 8.15
C HIS H 111 1.45 45.29 8.66
N SER H 112 0.67 45.30 9.74
CA SER H 112 -0.12 44.14 10.15
C SER H 112 -1.56 44.55 10.39
N LEU H 113 -2.49 43.64 10.08
CA LEU H 113 -3.83 43.66 10.63
C LEU H 113 -3.85 43.30 12.13
N PRO H 114 -4.93 43.65 12.83
CA PRO H 114 -4.96 43.50 14.31
C PRO H 114 -4.76 42.09 14.86
N ASN H 115 -5.24 41.06 14.17
CA ASN H 115 -5.27 39.71 14.73
C ASN H 115 -4.27 38.75 14.08
N SER H 116 -3.33 39.25 13.27
CA SER H 116 -2.29 38.39 12.71
C SER H 116 -1.33 37.90 13.79
N ARG H 117 -0.77 36.71 13.58
CA ARG H 117 0.31 36.18 14.41
C ARG H 117 1.64 36.21 13.66
N ILE H 118 2.70 36.72 14.31
CA ILE H 118 4.07 36.61 13.81
C ILE H 118 4.81 35.55 14.61
N MET H 119 5.59 34.70 13.93
CA MET H 119 6.51 33.78 14.61
C MET H 119 7.89 33.83 13.97
N ILE H 120 8.92 33.92 14.80
CA ILE H 120 10.33 33.85 14.38
C ILE H 120 11.00 32.63 15.03
N HIS H 121 11.89 31.99 14.29
CA HIS H 121 12.73 30.92 14.85
C HIS H 121 13.95 30.69 13.96
N GLN H 122 14.94 29.98 14.52
CA GLN H 122 16.11 29.51 13.77
C GLN H 122 15.74 28.51 12.67
N PRO H 123 16.60 28.36 11.67
CA PRO H 123 16.38 27.34 10.63
C PRO H 123 16.57 25.91 11.13
N SER H 124 15.93 25.00 10.41
CA SER H 124 15.98 23.55 10.64
C SER H 124 16.32 22.83 9.34
N GLY H 125 16.88 21.63 9.47
CA GLY H 125 17.21 20.84 8.30
C GLY H 125 17.61 19.41 8.60
N GLY H 126 18.44 18.81 7.73
CA GLY H 126 18.95 17.49 7.95
C GLY H 126 20.32 17.31 7.33
N ALA H 127 20.99 16.23 7.71
CA ALA H 127 22.27 15.85 7.13
C ALA H 127 22.37 14.32 7.05
N ARG H 128 23.09 13.84 6.04
CA ARG H 128 23.28 12.41 5.82
C ARG H 128 24.64 12.15 5.19
N GLY H 129 25.07 10.90 5.30
CA GLY H 129 26.27 10.42 4.63
C GLY H 129 27.40 10.07 5.58
N GLN H 130 28.60 10.09 5.03
CA GLN H 130 29.81 9.91 5.83
C GLN H 130 30.01 11.08 6.78
N ALA H 131 30.82 10.84 7.81
CA ALA H 131 31.12 11.89 8.79
C ALA H 131 31.66 13.16 8.15
N THR H 132 32.47 13.02 7.09
CA THR H 132 32.95 14.21 6.36
C THR H 132 31.83 14.95 5.64
N ASP H 133 30.90 14.23 5.02
CA ASP H 133 29.74 14.86 4.39
C ASP H 133 28.85 15.55 5.41
N ILE H 134 28.66 14.93 6.58
CA ILE H 134 27.87 15.53 7.64
C ILE H 134 28.52 16.79 8.19
N ALA H 135 29.84 16.78 8.37
CA ALA H 135 30.54 17.97 8.85
C ALA H 135 30.38 19.15 7.88
N ILE H 136 30.43 18.89 6.58
CA ILE H 136 30.18 19.91 5.57
C ILE H 136 28.75 20.46 5.66
N GLN H 137 27.77 19.57 5.70
CA GLN H 137 26.38 20.01 5.75
C GLN H 137 26.03 20.78 7.03
N ALA H 138 26.55 20.34 8.18
CA ALA H 138 26.37 21.11 9.42
C ALA H 138 27.02 22.48 9.35
N GLU H 139 28.22 22.58 8.79
CA GLU H 139 28.86 23.86 8.56
C GLU H 139 28.00 24.78 7.68
N GLU H 140 27.33 24.22 6.68
CA GLU H 140 26.49 25.01 5.79
C GLU H 140 25.23 25.54 6.50
N ILE H 141 24.52 24.71 7.27
CA ILE H 141 23.35 25.24 7.97
C ILE H 141 23.74 26.25 9.06
N MET H 142 24.91 26.10 9.67
CA MET H 142 25.39 27.11 10.61
C MET H 142 25.63 28.46 9.92
N LYS H 143 26.29 28.44 8.77
CA LYS H 143 26.48 29.67 7.99
C LYS H 143 25.14 30.31 7.63
N LEU H 144 24.18 29.52 7.15
CA LEU H 144 22.87 30.06 6.84
C LEU H 144 22.19 30.68 8.06
N LYS H 145 22.32 30.06 9.23
CA LYS H 145 21.78 30.63 10.45
C LYS H 145 22.35 32.02 10.73
N LYS H 146 23.69 32.15 10.69
CA LYS H 146 24.33 33.45 10.89
C LYS H 146 23.87 34.48 9.85
N GLN H 147 23.83 34.07 8.58
CA GLN H 147 23.31 34.92 7.51
C GLN H 147 21.93 35.48 7.85
N LEU H 148 20.97 34.61 8.17
CA LEU H 148 19.62 35.02 8.49
C LEU H 148 19.56 35.96 9.69
N TYR H 149 20.32 35.66 10.75
CA TYR H 149 20.36 36.54 11.92
C TYR H 149 20.88 37.93 11.60
N ASN H 150 21.86 38.04 10.69
CA ASN H 150 22.30 39.35 10.22
C ASN H 150 21.18 40.11 9.52
N ILE H 151 20.44 39.44 8.64
CA ILE H 151 19.29 40.05 7.98
C ILE H 151 18.29 40.59 8.99
N TYR H 152 17.88 39.77 9.96
CA TYR H 152 16.91 40.22 10.95
C TYR H 152 17.44 41.39 11.78
N ALA H 153 18.71 41.35 12.17
CA ALA H 153 19.32 42.46 12.89
C ALA H 153 19.29 43.75 12.08
N LYS H 154 19.63 43.68 10.80
CA LYS H 154 19.59 44.84 9.92
C LYS H 154 18.22 45.53 9.90
N HIS H 155 17.15 44.76 9.64
CA HIS H 155 15.84 45.37 9.40
C HIS H 155 15.07 45.68 10.68
N THR H 156 15.31 44.95 11.76
CA THR H 156 14.64 45.22 13.03
C THR H 156 15.41 46.17 13.94
N LYS H 157 16.71 46.36 13.67
CA LYS H 157 17.65 47.18 14.45
C LYS H 157 18.00 46.57 15.80
N GLN H 158 17.55 45.35 16.08
CA GLN H 158 18.00 44.66 17.27
C GLN H 158 19.44 44.21 17.10
N SER H 159 20.16 44.11 18.22
CA SER H 159 21.50 43.55 18.21
C SER H 159 21.46 42.05 17.93
N LEU H 160 22.60 41.53 17.47
CA LEU H 160 22.73 40.09 17.22
C LEU H 160 22.39 39.26 18.46
N GLN H 161 22.87 39.70 19.63
CA GLN H 161 22.60 38.98 20.87
C GLN H 161 21.10 38.81 21.10
N VAL H 162 20.34 39.90 20.97
CA VAL H 162 18.88 39.84 21.10
C VAL H 162 18.29 38.86 20.10
N ILE H 163 18.69 38.97 18.83
CA ILE H 163 18.22 38.05 17.78
C ILE H 163 18.46 36.60 18.16
N GLU H 164 19.70 36.27 18.53
CA GLU H 164 20.05 34.90 18.90
C GLU H 164 19.20 34.37 20.05
N SER H 165 19.06 35.18 21.10
CA SER H 165 18.21 34.81 22.23
C SER H 165 16.76 34.57 21.82
N ALA H 166 16.20 35.45 20.98
CA ALA H 166 14.80 35.36 20.61
C ALA H 166 14.50 34.16 19.71
N MET H 167 15.42 33.78 18.82
CA MET H 167 15.15 32.77 17.80
C MET H 167 15.61 31.36 18.17
N GLU H 168 16.22 31.16 19.35
CA GLU H 168 16.62 29.82 19.75
C GLU H 168 15.43 28.85 19.71
N ARG H 169 14.28 29.28 20.22
CA ARG H 169 13.04 28.53 20.17
C ARG H 169 11.99 29.33 19.40
N ASP H 170 10.91 28.65 19.01
CA ASP H 170 9.74 29.33 18.45
C ASP H 170 9.24 30.46 19.34
N ARG H 171 9.10 31.64 18.75
CA ARG H 171 8.71 32.85 19.45
C ARG H 171 7.53 33.51 18.73
N TYR H 172 6.34 33.31 19.26
CA TYR H 172 5.15 33.93 18.68
C TYR H 172 4.95 35.34 19.20
N MET H 173 4.49 36.22 18.31
CA MET H 173 4.29 37.64 18.60
C MET H 173 2.91 38.09 18.16
N SER H 174 2.29 38.95 18.97
CA SER H 174 1.20 39.76 18.50
C SER H 174 1.75 40.88 17.60
N PRO H 175 0.89 41.48 16.77
CA PRO H 175 1.34 42.66 15.98
C PRO H 175 1.97 43.78 16.80
N MET H 176 1.40 44.13 17.95
CA MET H 176 2.02 45.15 18.80
C MET H 176 3.40 44.73 19.29
N GLU H 177 3.53 43.48 19.76
CA GLU H 177 4.86 42.94 20.10
C GLU H 177 5.82 42.99 18.91
N ALA H 178 5.37 42.56 17.73
CA ALA H 178 6.18 42.64 16.53
C ALA H 178 6.63 44.09 16.24
N GLN H 179 5.70 45.05 16.34
CA GLN H 179 6.07 46.45 16.19
C GLN H 179 7.14 46.87 17.19
N GLU H 180 6.96 46.52 18.47
CA GLU H 180 7.97 46.78 19.47
C GLU H 180 9.31 46.14 19.11
N PHE H 181 9.28 44.91 18.58
CA PHE H 181 10.49 44.21 18.18
C PHE H 181 11.17 44.90 17.01
N GLY H 182 10.42 45.59 16.16
CA GLY H 182 10.93 46.16 14.93
C GLY H 182 10.68 45.38 13.67
N ILE H 183 9.82 44.36 13.71
CA ILE H 183 9.50 43.61 12.50
C ILE H 183 8.59 44.42 11.60
N LEU H 184 7.71 45.25 12.18
CA LEU H 184 6.76 46.06 11.42
C LEU H 184 6.58 47.42 12.06
N ASP H 185 5.97 48.33 11.29
CA ASP H 185 5.78 49.73 11.66
C ASP H 185 4.37 50.05 12.14
N LYS H 186 3.33 49.62 11.41
CA LYS H 186 1.96 49.99 11.70
C LYS H 186 1.06 48.78 11.87
N VAL H 187 0.24 48.82 12.91
CA VAL H 187 -0.90 47.92 13.12
C VAL H 187 -2.17 48.72 12.85
N LEU H 188 -2.81 48.46 11.71
CA LEU H 188 -3.95 49.24 11.25
C LEU H 188 -5.24 48.44 11.40
N VAL H 189 -6.26 49.08 11.97
CA VAL H 189 -7.61 48.53 12.04
C VAL H 189 -8.38 48.89 10.79
N HIS H 190 -8.50 50.19 10.50
CA HIS H 190 -9.18 50.73 9.34
C HIS H 190 -8.23 51.61 8.54
N PRO H 191 -8.46 51.77 7.23
CA PRO H 191 -7.59 52.65 6.44
C PRO H 191 -7.82 54.12 6.75
N ILE I 2 -0.47 30.40 -11.93
CA ILE I 2 0.32 31.26 -12.85
C ILE I 2 -0.55 32.41 -13.34
N PRO I 3 -0.21 33.69 -13.06
CA PRO I 3 -1.03 34.85 -13.42
C PRO I 3 -0.87 35.29 -14.88
N ILE I 4 -1.84 36.07 -15.37
CA ILE I 4 -1.93 36.59 -16.74
C ILE I 4 -1.85 38.12 -16.79
N VAL I 5 -1.02 38.65 -17.68
CA VAL I 5 -0.83 40.08 -17.96
C VAL I 5 -1.69 40.52 -19.15
N ALA I 15 2.52 35.56 -24.73
CA ALA I 15 2.85 36.82 -24.06
C ALA I 15 1.86 37.18 -22.93
N TYR I 16 0.83 36.36 -22.71
CA TYR I 16 -0.21 36.59 -21.71
C TYR I 16 0.21 36.13 -20.31
N ASP I 17 0.48 34.84 -20.08
CA ASP I 17 0.97 34.39 -18.77
C ASP I 17 2.35 34.98 -18.42
N ILE I 18 2.67 35.07 -17.13
CA ILE I 18 3.83 35.86 -16.66
C ILE I 18 5.18 35.42 -17.24
N TYR I 19 5.45 34.13 -17.41
CA TYR I 19 6.70 33.68 -18.05
C TYR I 19 6.77 34.04 -19.52
N SER I 20 5.67 33.92 -20.27
CA SER I 20 5.62 34.38 -21.66
C SER I 20 5.84 35.89 -21.76
N ARG I 21 5.26 36.66 -20.83
CA ARG I 21 5.44 38.11 -20.75
C ARG I 21 6.92 38.47 -20.52
N LEU I 22 7.64 37.68 -19.72
CA LEU I 22 9.08 37.86 -19.53
C LEU I 22 9.87 37.45 -20.78
N LEU I 23 9.42 36.40 -21.47
CA LEU I 23 10.06 36.00 -22.72
C LEU I 23 10.18 37.16 -23.70
N ARG I 24 9.14 37.99 -23.80
CA ARG I 24 9.23 39.19 -24.65
C ARG I 24 10.38 40.11 -24.23
N GLU I 25 10.80 40.04 -22.97
CA GLU I 25 11.97 40.77 -22.47
C GLU I 25 13.27 40.03 -22.75
N ARG I 26 13.22 38.90 -23.45
CA ARG I 26 14.38 38.02 -23.64
C ARG I 26 14.92 37.48 -22.32
N ILE I 27 14.02 37.16 -21.39
CA ILE I 27 14.38 36.57 -20.10
C ILE I 27 13.94 35.11 -20.12
N VAL I 28 14.88 34.21 -19.88
CA VAL I 28 14.62 32.77 -19.74
C VAL I 28 14.83 32.39 -18.28
N CYS I 29 13.86 31.68 -17.71
CA CYS I 29 13.92 31.22 -16.32
C CYS I 29 14.32 29.74 -16.28
N VAL I 30 15.44 29.45 -15.62
CA VAL I 30 15.87 28.09 -15.34
C VAL I 30 15.66 27.80 -13.85
N MET I 31 14.53 27.19 -13.51
CA MET I 31 14.05 27.08 -12.13
C MET I 31 13.84 25.63 -11.74
N GLY I 32 14.31 25.26 -10.56
CA GLY I 32 14.18 23.92 -10.05
C GLY I 32 15.08 22.90 -10.71
N PRO I 33 14.79 21.61 -10.47
CA PRO I 33 15.62 20.54 -11.02
C PRO I 33 15.68 20.58 -12.54
N ILE I 34 16.86 20.34 -13.07
CA ILE I 34 17.08 20.33 -14.52
C ILE I 34 16.97 18.90 -15.03
N ASP I 35 15.92 18.62 -15.79
CA ASP I 35 15.71 17.34 -16.45
C ASP I 35 15.52 17.59 -17.96
N ASP I 36 15.24 16.50 -18.70
CA ASP I 36 15.07 16.59 -20.14
C ASP I 36 13.95 17.57 -20.52
N SER I 37 12.81 17.49 -19.85
CA SER I 37 11.71 18.40 -20.14
C SER I 37 12.12 19.86 -19.94
N VAL I 38 12.71 20.16 -18.79
CA VAL I 38 13.19 21.51 -18.50
C VAL I 38 14.20 21.95 -19.56
N ALA I 39 15.17 21.08 -19.86
CA ALA I 39 16.18 21.37 -20.88
C ALA I 39 15.54 21.62 -22.24
N SER I 40 14.62 20.75 -22.66
CA SER I 40 13.87 20.95 -23.89
C SER I 40 13.26 22.34 -23.97
N LEU I 41 12.52 22.76 -22.93
CA LEU I 41 11.93 24.09 -22.88
C LEU I 41 12.96 25.19 -23.04
N VAL I 42 14.02 25.17 -22.22
CA VAL I 42 15.03 26.24 -22.26
C VAL I 42 15.68 26.34 -23.63
N ILE I 43 16.04 25.21 -24.24
CA ILE I 43 16.63 25.22 -25.58
C ILE I 43 15.68 25.83 -26.60
N ALA I 44 14.42 25.40 -26.57
CA ALA I 44 13.39 25.99 -27.44
C ALA I 44 13.34 27.51 -27.31
N GLN I 45 13.32 28.02 -26.08
CA GLN I 45 13.29 29.47 -25.86
C GLN I 45 14.55 30.15 -26.37
N LEU I 46 15.71 29.55 -26.13
CA LEU I 46 16.98 30.11 -26.63
C LEU I 46 17.02 30.16 -28.15
N LEU I 47 16.56 29.10 -28.82
CA LEU I 47 16.51 29.09 -30.28
C LEU I 47 15.49 30.09 -30.82
N PHE I 48 14.32 30.19 -30.19
CA PHE I 48 13.37 31.23 -30.53
C PHE I 48 13.96 32.62 -30.38
N LEU I 49 14.55 32.91 -29.21
CA LEU I 49 15.15 34.24 -29.00
C LEU I 49 16.31 34.55 -29.92
N GLN I 50 17.08 33.54 -30.32
CA GLN I 50 18.09 33.77 -31.36
C GLN I 50 17.45 34.12 -32.70
N SER I 51 16.39 33.41 -33.10
CA SER I 51 15.73 33.70 -34.36
C SER I 51 15.08 35.07 -34.38
N GLU I 52 14.61 35.55 -33.22
CA GLU I 52 14.07 36.91 -33.16
C GLU I 52 15.16 37.96 -33.35
N SER I 53 16.36 37.72 -32.82
CA SER I 53 17.55 38.44 -33.27
C SER I 53 18.78 37.78 -32.69
N ASN I 54 19.84 37.70 -33.50
CA ASN I 54 21.12 37.14 -33.07
C ASN I 54 22.02 38.12 -32.35
N LYS I 55 21.65 39.40 -32.28
CA LYS I 55 22.47 40.44 -31.66
C LYS I 55 22.09 40.76 -30.22
N LYS I 56 20.79 40.79 -29.92
CA LYS I 56 20.36 41.24 -28.61
C LYS I 56 20.71 40.21 -27.54
N PRO I 57 21.24 40.65 -26.40
CA PRO I 57 21.54 39.71 -25.31
C PRO I 57 20.30 38.97 -24.81
N ILE I 58 20.54 37.82 -24.21
CA ILE I 58 19.54 37.04 -23.49
C ILE I 58 19.93 37.01 -22.02
N HIS I 59 18.93 37.09 -21.14
CA HIS I 59 19.13 36.98 -19.71
C HIS I 59 18.61 35.64 -19.21
N MET I 60 19.47 34.87 -18.56
CA MET I 60 19.12 33.58 -17.97
C MET I 60 19.13 33.72 -16.45
N TYR I 61 17.97 33.58 -15.82
CA TYR I 61 17.84 33.61 -14.38
C TYR I 61 17.83 32.18 -13.85
N ILE I 62 18.77 31.87 -12.97
CA ILE I 62 19.04 30.51 -12.52
C ILE I 62 18.71 30.41 -11.03
N ASN I 63 17.76 29.54 -10.69
CA ASN I 63 17.51 29.11 -9.31
C ASN I 63 17.30 27.60 -9.32
N SER I 64 18.38 26.85 -9.15
CA SER I 64 18.32 25.42 -9.36
C SER I 64 19.13 24.63 -8.34
N PRO I 65 18.56 23.52 -7.83
CA PRO I 65 19.36 22.59 -7.02
C PRO I 65 20.26 21.66 -7.83
N GLY I 66 20.18 21.65 -9.16
CA GLY I 66 20.92 20.72 -9.99
C GLY I 66 20.05 19.85 -10.90
N GLY I 67 20.57 18.72 -11.36
CA GLY I 67 19.80 17.90 -12.27
C GLY I 67 20.66 16.92 -13.06
N VAL I 68 20.05 16.40 -14.12
CA VAL I 68 20.66 15.41 -15.01
C VAL I 68 21.79 16.01 -15.82
N VAL I 69 22.92 15.30 -15.88
CA VAL I 69 24.12 15.79 -16.58
C VAL I 69 23.87 16.05 -18.06
N THR I 70 23.30 15.07 -18.78
CA THR I 70 23.11 15.27 -20.22
C THR I 70 22.09 16.36 -20.53
N ALA I 71 21.05 16.49 -19.71
CA ALA I 71 20.11 17.61 -19.87
C ALA I 71 20.80 18.95 -19.67
N GLY I 72 21.62 19.04 -18.63
CA GLY I 72 22.41 20.24 -18.40
C GLY I 72 23.43 20.52 -19.49
N LEU I 73 24.15 19.50 -19.94
CA LEU I 73 25.08 19.68 -21.05
C LEU I 73 24.37 20.08 -22.34
N ALA I 74 23.15 19.62 -22.55
CA ALA I 74 22.34 20.09 -23.67
C ALA I 74 22.17 21.61 -23.62
N ILE I 75 21.69 22.13 -22.49
CA ILE I 75 21.55 23.57 -22.30
C ILE I 75 22.88 24.28 -22.50
N TYR I 76 23.93 23.78 -21.84
CA TYR I 76 25.25 24.38 -21.94
C TYR I 76 25.75 24.50 -23.38
N ASP I 77 25.63 23.44 -24.17
CA ASP I 77 25.99 23.50 -25.59
C ASP I 77 25.16 24.50 -26.38
N THR I 78 23.85 24.54 -26.14
CA THR I 78 23.00 25.56 -26.75
C THR I 78 23.47 26.97 -26.43
N MET I 79 23.81 27.22 -25.16
CA MET I 79 24.32 28.54 -24.77
C MET I 79 25.58 28.92 -25.54
N GLN I 80 26.51 27.97 -25.70
CA GLN I 80 27.72 28.23 -26.47
C GLN I 80 27.42 28.40 -27.95
N TYR I 81 26.49 27.62 -28.50
CA TYR I 81 26.27 27.60 -29.94
C TYR I 81 25.61 28.87 -30.47
N ILE I 82 24.58 29.38 -29.80
CA ILE I 82 23.92 30.61 -30.27
C ILE I 82 24.87 31.80 -30.20
N LEU I 83 24.68 32.73 -31.13
CA LEU I 83 25.55 33.89 -31.27
C LEU I 83 25.32 34.96 -30.20
N ASN I 84 24.12 35.00 -29.61
CA ASN I 84 23.80 36.04 -28.64
C ASN I 84 24.71 35.96 -27.42
N PRO I 85 25.14 37.10 -26.88
CA PRO I 85 25.65 37.12 -25.51
C PRO I 85 24.56 36.73 -24.53
N ILE I 86 24.95 35.98 -23.50
CA ILE I 86 24.03 35.51 -22.47
C ILE I 86 24.49 36.01 -21.11
N CYS I 87 23.65 36.81 -20.46
CA CYS I 87 23.83 37.19 -19.07
C CYS I 87 23.18 36.16 -18.17
N THR I 88 23.93 35.65 -17.20
CA THR I 88 23.42 34.70 -16.22
C THR I 88 23.27 35.37 -14.86
N TRP I 89 22.16 35.04 -14.18
CA TRP I 89 21.81 35.60 -12.88
C TRP I 89 21.57 34.46 -11.90
N CYS I 90 22.38 34.38 -10.85
CA CYS I 90 22.11 33.49 -9.72
C CYS I 90 21.14 34.16 -8.76
N VAL I 91 19.95 33.58 -8.64
CA VAL I 91 18.96 34.01 -7.67
C VAL I 91 18.67 32.83 -6.75
N GLY I 92 18.91 33.02 -5.46
CA GLY I 92 18.66 31.99 -4.47
C GLY I 92 19.73 30.91 -4.35
N GLN I 93 19.84 30.01 -5.31
CA GLN I 93 20.93 29.04 -5.30
C GLN I 93 21.32 28.64 -6.72
N ALA I 94 22.57 28.22 -6.85
CA ALA I 94 23.03 27.49 -8.04
C ALA I 94 23.92 26.34 -7.58
N ALA I 95 23.39 25.12 -7.63
CA ALA I 95 24.06 23.90 -7.20
C ALA I 95 24.15 22.93 -8.37
N SER I 96 25.23 22.13 -8.40
CA SER I 96 25.51 21.20 -9.48
C SER I 96 25.46 21.88 -10.84
N MET I 97 24.56 21.38 -11.69
CA MET I 97 24.39 21.89 -13.05
C MET I 97 24.06 23.38 -13.05
N GLY I 98 23.29 23.85 -12.07
CA GLY I 98 22.99 25.26 -11.95
C GLY I 98 24.22 26.15 -11.78
N SER I 99 25.19 25.69 -10.99
CA SER I 99 26.45 26.43 -10.89
C SER I 99 27.26 26.37 -12.17
N LEU I 100 27.22 25.24 -12.88
CA LEU I 100 27.91 25.13 -14.16
C LEU I 100 27.30 26.06 -15.22
N LEU I 101 25.98 26.07 -15.35
CA LEU I 101 25.30 26.98 -16.27
C LEU I 101 25.55 28.45 -15.93
N LEU I 102 25.56 28.79 -14.65
CA LEU I 102 25.94 30.13 -14.21
C LEU I 102 27.34 30.51 -14.68
N ALA I 103 28.32 29.61 -14.51
CA ALA I 103 29.68 29.87 -14.97
C ALA I 103 29.80 29.97 -16.49
N ALA I 104 28.88 29.33 -17.23
CA ALA I 104 28.91 29.33 -18.70
C ALA I 104 28.42 30.62 -19.34
N GLY I 105 27.95 31.59 -18.57
CA GLY I 105 27.56 32.86 -19.15
C GLY I 105 28.72 33.63 -19.77
N THR I 106 28.36 34.53 -20.69
CA THR I 106 29.32 35.37 -21.38
C THR I 106 30.24 36.07 -20.37
N PRO I 107 31.55 36.03 -20.57
CA PRO I 107 32.47 36.69 -19.64
C PRO I 107 32.13 38.16 -19.42
N GLY I 108 32.23 38.58 -18.15
CA GLY I 108 31.79 39.87 -17.67
C GLY I 108 30.29 40.03 -17.49
N MET I 109 29.50 38.99 -17.75
CA MET I 109 28.04 39.05 -17.73
C MET I 109 27.43 38.03 -16.78
N ARG I 110 28.19 37.54 -15.80
CA ARG I 110 27.74 36.52 -14.89
C ARG I 110 27.54 37.16 -13.51
N HIS I 111 26.31 37.10 -13.01
CA HIS I 111 25.86 37.90 -11.87
C HIS I 111 25.35 37.01 -10.75
N SER I 112 25.53 37.48 -9.52
CA SER I 112 24.79 36.96 -8.37
C SER I 112 24.20 38.11 -7.57
N LEU I 113 23.01 37.86 -7.01
CA LEU I 113 22.50 38.62 -5.88
C LEU I 113 23.31 38.37 -4.59
N PRO I 114 23.20 39.27 -3.61
CA PRO I 114 24.06 39.19 -2.41
C PRO I 114 23.95 37.93 -1.58
N ASN I 115 22.77 37.32 -1.46
CA ASN I 115 22.54 36.22 -0.53
C ASN I 115 22.39 34.86 -1.19
N SER I 116 22.67 34.74 -2.48
CA SER I 116 22.64 33.44 -3.15
C SER I 116 23.75 32.51 -2.64
N ARG I 117 23.49 31.22 -2.66
CA ARG I 117 24.48 30.18 -2.39
C ARG I 117 24.87 29.46 -3.67
N ILE I 118 26.18 29.30 -3.91
CA ILE I 118 26.71 28.44 -4.97
C ILE I 118 27.26 27.16 -4.35
N MET I 119 26.98 26.02 -4.97
CA MET I 119 27.62 24.76 -4.59
C MET I 119 28.13 24.02 -5.82
N ILE I 120 29.36 23.53 -5.75
CA ILE I 120 29.97 22.68 -6.78
C ILE I 120 30.31 21.32 -6.20
N HIS I 121 30.15 20.27 -6.99
CA HIS I 121 30.61 18.93 -6.60
C HIS I 121 30.73 18.04 -7.85
N GLN I 122 31.43 16.92 -7.67
CA GLN I 122 31.51 15.87 -8.68
C GLN I 122 30.16 15.21 -8.97
N PRO I 123 30.01 14.59 -10.13
CA PRO I 123 28.79 13.83 -10.44
C PRO I 123 28.63 12.56 -9.63
N SER I 124 27.37 12.13 -9.52
CA SER I 124 26.96 10.92 -8.83
C SER I 124 26.03 10.10 -9.74
N GLY I 125 25.99 8.79 -9.50
CA GLY I 125 25.13 7.93 -10.28
C GLY I 125 24.98 6.51 -9.73
N GLY I 126 24.71 5.56 -10.61
CA GLY I 126 24.62 4.16 -10.22
C GLY I 126 25.05 3.25 -11.36
N ALA I 127 25.26 1.98 -11.01
CA ALA I 127 25.56 0.94 -11.99
C ALA I 127 24.94 -0.38 -11.54
N ARG I 128 24.56 -1.21 -12.52
CA ARG I 128 23.95 -2.50 -12.26
C ARG I 128 24.33 -3.49 -13.35
N GLY I 129 24.15 -4.76 -13.05
CA GLY I 129 24.29 -5.85 -14.00
C GLY I 129 25.49 -6.73 -13.74
N GLN I 130 25.94 -7.40 -14.79
CA GLN I 130 27.14 -8.21 -14.75
C GLN I 130 28.36 -7.32 -14.55
N ALA I 131 29.45 -7.94 -14.09
CA ALA I 131 30.70 -7.24 -13.89
C ALA I 131 31.18 -6.49 -15.13
N THR I 132 30.97 -7.07 -16.31
CA THR I 132 31.30 -6.37 -17.56
C THR I 132 30.43 -5.14 -17.80
N ASP I 133 29.13 -5.23 -17.53
CA ASP I 133 28.24 -4.08 -17.63
C ASP I 133 28.60 -2.99 -16.63
N ILE I 134 28.96 -3.38 -15.42
CA ILE I 134 29.38 -2.42 -14.40
C ILE I 134 30.69 -1.72 -14.79
N ALA I 135 31.65 -2.47 -15.32
CA ALA I 135 32.90 -1.85 -15.77
C ALA I 135 32.67 -0.80 -16.86
N ILE I 136 31.76 -1.07 -17.80
CA ILE I 136 31.38 -0.09 -18.81
C ILE I 136 30.74 1.15 -18.21
N GLN I 137 29.77 0.95 -17.32
CA GLN I 137 29.08 2.10 -16.72
C GLN I 137 29.99 2.95 -15.84
N ALA I 138 30.88 2.32 -15.06
CA ALA I 138 31.87 3.09 -14.31
C ALA I 138 32.83 3.87 -15.20
N GLU I 139 33.28 3.26 -16.30
CA GLU I 139 34.08 3.97 -17.28
C GLU I 139 33.35 5.20 -17.84
N GLU I 140 32.04 5.08 -18.06
CA GLU I 140 31.26 6.20 -18.58
C GLU I 140 31.11 7.34 -17.59
N ILE I 141 30.80 7.06 -16.32
CA ILE I 141 30.72 8.17 -15.36
C ILE I 141 32.08 8.81 -15.09
N MET I 142 33.17 8.05 -15.19
CA MET I 142 34.50 8.64 -15.08
C MET I 142 34.77 9.62 -16.23
N LYS I 143 34.46 9.21 -17.46
CA LYS I 143 34.59 10.11 -18.61
C LYS I 143 33.76 11.38 -18.42
N LEU I 144 32.51 11.25 -17.99
CA LEU I 144 31.69 12.42 -17.74
C LEU I 144 32.30 13.34 -16.69
N LYS I 145 32.86 12.77 -15.63
CA LYS I 145 33.53 13.58 -14.61
C LYS I 145 34.66 14.41 -15.21
N LYS I 146 35.55 13.79 -15.99
CA LYS I 146 36.63 14.51 -16.64
C LYS I 146 36.11 15.59 -17.59
N GLN I 147 35.10 15.26 -18.39
CA GLN I 147 34.43 16.23 -19.25
C GLN I 147 34.00 17.47 -18.47
N LEU I 148 33.21 17.28 -17.41
CA LEU I 148 32.71 18.38 -16.61
C LEU I 148 33.83 19.22 -15.99
N TYR I 149 34.87 18.57 -15.47
CA TYR I 149 36.01 19.29 -14.91
C TYR I 149 36.73 20.16 -15.94
N ASN I 150 36.82 19.70 -17.20
CA ASN I 150 37.35 20.52 -18.27
C ASN I 150 36.50 21.77 -18.50
N ILE I 151 35.18 21.60 -18.54
CA ILE I 151 34.27 22.73 -18.68
C ILE I 151 34.49 23.76 -17.57
N TYR I 152 34.50 23.33 -16.31
CA TYR I 152 34.70 24.26 -15.21
C TYR I 152 36.05 24.95 -15.28
N ALA I 153 37.10 24.21 -15.63
CA ALA I 153 38.42 24.82 -15.80
C ALA I 153 38.43 25.90 -16.88
N LYS I 154 37.79 25.62 -18.02
CA LYS I 154 37.69 26.60 -19.10
C LYS I 154 37.07 27.93 -18.66
N HIS I 155 35.90 27.87 -18.02
CA HIS I 155 35.16 29.10 -17.73
C HIS I 155 35.61 29.81 -16.46
N THR I 156 36.15 29.09 -15.48
CA THR I 156 36.64 29.72 -14.25
C THR I 156 38.12 30.09 -14.32
N LYS I 157 38.87 29.54 -15.28
CA LYS I 157 40.31 29.70 -15.46
C LYS I 157 41.14 29.03 -14.38
N GLN I 158 40.53 28.27 -13.48
CA GLN I 158 41.29 27.47 -12.54
C GLN I 158 41.93 26.29 -13.27
N SER I 159 43.05 25.83 -12.73
CA SER I 159 43.68 24.63 -13.24
C SER I 159 42.85 23.40 -12.89
N LEU I 160 43.08 22.32 -13.64
CA LEU I 160 42.40 21.04 -13.37
C LEU I 160 42.64 20.57 -11.95
N GLN I 161 43.87 20.70 -11.46
CA GLN I 161 44.20 20.27 -10.09
C GLN I 161 43.31 20.96 -9.07
N VAL I 162 43.18 22.29 -9.18
CA VAL I 162 42.29 23.06 -8.30
C VAL I 162 40.86 22.54 -8.39
N ILE I 163 40.35 22.39 -9.63
CA ILE I 163 39.00 21.87 -9.84
C ILE I 163 38.79 20.52 -9.15
N GLU I 164 39.69 19.57 -9.39
CA GLU I 164 39.58 18.24 -8.78
C GLU I 164 39.56 18.31 -7.26
N SER I 165 40.47 19.08 -6.67
CA SER I 165 40.49 19.27 -5.21
C SER I 165 39.18 19.86 -4.69
N ALA I 166 38.65 20.89 -5.36
CA ALA I 166 37.47 21.59 -4.89
C ALA I 166 36.20 20.74 -4.98
N MET I 167 36.08 19.89 -6.00
CA MET I 167 34.83 19.18 -6.28
C MET I 167 34.77 17.75 -5.72
N GLU I 168 35.83 17.29 -5.06
CA GLU I 168 35.80 15.95 -4.46
C GLU I 168 34.60 15.81 -3.51
N ARG I 169 34.36 16.81 -2.68
CA ARG I 169 33.20 16.87 -1.79
C ARG I 169 32.38 18.11 -2.13
N ASP I 170 31.14 18.13 -1.62
CA ASP I 170 30.30 19.33 -1.69
C ASP I 170 31.02 20.57 -1.16
N ARG I 171 31.05 21.62 -1.97
CA ARG I 171 31.76 22.86 -1.68
C ARG I 171 30.80 24.04 -1.86
N TYR I 172 30.28 24.55 -0.75
CA TYR I 172 29.39 25.71 -0.80
C TYR I 172 30.20 27.01 -0.82
N MET I 173 29.70 27.98 -1.58
CA MET I 173 30.34 29.27 -1.78
C MET I 173 29.36 30.41 -1.56
N SER I 174 29.84 31.48 -0.94
CA SER I 174 29.15 32.76 -1.03
C SER I 174 29.40 33.37 -2.41
N PRO I 175 28.57 34.32 -2.84
CA PRO I 175 28.85 35.03 -4.10
C PRO I 175 30.24 35.63 -4.21
N MET I 176 30.76 36.27 -3.15
CA MET I 176 32.13 36.78 -3.20
C MET I 176 33.16 35.67 -3.40
N GLU I 177 33.03 34.57 -2.65
CA GLU I 177 33.87 33.40 -2.88
C GLU I 177 33.76 32.89 -4.31
N ALA I 178 32.53 32.76 -4.82
CA ALA I 178 32.33 32.35 -6.21
C ALA I 178 33.03 33.29 -7.19
N GLN I 179 32.90 34.60 -6.98
CA GLN I 179 33.62 35.57 -7.81
C GLN I 179 35.13 35.33 -7.75
N GLU I 180 35.67 35.17 -6.55
CA GLU I 180 37.09 34.84 -6.40
C GLU I 180 37.45 33.57 -7.14
N PHE I 181 36.59 32.56 -7.08
CA PHE I 181 36.83 31.29 -7.76
C PHE I 181 36.80 31.46 -9.28
N GLY I 182 36.06 32.44 -9.79
CA GLY I 182 35.84 32.61 -11.21
C GLY I 182 34.55 32.05 -11.76
N ILE I 183 33.60 31.69 -10.90
CA ILE I 183 32.31 31.22 -11.39
C ILE I 183 31.47 32.40 -11.91
N LEU I 184 31.62 33.58 -11.31
CA LEU I 184 30.86 34.75 -11.69
C LEU I 184 31.72 36.01 -11.60
N ASP I 185 31.21 37.08 -12.21
CA ASP I 185 31.90 38.36 -12.34
C ASP I 185 31.43 39.43 -11.35
N LYS I 186 30.12 39.62 -11.21
CA LYS I 186 29.57 40.71 -10.41
C LYS I 186 28.59 40.19 -9.37
N VAL I 187 28.74 40.70 -8.14
CA VAL I 187 27.76 40.59 -7.07
C VAL I 187 27.11 41.96 -6.90
N LEU I 188 25.85 42.07 -7.34
CA LEU I 188 25.15 43.34 -7.39
C LEU I 188 24.08 43.40 -6.32
N VAL I 189 24.05 44.51 -5.57
CA VAL I 189 23.00 44.80 -4.61
C VAL I 189 21.84 45.51 -5.30
N HIS I 190 22.13 46.65 -5.94
CA HIS I 190 21.16 47.44 -6.67
C HIS I 190 21.64 47.64 -8.11
N PRO I 191 20.72 47.88 -9.05
CA PRO I 191 21.14 48.11 -10.44
C PRO I 191 21.81 49.46 -10.63
N ILE J 2 4.74 25.30 -20.11
CA ILE J 2 5.03 25.55 -21.54
C ILE J 2 4.62 26.99 -21.89
N PRO J 3 5.56 27.86 -22.33
CA PRO J 3 5.29 29.27 -22.60
C PRO J 3 4.63 29.53 -23.97
N ILE J 4 4.03 30.71 -24.13
CA ILE J 4 3.30 31.16 -25.33
C ILE J 4 3.97 32.39 -25.97
N VAL J 5 4.16 32.34 -27.28
CA VAL J 5 4.69 33.42 -28.14
C VAL J 5 3.56 34.24 -28.74
N ALA J 15 0.65 27.66 -33.42
CA ALA J 15 1.82 28.55 -33.53
C ALA J 15 2.05 29.43 -32.29
N TYR J 16 1.19 29.32 -31.29
CA TYR J 16 1.24 30.10 -30.05
C TYR J 16 2.21 29.52 -29.03
N ASP J 17 2.01 28.30 -28.52
CA ASP J 17 2.97 27.68 -27.60
C ASP J 17 4.33 27.41 -28.26
N ILE J 18 5.41 27.32 -27.47
CA ILE J 18 6.78 27.35 -28.00
C ILE J 18 7.11 26.22 -29.00
N TYR J 19 6.62 25.00 -28.81
CA TYR J 19 6.85 23.92 -29.77
C TYR J 19 6.09 24.15 -31.08
N SER J 20 4.86 24.65 -31.04
CA SER J 20 4.13 25.03 -32.24
C SER J 20 4.83 26.16 -32.99
N ARG J 21 5.37 27.13 -32.26
CA ARG J 21 6.15 28.23 -32.82
C ARG J 21 7.40 27.72 -33.55
N LEU J 22 8.05 26.68 -33.02
CA LEU J 22 9.17 26.03 -33.70
C LEU J 22 8.72 25.23 -34.91
N LEU J 23 7.55 24.61 -34.83
CA LEU J 23 6.99 23.89 -35.97
C LEU J 23 6.93 24.76 -37.22
N ARG J 24 6.55 26.04 -37.07
CA ARG J 24 6.57 26.95 -38.20
C ARG J 24 7.95 27.10 -38.80
N GLU J 25 9.01 26.84 -38.04
CA GLU J 25 10.38 26.79 -38.54
C GLU J 25 10.74 25.45 -39.16
N ARG J 26 9.79 24.52 -39.26
CA ARG J 26 10.05 23.14 -39.69
C ARG J 26 11.02 22.42 -38.75
N ILE J 27 10.89 22.67 -37.45
CA ILE J 27 11.69 22.02 -36.43
C ILE J 27 10.79 21.04 -35.67
N VAL J 28 11.18 19.78 -35.65
CA VAL J 28 10.50 18.73 -34.88
C VAL J 28 11.42 18.32 -33.72
N CYS J 29 10.86 18.28 -32.52
CA CYS J 29 11.59 17.89 -31.32
C CYS J 29 11.26 16.45 -30.95
N VAL J 30 12.29 15.60 -30.92
CA VAL J 30 12.17 14.23 -30.42
C VAL J 30 12.87 14.13 -29.06
N MET J 31 12.10 14.27 -27.98
CA MET J 31 12.63 14.47 -26.65
C MET J 31 12.12 13.39 -25.70
N GLY J 32 13.04 12.85 -24.89
CA GLY J 32 12.72 11.81 -23.93
C GLY J 32 12.45 10.45 -24.53
N PRO J 33 11.89 9.55 -23.73
CA PRO J 33 11.62 8.18 -24.20
C PRO J 33 10.71 8.15 -25.41
N ILE J 34 11.03 7.28 -26.35
CA ILE J 34 10.25 7.13 -27.57
C ILE J 34 9.25 5.99 -27.38
N ASP J 35 7.97 6.32 -27.32
CA ASP J 35 6.87 5.37 -27.25
C ASP J 35 5.89 5.65 -28.39
N ASP J 36 4.80 4.89 -28.42
CA ASP J 36 3.79 5.03 -29.47
C ASP J 36 3.24 6.45 -29.55
N SER J 37 2.90 7.02 -28.40
CA SER J 37 2.37 8.39 -28.39
C SER J 37 3.37 9.38 -28.97
N VAL J 38 4.62 9.33 -28.50
CA VAL J 38 5.67 10.19 -29.04
C VAL J 38 5.83 9.96 -30.54
N ALA J 39 5.92 8.71 -30.96
CA ALA J 39 6.04 8.36 -32.38
C ALA J 39 4.86 8.89 -33.19
N SER J 40 3.64 8.68 -32.70
CA SER J 40 2.45 9.24 -33.33
C SER J 40 2.58 10.73 -33.59
N LEU J 41 2.94 11.50 -32.55
CA LEU J 41 3.14 12.94 -32.70
C LEU J 41 4.17 13.28 -33.77
N VAL J 42 5.37 12.70 -33.68
CA VAL J 42 6.44 13.03 -34.62
C VAL J 42 6.03 12.72 -36.07
N ILE J 43 5.39 11.57 -36.30
CA ILE J 43 4.93 11.22 -37.65
C ILE J 43 3.92 12.23 -38.15
N ALA J 44 2.94 12.58 -37.32
CA ALA J 44 1.96 13.62 -37.66
C ALA J 44 2.64 14.91 -38.10
N GLN J 45 3.63 15.37 -37.33
CA GLN J 45 4.35 16.60 -37.67
C GLN J 45 5.14 16.46 -38.98
N LEU J 46 5.79 15.32 -39.19
CA LEU J 46 6.52 15.07 -40.43
C LEU J 46 5.60 15.05 -41.64
N LEU J 47 4.43 14.42 -41.52
CA LEU J 47 3.46 14.41 -42.62
C LEU J 47 2.88 15.79 -42.87
N PHE J 48 2.56 16.53 -41.82
CA PHE J 48 2.16 17.93 -41.95
C PHE J 48 3.22 18.76 -42.66
N LEU J 49 4.48 18.69 -42.19
CA LEU J 49 5.55 19.47 -42.81
C LEU J 49 5.84 19.06 -44.25
N GLN J 50 5.66 17.79 -44.59
CA GLN J 50 5.74 17.39 -45.99
C GLN J 50 4.63 18.02 -46.83
N SER J 51 3.39 18.01 -46.31
CA SER J 51 2.27 18.59 -47.05
C SER J 51 2.41 20.09 -47.22
N GLU J 52 3.04 20.78 -46.26
CA GLU J 52 3.30 22.20 -46.44
C GLU J 52 4.32 22.46 -47.54
N SER J 53 5.34 21.62 -47.67
CA SER J 53 6.12 21.54 -48.91
C SER J 53 7.02 20.32 -48.86
N ASN J 54 7.16 19.65 -50.00
CA ASN J 54 8.01 18.48 -50.14
C ASN J 54 9.47 18.82 -50.41
N LYS J 55 9.80 20.08 -50.64
CA LYS J 55 11.16 20.50 -50.97
C LYS J 55 11.96 21.01 -49.78
N LYS J 56 11.34 21.76 -48.89
CA LYS J 56 12.08 22.40 -47.81
C LYS J 56 12.56 21.36 -46.80
N PRO J 57 13.81 21.46 -46.36
CA PRO J 57 14.31 20.54 -45.33
C PRO J 57 13.52 20.63 -44.03
N ILE J 58 13.59 19.55 -43.27
CA ILE J 58 13.07 19.47 -41.90
C ILE J 58 14.25 19.26 -40.96
N HIS J 59 14.19 19.90 -39.79
CA HIS J 59 15.20 19.73 -38.76
C HIS J 59 14.61 18.90 -37.61
N MET J 60 15.26 17.80 -37.28
CA MET J 60 14.88 16.94 -36.16
C MET J 60 15.93 17.08 -35.06
N TYR J 61 15.51 17.62 -33.92
CA TYR J 61 16.37 17.75 -32.75
C TYR J 61 16.10 16.57 -31.81
N ILE J 62 17.15 15.81 -31.51
CA ILE J 62 17.04 14.54 -30.79
C ILE J 62 17.73 14.67 -29.44
N ASN J 63 16.96 14.49 -28.37
CA ASN J 63 17.52 14.29 -27.02
C ASN J 63 16.73 13.15 -26.37
N SER J 64 17.23 11.93 -26.52
CA SER J 64 16.46 10.77 -26.12
C SER J 64 17.30 9.68 -25.47
N PRO J 65 16.81 9.08 -24.38
CA PRO J 65 17.44 7.88 -23.83
C PRO J 65 17.13 6.59 -24.58
N GLY J 66 16.22 6.61 -25.55
CA GLY J 66 15.78 5.40 -26.24
C GLY J 66 14.28 5.14 -26.16
N GLY J 67 13.85 3.91 -26.37
CA GLY J 67 12.43 3.64 -26.37
C GLY J 67 12.08 2.33 -27.07
N VAL J 68 10.78 2.22 -27.38
CA VAL J 68 10.19 1.04 -28.00
C VAL J 68 10.66 0.89 -29.45
N VAL J 69 11.06 -0.33 -29.82
CA VAL J 69 11.59 -0.60 -31.17
C VAL J 69 10.59 -0.28 -32.27
N THR J 70 9.36 -0.79 -32.17
CA THR J 70 8.40 -0.54 -33.25
C THR J 70 8.00 0.92 -33.35
N ALA J 71 7.90 1.63 -32.23
CA ALA J 71 7.65 3.06 -32.27
C ALA J 71 8.79 3.80 -32.97
N GLY J 72 10.02 3.45 -32.63
CA GLY J 72 11.18 4.00 -33.32
C GLY J 72 11.26 3.66 -34.78
N LEU J 73 11.00 2.40 -35.13
CA LEU J 73 10.98 2.01 -36.54
C LEU J 73 9.86 2.71 -37.31
N ALA J 74 8.74 3.00 -36.66
CA ALA J 74 7.70 3.82 -37.28
C ALA J 74 8.25 5.18 -37.70
N ILE J 75 8.88 5.90 -36.78
CA ILE J 75 9.51 7.18 -37.09
C ILE J 75 10.55 7.04 -38.19
N TYR J 76 11.43 6.04 -38.06
CA TYR J 76 12.48 5.80 -39.04
C TYR J 76 11.93 5.60 -40.46
N ASP J 77 10.90 4.76 -40.61
CA ASP J 77 10.25 4.58 -41.91
C ASP J 77 9.64 5.87 -42.45
N THR J 78 8.96 6.63 -41.60
CA THR J 78 8.44 7.94 -42.00
C THR J 78 9.54 8.85 -42.52
N MET J 79 10.68 8.90 -41.82
CA MET J 79 11.80 9.72 -42.26
C MET J 79 12.29 9.31 -43.64
N GLN J 80 12.38 8.01 -43.90
CA GLN J 80 12.78 7.53 -45.22
C GLN J 80 11.71 7.81 -46.29
N TYR J 81 10.45 7.69 -45.92
CA TYR J 81 9.37 7.75 -46.92
C TYR J 81 9.13 9.17 -47.44
N ILE J 82 9.12 10.17 -46.58
CA ILE J 82 8.89 11.55 -47.05
C ILE J 82 10.05 12.02 -47.92
N LEU J 83 9.71 12.88 -48.89
CA LEU J 83 10.68 13.36 -49.87
C LEU J 83 11.65 14.38 -49.31
N ASN J 84 11.27 15.10 -48.27
CA ASN J 84 12.12 16.17 -47.72
C ASN J 84 13.46 15.62 -47.24
N PRO J 85 14.55 16.35 -47.46
CA PRO J 85 15.77 16.10 -46.68
C PRO J 85 15.53 16.40 -45.21
N ILE J 86 16.12 15.59 -44.35
CA ILE J 86 15.98 15.73 -42.90
C ILE J 86 17.37 15.91 -42.28
N CYS J 87 17.56 17.06 -41.64
CA CYS J 87 18.74 17.30 -40.80
C CYS J 87 18.45 16.81 -39.39
N THR J 88 19.35 16.00 -38.85
CA THR J 88 19.25 15.51 -37.48
C THR J 88 20.30 16.19 -36.60
N TRP J 89 19.88 16.55 -35.39
CA TRP J 89 20.72 17.22 -34.40
C TRP J 89 20.70 16.43 -33.10
N CYS J 90 21.87 15.93 -32.69
CA CYS J 90 22.04 15.37 -31.35
C CYS J 90 22.31 16.48 -30.36
N VAL J 91 21.38 16.67 -29.43
CA VAL J 91 21.53 17.59 -28.31
C VAL J 91 21.45 16.79 -27.02
N GLY J 92 22.51 16.84 -26.23
CA GLY J 92 22.55 16.14 -24.96
C GLY J 92 22.86 14.66 -25.02
N GLN J 93 21.94 13.83 -25.50
CA GLN J 93 22.25 12.42 -25.70
C GLN J 93 21.43 11.83 -26.84
N ALA J 94 21.98 10.78 -27.45
CA ALA J 94 21.22 9.89 -28.33
C ALA J 94 21.62 8.46 -28.02
N ALA J 95 20.72 7.74 -27.34
CA ALA J 95 20.93 6.36 -26.91
C ALA J 95 19.83 5.48 -27.49
N SER J 96 20.18 4.22 -27.78
CA SER J 96 19.27 3.26 -28.42
C SER J 96 18.66 3.83 -29.69
N MET J 97 17.33 3.89 -29.69
CA MET J 97 16.57 4.39 -30.83
C MET J 97 16.97 5.81 -31.22
N GLY J 98 17.30 6.65 -30.23
CA GLY J 98 17.76 7.99 -30.52
C GLY J 98 19.04 8.05 -31.34
N SER J 99 19.98 7.15 -31.07
CA SER J 99 21.17 7.07 -31.92
C SER J 99 20.84 6.53 -33.31
N LEU J 100 19.89 5.60 -33.41
CA LEU J 100 19.47 5.10 -34.73
C LEU J 100 18.79 6.19 -35.57
N LEU J 101 17.86 6.93 -34.97
CA LEU J 101 17.22 8.04 -35.67
C LEU J 101 18.21 9.14 -36.08
N LEU J 102 19.18 9.45 -35.21
CA LEU J 102 20.27 10.35 -35.57
C LEU J 102 21.02 9.88 -36.81
N ALA J 103 21.38 8.59 -36.86
CA ALA J 103 22.08 8.04 -38.01
C ALA J 103 21.22 8.03 -39.27
N ALA J 104 19.90 8.00 -39.14
CA ALA J 104 18.99 7.94 -40.28
C ALA J 104 18.79 9.28 -40.99
N GLY J 105 19.38 10.36 -40.52
CA GLY J 105 19.28 11.62 -41.22
C GLY J 105 19.95 11.61 -42.58
N THR J 106 19.51 12.54 -43.43
CA THR J 106 20.05 12.69 -44.78
C THR J 106 21.57 12.78 -44.74
N PRO J 107 22.29 12.02 -45.57
CA PRO J 107 23.75 12.07 -45.58
C PRO J 107 24.29 13.48 -45.77
N GLY J 108 25.33 13.81 -45.00
CA GLY J 108 25.89 15.14 -44.87
C GLY J 108 25.10 16.11 -44.01
N MET J 109 24.00 15.67 -43.41
CA MET J 109 23.08 16.53 -42.67
C MET J 109 22.88 16.04 -41.23
N ARG J 110 23.79 15.23 -40.70
CA ARG J 110 23.65 14.66 -39.37
C ARG J 110 24.67 15.33 -38.45
N HIS J 111 24.17 15.97 -37.40
CA HIS J 111 24.94 16.91 -36.59
C HIS J 111 24.96 16.48 -35.12
N SER J 112 26.06 16.78 -34.45
CA SER J 112 26.10 16.79 -32.99
C SER J 112 26.70 18.09 -32.49
N LEU J 113 26.19 18.55 -31.34
CA LEU J 113 26.89 19.50 -30.49
C LEU J 113 28.13 18.86 -29.82
N PRO J 114 29.06 19.69 -29.34
CA PRO J 114 30.36 19.18 -28.85
C PRO J 114 30.29 18.19 -27.68
N ASN J 115 29.35 18.35 -26.75
CA ASN J 115 29.33 17.58 -25.51
C ASN J 115 28.25 16.52 -25.44
N SER J 116 27.56 16.23 -26.54
CA SER J 116 26.56 15.16 -26.55
C SER J 116 27.22 13.78 -26.40
N ARG J 117 26.50 12.85 -25.80
CA ARG J 117 26.89 11.45 -25.73
C ARG J 117 26.03 10.60 -26.66
N ILE J 118 26.65 9.74 -27.47
CA ILE J 118 25.96 8.72 -28.25
C ILE J 118 26.17 7.35 -27.59
N MET J 119 25.12 6.55 -27.49
CA MET J 119 25.24 5.16 -27.07
C MET J 119 24.47 4.23 -28.02
N ILE J 120 25.12 3.14 -28.42
CA ILE J 120 24.51 2.08 -29.22
C ILE J 120 24.53 0.77 -28.44
N HIS J 121 23.47 -0.04 -28.59
CA HIS J 121 23.47 -1.40 -28.04
C HIS J 121 22.39 -2.23 -28.74
N GLN J 122 22.48 -3.55 -28.55
CA GLN J 122 21.45 -4.49 -28.98
C GLN J 122 20.11 -4.28 -28.25
N PRO J 123 19.01 -4.75 -28.85
CA PRO J 123 17.72 -4.70 -28.16
C PRO J 123 17.60 -5.65 -26.99
N SER J 124 16.67 -5.30 -26.08
CA SER J 124 16.34 -6.08 -24.90
C SER J 124 14.83 -6.26 -24.82
N GLY J 125 14.41 -7.31 -24.13
CA GLY J 125 12.99 -7.57 -23.95
C GLY J 125 12.65 -8.65 -22.94
N GLY J 126 11.51 -9.32 -23.12
CA GLY J 126 11.13 -10.43 -22.27
C GLY J 126 10.29 -11.44 -23.02
N ALA J 127 10.13 -12.61 -22.40
CA ALA J 127 9.27 -13.66 -22.92
C ALA J 127 8.61 -14.40 -21.78
N ARG J 128 7.39 -14.89 -22.02
CA ARG J 128 6.62 -15.63 -21.03
C ARG J 128 5.75 -16.68 -21.70
N GLY J 129 5.30 -17.64 -20.90
CA GLY J 129 4.34 -18.63 -21.32
C GLY J 129 4.91 -20.03 -21.41
N GLN J 130 4.24 -20.86 -22.22
CA GLN J 130 4.71 -22.20 -22.51
C GLN J 130 6.00 -22.13 -23.32
N ALA J 131 6.73 -23.24 -23.31
CA ALA J 131 7.98 -23.34 -24.07
C ALA J 131 7.79 -23.01 -25.54
N THR J 132 6.66 -23.40 -26.14
CA THR J 132 6.38 -23.04 -27.52
C THR J 132 6.18 -21.53 -27.70
N ASP J 133 5.46 -20.88 -26.78
CA ASP J 133 5.30 -19.43 -26.82
C ASP J 133 6.63 -18.71 -26.65
N ILE J 134 7.48 -19.20 -25.76
CA ILE J 134 8.80 -18.62 -25.54
C ILE J 134 9.68 -18.77 -26.77
N ALA J 135 9.65 -19.93 -27.42
CA ALA J 135 10.43 -20.12 -28.65
C ALA J 135 10.02 -19.15 -29.76
N ILE J 136 8.73 -18.88 -29.90
CA ILE J 136 8.24 -17.89 -30.85
C ILE J 136 8.74 -16.48 -30.49
N GLN J 137 8.59 -16.09 -29.24
CA GLN J 137 9.00 -14.73 -28.83
C GLN J 137 10.51 -14.52 -28.95
N ALA J 138 11.32 -15.52 -28.59
CA ALA J 138 12.77 -15.43 -28.80
C ALA J 138 13.14 -15.31 -30.27
N GLU J 139 12.48 -16.10 -31.13
CA GLU J 139 12.67 -15.97 -32.57
C GLU J 139 12.34 -14.56 -33.06
N GLU J 140 11.31 -13.94 -32.50
CA GLU J 140 10.93 -12.59 -32.91
C GLU J 140 11.95 -11.53 -32.50
N ILE J 141 12.45 -11.56 -31.25
CA ILE J 141 13.46 -10.57 -30.87
C ILE J 141 14.78 -10.80 -31.62
N MET J 142 15.11 -12.04 -31.97
CA MET J 142 16.28 -12.28 -32.82
C MET J 142 16.13 -11.65 -34.19
N LYS J 143 14.98 -11.83 -34.83
CA LYS J 143 14.71 -11.18 -36.11
C LYS J 143 14.81 -9.66 -36.00
N LEU J 144 14.22 -9.07 -34.97
CA LEU J 144 14.34 -7.63 -34.78
C LEU J 144 15.78 -7.19 -34.62
N LYS J 145 16.59 -7.95 -33.89
CA LYS J 145 18.01 -7.64 -33.75
C LYS J 145 18.71 -7.58 -35.12
N LYS J 146 18.53 -8.60 -35.94
CA LYS J 146 19.11 -8.61 -37.28
C LYS J 146 18.62 -7.44 -38.13
N GLN J 147 17.31 -7.18 -38.10
CA GLN J 147 16.73 -6.02 -38.77
C GLN J 147 17.46 -4.72 -38.40
N LEU J 148 17.56 -4.44 -37.10
CA LEU J 148 18.21 -3.21 -36.64
C LEU J 148 19.68 -3.13 -37.05
N TYR J 149 20.41 -4.24 -36.96
CA TYR J 149 21.81 -4.27 -37.38
C TYR J 149 21.97 -3.96 -38.87
N ASN J 150 21.05 -4.42 -39.71
CA ASN J 150 21.05 -4.04 -41.12
C ASN J 150 20.86 -2.54 -41.32
N ILE J 151 19.91 -1.95 -40.60
CA ILE J 151 19.71 -0.51 -40.64
C ILE J 151 20.99 0.24 -40.29
N TYR J 152 21.62 -0.09 -39.16
CA TYR J 152 22.84 0.60 -38.75
C TYR J 152 23.96 0.41 -39.77
N ALA J 153 24.11 -0.79 -40.32
CA ALA J 153 25.10 -1.02 -41.36
C ALA J 153 24.87 -0.15 -42.60
N LYS J 154 23.62 -0.05 -43.04
CA LYS J 154 23.27 0.79 -44.18
C LYS J 154 23.70 2.25 -43.99
N HIS J 155 23.33 2.87 -42.88
CA HIS J 155 23.54 4.31 -42.72
C HIS J 155 24.94 4.68 -42.24
N THR J 156 25.62 3.80 -41.50
CA THR J 156 26.98 4.07 -41.04
C THR J 156 28.05 3.56 -42.00
N LYS J 157 27.69 2.66 -42.92
CA LYS J 157 28.58 2.00 -43.88
C LYS J 157 29.52 0.99 -43.24
N GLN J 158 29.38 0.72 -41.95
CA GLN J 158 30.14 -0.35 -41.33
C GLN J 158 29.59 -1.70 -41.79
N SER J 159 30.47 -2.70 -41.81
CA SER J 159 30.06 -4.06 -42.07
C SER J 159 29.23 -4.62 -40.92
N LEU J 160 28.45 -5.66 -41.22
CA LEU J 160 27.66 -6.33 -40.20
C LEU J 160 28.53 -6.82 -39.04
N GLN J 161 29.68 -7.39 -39.35
CA GLN J 161 30.58 -7.90 -38.32
C GLN J 161 30.95 -6.80 -37.32
N VAL J 162 31.35 -5.64 -37.83
CA VAL J 162 31.66 -4.50 -36.97
C VAL J 162 30.47 -4.12 -36.11
N ILE J 163 29.29 -4.00 -36.73
CA ILE J 163 28.05 -3.68 -36.00
C ILE J 163 27.81 -4.66 -34.86
N GLU J 164 27.83 -5.96 -35.17
CA GLU J 164 27.59 -7.00 -34.15
C GLU J 164 28.57 -6.89 -32.99
N SER J 165 29.86 -6.74 -33.29
CA SER J 165 30.88 -6.58 -32.26
C SER J 165 30.62 -5.35 -31.39
N ALA J 166 30.28 -4.21 -32.01
CA ALA J 166 30.10 -2.96 -31.28
C ALA J 166 28.87 -2.97 -30.38
N MET J 167 27.78 -3.62 -30.79
CA MET J 167 26.51 -3.53 -30.09
C MET J 167 26.24 -4.67 -29.11
N GLU J 168 27.15 -5.63 -28.97
CA GLU J 168 26.95 -6.71 -28.01
C GLU J 168 26.73 -6.15 -26.60
N ARG J 169 27.52 -5.16 -26.20
CA ARG J 169 27.36 -4.45 -24.94
C ARG J 169 27.12 -2.97 -25.22
N ASP J 170 26.66 -2.26 -24.19
CA ASP J 170 26.58 -0.79 -24.25
C ASP J 170 27.90 -0.16 -24.67
N ARG J 171 27.83 0.68 -25.70
CA ARG J 171 29.00 1.33 -26.29
C ARG J 171 28.76 2.84 -26.38
N TYR J 172 29.33 3.58 -25.43
CA TYR J 172 29.22 5.03 -25.43
C TYR J 172 30.27 5.67 -26.34
N MET J 173 29.86 6.73 -27.03
CA MET J 173 30.69 7.44 -27.99
C MET J 173 30.66 8.95 -27.73
N SER J 174 31.82 9.58 -27.88
CA SER J 174 31.85 11.02 -28.07
C SER J 174 31.38 11.36 -29.50
N PRO J 175 30.97 12.61 -29.74
CA PRO J 175 30.64 13.01 -31.11
C PRO J 175 31.72 12.73 -32.15
N MET J 176 33.00 13.00 -31.85
CA MET J 176 34.07 12.67 -32.79
C MET J 176 34.14 11.17 -33.06
N GLU J 177 34.08 10.34 -32.01
CA GLU J 177 33.98 8.89 -32.20
C GLU J 177 32.78 8.51 -33.06
N ALA J 178 31.61 9.06 -32.76
CA ALA J 178 30.42 8.81 -33.57
C ALA J 178 30.64 9.18 -35.03
N GLN J 179 31.24 10.35 -35.29
CA GLN J 179 31.58 10.74 -36.66
C GLN J 179 32.50 9.70 -37.32
N GLU J 180 33.55 9.29 -36.62
CA GLU J 180 34.43 8.24 -37.12
C GLU J 180 33.65 6.96 -37.42
N PHE J 181 32.71 6.60 -36.54
CA PHE J 181 31.90 5.40 -36.72
C PHE J 181 30.99 5.53 -37.94
N GLY J 182 30.59 6.74 -38.30
CA GLY J 182 29.61 6.97 -39.34
C GLY J 182 28.20 7.23 -38.88
N ILE J 183 27.97 7.46 -37.60
CA ILE J 183 26.63 7.78 -37.13
C ILE J 183 26.25 9.22 -37.52
N LEU J 184 27.23 10.12 -37.58
CA LEU J 184 26.98 11.51 -37.91
C LEU J 184 28.11 12.08 -38.75
N ASP J 185 27.84 13.24 -39.34
CA ASP J 185 28.74 13.92 -40.28
C ASP J 185 29.50 15.09 -39.66
N LYS J 186 28.83 15.98 -38.94
CA LYS J 186 29.43 17.21 -38.44
C LYS J 186 29.26 17.35 -36.93
N VAL J 187 30.35 17.71 -36.26
CA VAL J 187 30.37 18.18 -34.88
C VAL J 187 30.61 19.69 -34.90
N LEU J 188 29.57 20.47 -34.63
CA LEU J 188 29.61 21.91 -34.77
C LEU J 188 29.63 22.58 -33.40
N VAL J 189 30.54 23.53 -33.23
CA VAL J 189 30.60 24.38 -32.04
C VAL J 189 29.70 25.60 -32.23
N HIS J 190 29.96 26.37 -33.28
CA HIS J 190 29.20 27.56 -33.64
C HIS J 190 28.67 27.42 -35.06
N PRO J 191 27.57 28.12 -35.40
CA PRO J 191 27.05 28.04 -36.77
C PRO J 191 27.94 28.79 -37.77
N ILE K 2 -9.41 13.99 -27.98
CA ILE K 2 -10.67 14.33 -28.69
C ILE K 2 -10.38 15.42 -29.72
N PRO K 3 -10.58 15.19 -31.03
CA PRO K 3 -10.25 16.13 -32.10
C PRO K 3 -11.31 17.24 -32.29
N ILE K 4 -10.91 18.33 -32.95
CA ILE K 4 -11.72 19.52 -33.23
C ILE K 4 -11.93 19.73 -34.75
N VAL K 5 -13.18 19.98 -35.14
CA VAL K 5 -13.63 20.29 -36.50
C VAL K 5 -13.70 21.81 -36.72
N ALA K 15 -20.04 22.76 -31.03
CA ALA K 15 -20.00 22.24 -32.38
C ALA K 15 -18.55 22.02 -32.90
N TYR K 16 -17.55 22.37 -32.10
CA TYR K 16 -16.14 22.28 -32.46
C TYR K 16 -15.56 20.87 -32.25
N ASP K 17 -15.54 20.33 -31.03
CA ASP K 17 -15.07 18.96 -30.81
C ASP K 17 -15.99 17.92 -31.50
N ILE K 18 -15.46 16.73 -31.81
CA ILE K 18 -16.13 15.77 -32.70
C ILE K 18 -17.52 15.32 -32.21
N TYR K 19 -17.73 15.09 -30.92
CA TYR K 19 -19.07 14.74 -30.40
C TYR K 19 -20.06 15.89 -30.51
N SER K 20 -19.64 17.13 -30.24
CA SER K 20 -20.49 18.30 -30.47
C SER K 20 -20.86 18.47 -31.94
N ARG K 21 -19.89 18.22 -32.83
CA ARG K 21 -20.10 18.26 -34.28
C ARG K 21 -21.13 17.22 -34.72
N LEU K 22 -21.16 16.03 -34.10
CA LEU K 22 -22.19 15.03 -34.34
C LEU K 22 -23.53 15.44 -33.76
N LEU K 23 -23.52 16.10 -32.60
CA LEU K 23 -24.76 16.61 -32.01
C LEU K 23 -25.55 17.46 -33.00
N ARG K 24 -24.87 18.30 -33.77
CA ARG K 24 -25.55 19.07 -34.81
C ARG K 24 -26.27 18.18 -35.82
N GLU K 25 -25.81 16.93 -35.98
CA GLU K 25 -26.49 15.94 -36.82
C GLU K 25 -27.62 15.23 -36.08
N ARG K 26 -27.92 15.64 -34.84
CA ARG K 26 -28.88 14.93 -33.98
C ARG K 26 -28.44 13.49 -33.69
N ILE K 27 -27.14 13.29 -33.50
CA ILE K 27 -26.57 11.99 -33.14
C ILE K 27 -26.13 12.06 -31.68
N VAL K 28 -26.65 11.16 -30.86
CA VAL K 28 -26.24 11.00 -29.47
C VAL K 28 -25.47 9.69 -29.33
N CYS K 29 -24.31 9.75 -28.70
CA CYS K 29 -23.48 8.57 -28.47
C CYS K 29 -23.64 8.07 -27.04
N VAL K 30 -24.08 6.83 -26.90
CA VAL K 30 -24.13 6.14 -25.61
C VAL K 30 -23.04 5.08 -25.56
N MET K 31 -21.89 5.43 -24.99
CA MET K 31 -20.66 4.65 -25.10
C MET K 31 -20.14 4.26 -23.72
N GLY K 32 -19.74 3.00 -23.57
CA GLY K 32 -19.22 2.50 -22.32
C GLY K 32 -20.25 2.29 -21.24
N PRO K 33 -19.78 2.10 -20.00
CA PRO K 33 -20.69 1.85 -18.87
C PRO K 33 -21.66 2.99 -18.67
N ILE K 34 -22.91 2.63 -18.38
CA ILE K 34 -23.97 3.61 -18.14
C ILE K 34 -24.07 3.86 -16.64
N ASP K 35 -23.70 5.06 -16.21
CA ASP K 35 -23.85 5.51 -14.82
C ASP K 35 -24.64 6.82 -14.82
N ASP K 36 -24.79 7.40 -13.62
CA ASP K 36 -25.55 8.64 -13.46
C ASP K 36 -24.99 9.77 -14.33
N SER K 37 -23.67 9.94 -14.33
CA SER K 37 -23.06 10.99 -15.15
C SER K 37 -23.38 10.80 -16.62
N VAL K 38 -23.14 9.58 -17.13
CA VAL K 38 -23.47 9.27 -18.53
C VAL K 38 -24.94 9.52 -18.81
N ALA K 39 -25.81 9.02 -17.94
CA ALA K 39 -27.25 9.22 -18.08
C ALA K 39 -27.62 10.70 -18.08
N SER K 40 -27.08 11.46 -17.13
CA SER K 40 -27.25 12.91 -17.10
C SER K 40 -26.94 13.56 -18.44
N LEU K 41 -25.76 13.28 -18.99
CA LEU K 41 -25.37 13.81 -20.30
C LEU K 41 -26.38 13.44 -21.40
N VAL K 42 -26.69 12.15 -21.55
CA VAL K 42 -27.59 11.72 -22.62
C VAL K 42 -28.96 12.39 -22.51
N ILE K 43 -29.52 12.47 -21.31
CA ILE K 43 -30.82 13.13 -21.11
C ILE K 43 -30.73 14.60 -21.51
N ALA K 44 -29.70 15.30 -21.06
CA ALA K 44 -29.48 16.69 -21.46
C ALA K 44 -29.48 16.85 -22.98
N GLN K 45 -28.74 15.99 -23.68
CA GLN K 45 -28.70 16.06 -25.14
C GLN K 45 -30.06 15.77 -25.77
N LEU K 46 -30.78 14.77 -25.26
CA LEU K 46 -32.12 14.45 -25.77
C LEU K 46 -33.09 15.61 -25.56
N LEU K 47 -33.05 16.25 -24.39
CA LEU K 47 -33.92 17.40 -24.15
C LEU K 47 -33.53 18.60 -25.01
N PHE K 48 -32.23 18.86 -25.17
CA PHE K 48 -31.77 19.86 -26.11
C PHE K 48 -32.27 19.58 -27.54
N LEU K 49 -32.03 18.37 -28.02
CA LEU K 49 -32.46 18.02 -29.39
C LEU K 49 -33.97 18.06 -29.57
N GLN K 50 -34.75 17.75 -28.53
CA GLN K 50 -36.20 17.96 -28.62
C GLN K 50 -36.55 19.44 -28.73
N SER K 51 -35.91 20.28 -27.93
CA SER K 51 -36.19 21.71 -27.99
C SER K 51 -35.80 22.33 -29.31
N GLU K 52 -34.75 21.81 -29.97
CA GLU K 52 -34.40 22.30 -31.29
C GLU K 52 -35.46 21.93 -32.33
N SER K 53 -36.05 20.74 -32.23
CA SER K 53 -37.32 20.45 -32.90
C SER K 53 -37.88 19.14 -32.38
N ASN K 54 -39.20 19.09 -32.20
CA ASN K 54 -39.89 17.89 -31.74
C ASN K 54 -40.24 16.92 -32.86
N LYS K 55 -40.00 17.29 -34.13
CA LYS K 55 -40.35 16.46 -35.27
C LYS K 55 -39.19 15.64 -35.81
N LYS K 56 -37.99 16.21 -35.87
CA LYS K 56 -36.88 15.53 -36.51
C LYS K 56 -36.41 14.34 -35.67
N PRO K 57 -36.16 13.20 -36.31
CA PRO K 57 -35.65 12.03 -35.58
C PRO K 57 -34.31 12.31 -34.91
N ILE K 58 -34.04 11.52 -33.88
CA ILE K 58 -32.75 11.48 -33.19
C ILE K 58 -32.14 10.10 -33.42
N HIS K 59 -30.82 10.05 -33.62
CA HIS K 59 -30.10 8.79 -33.75
C HIS K 59 -29.27 8.55 -32.49
N MET K 60 -29.49 7.40 -31.86
CA MET K 60 -28.74 6.97 -30.69
C MET K 60 -27.83 5.81 -31.08
N TYR K 61 -26.53 6.02 -31.01
CA TYR K 61 -25.54 4.99 -31.28
C TYR K 61 -25.09 4.38 -29.95
N ILE K 62 -25.26 3.08 -29.82
CA ILE K 62 -25.08 2.36 -28.56
C ILE K 62 -23.90 1.40 -28.70
N ASN K 63 -22.87 1.60 -27.87
CA ASN K 63 -21.80 0.62 -27.67
C ASN K 63 -21.52 0.55 -26.17
N SER K 64 -22.20 -0.37 -25.49
CA SER K 64 -22.16 -0.38 -24.04
C SER K 64 -22.11 -1.78 -23.45
N PRO K 65 -21.27 -1.99 -22.43
CA PRO K 65 -21.32 -3.25 -21.66
C PRO K 65 -22.46 -3.32 -20.65
N GLY K 66 -23.20 -2.24 -20.42
CA GLY K 66 -24.21 -2.20 -19.38
C GLY K 66 -24.02 -1.10 -18.35
N GLY K 67 -24.63 -1.23 -17.17
CA GLY K 67 -24.52 -0.17 -16.19
C GLY K 67 -25.60 -0.25 -15.13
N VAL K 68 -25.74 0.88 -14.42
CA VAL K 68 -26.68 1.04 -13.31
C VAL K 68 -28.12 1.06 -13.81
N VAL K 69 -28.98 0.29 -13.12
CA VAL K 69 -30.38 0.16 -13.53
C VAL K 69 -31.12 1.50 -13.53
N THR K 70 -31.04 2.25 -12.43
CA THR K 70 -31.80 3.51 -12.38
C THR K 70 -31.27 4.55 -13.37
N ALA K 71 -29.97 4.58 -13.61
CA ALA K 71 -29.41 5.45 -14.65
C ALA K 71 -29.93 5.07 -16.03
N GLY K 72 -29.95 3.76 -16.32
CA GLY K 72 -30.52 3.28 -17.56
C GLY K 72 -32.02 3.53 -17.69
N LEU K 73 -32.77 3.28 -16.63
CA LEU K 73 -34.20 3.59 -16.64
C LEU K 73 -34.47 5.08 -16.81
N ALA K 74 -33.61 5.94 -16.28
CA ALA K 74 -33.71 7.37 -16.54
C ALA K 74 -33.66 7.66 -18.03
N ILE K 75 -32.63 7.16 -18.72
CA ILE K 75 -32.52 7.32 -20.17
C ILE K 75 -33.74 6.74 -20.89
N TYR K 76 -34.12 5.52 -20.53
CA TYR K 76 -35.27 4.86 -21.14
C TYR K 76 -36.55 5.69 -21.03
N ASP K 77 -36.86 6.21 -19.85
CA ASP K 77 -38.02 7.09 -19.68
C ASP K 77 -37.93 8.36 -20.52
N THR K 78 -36.77 8.99 -20.56
CA THR K 78 -36.55 10.14 -21.43
C THR K 78 -36.83 9.81 -22.89
N MET K 79 -36.35 8.65 -23.37
CA MET K 79 -36.60 8.24 -24.74
C MET K 79 -38.10 8.10 -25.03
N GLN K 80 -38.84 7.51 -24.10
CA GLN K 80 -40.29 7.39 -24.25
C GLN K 80 -40.99 8.74 -24.16
N TYR K 81 -40.53 9.63 -23.29
CA TYR K 81 -41.24 10.87 -23.01
C TYR K 81 -41.16 11.88 -24.16
N ILE K 82 -39.98 12.07 -24.75
CA ILE K 82 -39.85 13.03 -25.85
C ILE K 82 -40.64 12.56 -27.08
N LEU K 83 -41.15 13.54 -27.83
CA LEU K 83 -42.00 13.27 -28.98
C LEU K 83 -41.24 12.75 -30.20
N ASN K 84 -39.96 13.04 -30.31
CA ASN K 84 -39.18 12.65 -31.47
C ASN K 84 -39.14 11.13 -31.63
N PRO K 85 -39.24 10.62 -32.86
CA PRO K 85 -38.79 9.25 -33.11
C PRO K 85 -37.30 9.11 -32.87
N ILE K 86 -36.92 7.97 -32.30
CA ILE K 86 -35.53 7.68 -31.99
C ILE K 86 -35.08 6.42 -32.72
N CYS K 87 -34.09 6.56 -33.59
CA CYS K 87 -33.42 5.43 -34.20
C CYS K 87 -32.26 4.98 -33.31
N THR K 88 -32.21 3.70 -33.00
CA THR K 88 -31.13 3.11 -32.21
C THR K 88 -30.23 2.27 -33.09
N TRP K 89 -28.92 2.38 -32.85
CA TRP K 89 -27.89 1.68 -33.60
C TRP K 89 -27.00 0.90 -32.63
N CYS K 90 -26.99 -0.42 -32.75
CA CYS K 90 -26.02 -1.26 -32.05
C CYS K 90 -24.71 -1.29 -32.84
N VAL K 91 -23.65 -0.73 -32.26
CA VAL K 91 -22.31 -0.80 -32.82
C VAL K 91 -21.44 -1.52 -31.80
N GLY K 92 -20.84 -2.62 -32.20
CA GLY K 92 -19.96 -3.39 -31.34
C GLY K 92 -20.62 -4.31 -30.33
N GLN K 93 -21.23 -3.76 -29.28
CA GLN K 93 -22.01 -4.59 -28.36
C GLN K 93 -23.15 -3.80 -27.74
N ALA K 94 -24.19 -4.53 -27.33
CA ALA K 94 -25.22 -4.01 -26.44
C ALA K 94 -25.53 -5.10 -25.41
N ALA K 95 -25.06 -4.89 -24.18
CA ALA K 95 -25.22 -5.83 -23.08
C ALA K 95 -25.93 -5.13 -21.92
N SER K 96 -26.73 -5.90 -21.17
CA SER K 96 -27.54 -5.37 -20.07
C SER K 96 -28.40 -4.19 -20.51
N MET K 97 -28.17 -3.05 -19.85
CA MET K 97 -28.92 -1.83 -20.14
C MET K 97 -28.78 -1.40 -21.60
N GLY K 98 -27.61 -1.61 -22.19
CA GLY K 98 -27.42 -1.30 -23.60
C GLY K 98 -28.34 -2.06 -24.53
N SER K 99 -28.59 -3.34 -24.24
CA SER K 99 -29.56 -4.09 -25.03
C SER K 99 -30.99 -3.62 -24.77
N LEU K 100 -31.30 -3.21 -23.54
CA LEU K 100 -32.62 -2.66 -23.24
C LEU K 100 -32.88 -1.33 -23.97
N LEU K 101 -31.91 -0.42 -23.92
CA LEU K 101 -32.03 0.85 -24.64
C LEU K 101 -32.13 0.65 -26.15
N LEU K 102 -31.36 -0.29 -26.70
CA LEU K 102 -31.51 -0.67 -28.11
C LEU K 102 -32.93 -1.12 -28.45
N ALA K 103 -33.51 -1.98 -27.61
CA ALA K 103 -34.88 -2.44 -27.83
C ALA K 103 -35.92 -1.33 -27.68
N ALA K 104 -35.61 -0.28 -26.91
CA ALA K 104 -36.52 0.82 -26.66
C ALA K 104 -36.64 1.82 -27.81
N GLY K 105 -35.89 1.66 -28.89
CA GLY K 105 -36.04 2.54 -30.02
C GLY K 105 -37.38 2.42 -30.71
N THR K 106 -37.73 3.48 -31.44
CA THR K 106 -38.99 3.53 -32.18
C THR K 106 -39.14 2.30 -33.06
N PRO K 107 -40.29 1.63 -33.04
CA PRO K 107 -40.49 0.43 -33.87
C PRO K 107 -40.21 0.69 -35.35
N GLY K 108 -39.54 -0.28 -35.97
CA GLY K 108 -38.99 -0.18 -37.31
C GLY K 108 -37.72 0.63 -37.46
N MET K 109 -37.19 1.16 -36.37
CA MET K 109 -36.03 2.06 -36.39
C MET K 109 -34.88 1.56 -35.52
N ARG K 110 -34.84 0.26 -35.22
CA ARG K 110 -33.83 -0.33 -34.34
C ARG K 110 -32.89 -1.16 -35.20
N HIS K 111 -31.61 -0.80 -35.19
CA HIS K 111 -30.63 -1.27 -36.15
C HIS K 111 -29.46 -1.95 -35.46
N SER K 112 -28.89 -2.95 -36.11
CA SER K 112 -27.56 -3.45 -35.77
C SER K 112 -26.68 -3.52 -37.02
N LEU K 113 -25.39 -3.26 -36.83
CA LEU K 113 -24.37 -3.70 -37.76
C LEU K 113 -24.18 -5.23 -37.74
N PRO K 114 -23.56 -5.79 -38.80
CA PRO K 114 -23.49 -7.26 -38.95
C PRO K 114 -22.79 -8.03 -37.83
N ASN K 115 -21.74 -7.46 -37.22
CA ASN K 115 -20.90 -8.21 -36.27
C ASN K 115 -21.08 -7.80 -34.82
N SER K 116 -22.09 -7.00 -34.49
CA SER K 116 -22.37 -6.66 -33.10
C SER K 116 -22.86 -7.88 -32.32
N ARG K 117 -22.55 -7.88 -31.02
CA ARG K 117 -23.08 -8.87 -30.08
C ARG K 117 -24.13 -8.23 -29.16
N ILE K 118 -25.29 -8.88 -29.00
CA ILE K 118 -26.29 -8.52 -28.00
C ILE K 118 -26.24 -9.53 -26.86
N MET K 119 -26.30 -9.04 -25.61
CA MET K 119 -26.46 -9.91 -24.45
C MET K 119 -27.57 -9.39 -23.53
N ILE K 120 -28.46 -10.28 -23.10
CA ILE K 120 -29.50 -10.00 -22.12
C ILE K 120 -29.29 -10.87 -20.88
N HIS K 121 -29.57 -10.30 -19.70
CA HIS K 121 -29.59 -11.08 -18.46
C HIS K 121 -30.39 -10.33 -17.39
N GLN K 122 -30.72 -11.07 -16.32
CA GLN K 122 -31.33 -10.50 -15.12
C GLN K 122 -30.39 -9.54 -14.40
N PRO K 123 -30.94 -8.64 -13.58
CA PRO K 123 -30.11 -7.75 -12.75
C PRO K 123 -29.38 -8.47 -11.62
N SER K 124 -28.29 -7.83 -11.19
CA SER K 124 -27.46 -8.29 -10.09
C SER K 124 -27.23 -7.14 -9.11
N GLY K 125 -26.94 -7.49 -7.86
CA GLY K 125 -26.67 -6.48 -6.84
C GLY K 125 -26.11 -7.02 -5.54
N GLY K 126 -26.36 -6.32 -4.44
CA GLY K 126 -25.95 -6.77 -3.13
C GLY K 126 -26.90 -6.29 -2.05
N ALA K 127 -26.75 -6.88 -0.87
CA ALA K 127 -27.50 -6.47 0.30
C ALA K 127 -26.64 -6.63 1.56
N ARG K 128 -26.88 -5.77 2.54
CA ARG K 128 -26.13 -5.77 3.79
C ARG K 128 -27.02 -5.31 4.94
N GLY K 129 -26.59 -5.63 6.14
CA GLY K 129 -27.21 -5.14 7.36
C GLY K 129 -27.91 -6.22 8.17
N GLN K 130 -28.86 -5.77 8.98
CA GLN K 130 -29.72 -6.67 9.74
C GLN K 130 -30.62 -7.46 8.79
N ALA K 131 -31.14 -8.57 9.31
CA ALA K 131 -32.05 -9.41 8.53
C ALA K 131 -33.24 -8.64 7.98
N THR K 132 -33.76 -7.68 8.76
CA THR K 132 -34.85 -6.82 8.27
C THR K 132 -34.41 -5.91 7.12
N ASP K 133 -33.22 -5.33 7.21
CA ASP K 133 -32.68 -4.52 6.11
C ASP K 133 -32.44 -5.36 4.86
N ILE K 134 -31.94 -6.58 5.03
CA ILE K 134 -31.72 -7.47 3.91
C ILE K 134 -33.03 -7.89 3.24
N ALA K 135 -34.06 -8.19 4.04
CA ALA K 135 -35.37 -8.52 3.47
C ALA K 135 -35.94 -7.38 2.63
N ILE K 136 -35.78 -6.13 3.07
CA ILE K 136 -36.19 -4.97 2.29
C ILE K 136 -35.41 -4.86 0.98
N GLN K 137 -34.09 -4.97 1.06
CA GLN K 137 -33.27 -4.83 -0.15
C GLN K 137 -33.51 -5.95 -1.17
N ALA K 138 -33.69 -7.18 -0.70
CA ALA K 138 -34.05 -8.28 -1.61
C ALA K 138 -35.41 -8.06 -2.26
N GLU K 139 -36.39 -7.59 -1.50
CA GLU K 139 -37.68 -7.23 -2.06
C GLU K 139 -37.55 -6.16 -3.15
N GLU K 140 -36.65 -5.20 -2.96
CA GLU K 140 -36.45 -4.14 -3.94
C GLU K 140 -35.82 -4.65 -5.24
N ILE K 141 -34.77 -5.48 -5.17
CA ILE K 141 -34.20 -5.99 -6.41
C ILE K 141 -35.16 -6.96 -7.13
N MET K 142 -36.01 -7.67 -6.39
CA MET K 142 -37.04 -8.48 -7.03
C MET K 142 -38.03 -7.62 -7.81
N LYS K 143 -38.52 -6.55 -7.20
CA LYS K 143 -39.40 -5.61 -7.90
C LYS K 143 -38.73 -5.05 -9.16
N LEU K 144 -37.47 -4.62 -9.06
CA LEU K 144 -36.77 -4.13 -10.23
C LEU K 144 -36.66 -5.19 -11.34
N LYS K 145 -36.41 -6.44 -10.96
CA LYS K 145 -36.38 -7.52 -11.95
C LYS K 145 -37.70 -7.64 -12.70
N LYS K 146 -38.82 -7.68 -11.99
CA LYS K 146 -40.13 -7.74 -12.63
C LYS K 146 -40.39 -6.53 -13.52
N GLN K 147 -40.07 -5.33 -13.03
CA GLN K 147 -40.14 -4.11 -13.82
C GLN K 147 -39.43 -4.25 -15.16
N LEU K 148 -38.15 -4.62 -15.13
CA LEU K 148 -37.34 -4.76 -16.34
C LEU K 148 -37.92 -5.80 -17.29
N TYR K 149 -38.36 -6.95 -16.77
CA TYR K 149 -38.97 -7.98 -17.61
C TYR K 149 -40.23 -7.50 -18.31
N ASN K 150 -41.03 -6.66 -17.65
CA ASN K 150 -42.18 -6.04 -18.30
C ASN K 150 -41.75 -5.15 -19.47
N ILE K 151 -40.73 -4.32 -19.26
CA ILE K 151 -40.19 -3.49 -20.32
C ILE K 151 -39.77 -4.33 -21.53
N TYR K 152 -38.97 -5.37 -21.30
CA TYR K 152 -38.51 -6.20 -22.42
C TYR K 152 -39.68 -6.89 -23.13
N ALA K 153 -40.66 -7.38 -22.37
CA ALA K 153 -41.84 -7.97 -22.98
C ALA K 153 -42.61 -6.98 -23.86
N LYS K 154 -42.78 -5.75 -23.38
CA LYS K 154 -43.45 -4.71 -24.17
C LYS K 154 -42.79 -4.48 -25.52
N HIS K 155 -41.48 -4.25 -25.55
CA HIS K 155 -40.81 -3.82 -26.78
C HIS K 155 -40.44 -4.98 -27.71
N THR K 156 -40.21 -6.17 -27.18
CA THR K 156 -39.89 -7.33 -28.01
C THR K 156 -41.11 -8.14 -28.41
N LYS K 157 -42.24 -7.96 -27.73
CA LYS K 157 -43.50 -8.67 -27.91
C LYS K 157 -43.43 -10.12 -27.44
N GLN K 158 -42.34 -10.55 -26.83
CA GLN K 158 -42.30 -11.86 -26.21
C GLN K 158 -43.15 -11.87 -24.95
N SER K 159 -43.67 -13.05 -24.62
CA SER K 159 -44.39 -13.23 -23.36
C SER K 159 -43.41 -13.17 -22.19
N LEU K 160 -43.98 -12.90 -21.00
CA LEU K 160 -43.17 -12.87 -19.78
C LEU K 160 -42.45 -14.18 -19.55
N GLN K 161 -43.12 -15.31 -19.80
CA GLN K 161 -42.49 -16.62 -19.61
C GLN K 161 -41.23 -16.75 -20.43
N VAL K 162 -41.29 -16.40 -21.72
CA VAL K 162 -40.13 -16.41 -22.60
C VAL K 162 -39.01 -15.52 -22.04
N ILE K 163 -39.36 -14.29 -21.66
CA ILE K 163 -38.39 -13.35 -21.07
C ILE K 163 -37.70 -13.96 -19.86
N GLU K 164 -38.47 -14.47 -18.91
CA GLU K 164 -37.91 -15.07 -17.69
C GLU K 164 -36.96 -16.22 -18.01
N SER K 165 -37.37 -17.12 -18.89
CA SER K 165 -36.50 -18.22 -19.32
C SER K 165 -35.21 -17.74 -19.96
N ALA K 166 -35.29 -16.74 -20.84
CA ALA K 166 -34.12 -16.26 -21.57
C ALA K 166 -33.12 -15.53 -20.68
N MET K 167 -33.59 -14.79 -19.67
CA MET K 167 -32.72 -13.91 -18.89
C MET K 167 -32.22 -14.52 -17.58
N GLU K 168 -32.60 -15.76 -17.26
CA GLU K 168 -32.10 -16.39 -16.03
C GLU K 168 -30.57 -16.41 -16.02
N ARG K 169 -29.94 -16.74 -17.14
CA ARG K 169 -28.50 -16.70 -17.31
C ARG K 169 -28.15 -15.75 -18.45
N ASP K 170 -26.87 -15.37 -18.52
CA ASP K 170 -26.35 -14.62 -19.67
C ASP K 170 -26.69 -15.29 -20.99
N ARG K 171 -27.29 -14.53 -21.90
CA ARG K 171 -27.78 -15.01 -23.19
C ARG K 171 -27.23 -14.10 -24.30
N TYR K 172 -26.17 -14.56 -24.97
CA TYR K 172 -25.61 -13.80 -26.07
C TYR K 172 -26.35 -14.09 -27.38
N MET K 173 -26.50 -13.04 -28.19
CA MET K 173 -27.23 -13.10 -29.45
C MET K 173 -26.42 -12.49 -30.58
N SER K 174 -26.49 -13.11 -31.75
CA SER K 174 -26.12 -12.43 -32.98
C SER K 174 -27.22 -11.43 -33.35
N PRO K 175 -26.90 -10.44 -34.20
CA PRO K 175 -27.96 -9.54 -34.70
C PRO K 175 -29.17 -10.23 -35.32
N MET K 176 -28.97 -11.27 -36.13
CA MET K 176 -30.11 -12.00 -36.67
C MET K 176 -30.95 -12.66 -35.58
N GLU K 177 -30.30 -13.32 -34.62
CA GLU K 177 -31.01 -13.84 -33.44
C GLU K 177 -31.76 -12.73 -32.70
N ALA K 178 -31.10 -11.61 -32.44
CA ALA K 178 -31.77 -10.46 -31.81
C ALA K 178 -32.99 -10.01 -32.59
N GLN K 179 -32.87 -9.89 -33.92
CA GLN K 179 -34.02 -9.56 -34.75
C GLN K 179 -35.15 -10.57 -34.58
N GLU K 180 -34.83 -11.86 -34.64
CA GLU K 180 -35.81 -12.90 -34.38
C GLU K 180 -36.46 -12.74 -33.00
N PHE K 181 -35.66 -12.41 -31.99
CA PHE K 181 -36.16 -12.21 -30.64
C PHE K 181 -37.09 -11.00 -30.56
N GLY K 182 -36.90 -10.01 -31.41
CA GLY K 182 -37.61 -8.76 -31.33
C GLY K 182 -36.89 -7.61 -30.67
N ILE K 183 -35.59 -7.73 -30.42
CA ILE K 183 -34.85 -6.63 -29.84
C ILE K 183 -34.60 -5.53 -30.88
N LEU K 184 -34.46 -5.92 -32.16
CA LEU K 184 -34.18 -4.97 -33.23
C LEU K 184 -34.91 -5.39 -34.50
N ASP K 185 -34.97 -4.45 -35.45
CA ASP K 185 -35.68 -4.59 -36.71
C ASP K 185 -34.79 -4.90 -37.90
N LYS K 186 -33.70 -4.16 -38.08
CA LYS K 186 -32.85 -4.27 -39.27
C LYS K 186 -31.40 -4.55 -38.91
N VAL K 187 -30.82 -5.51 -39.61
CA VAL K 187 -29.38 -5.75 -39.66
C VAL K 187 -28.86 -5.27 -41.01
N LEU K 188 -28.17 -4.14 -41.01
CA LEU K 188 -27.74 -3.47 -42.24
C LEU K 188 -26.25 -3.63 -42.44
N VAL K 189 -25.85 -4.02 -43.66
CA VAL K 189 -24.46 -4.08 -44.07
C VAL K 189 -24.03 -2.71 -44.62
N HIS K 190 -24.74 -2.23 -45.65
CA HIS K 190 -24.50 -0.95 -46.29
C HIS K 190 -25.78 -0.10 -46.25
N PRO K 191 -25.66 1.22 -46.30
CA PRO K 191 -26.86 2.06 -46.32
C PRO K 191 -27.61 1.99 -47.64
N ILE L 2 -18.12 16.29 -21.75
CA ILE L 2 -19.25 17.26 -21.77
C ILE L 2 -19.27 17.99 -23.11
N PRO L 3 -20.33 17.87 -23.93
CA PRO L 3 -20.42 18.46 -25.27
C PRO L 3 -20.75 19.96 -25.28
N ILE L 4 -20.47 20.63 -26.39
CA ILE L 4 -20.67 22.07 -26.61
C ILE L 4 -21.69 22.34 -27.74
N VAL L 5 -22.64 23.23 -27.49
CA VAL L 5 -23.67 23.71 -28.42
C VAL L 5 -23.23 25.01 -29.10
N ALA L 15 -23.29 29.43 -21.76
CA ALA L 15 -24.35 28.94 -22.64
C ALA L 15 -23.83 27.95 -23.71
N TYR L 16 -22.53 27.70 -23.75
CA TYR L 16 -21.88 26.84 -24.73
C TYR L 16 -21.97 25.35 -24.35
N ASP L 17 -21.39 24.91 -23.23
CA ASP L 17 -21.53 23.51 -22.80
C ASP L 17 -22.98 23.15 -22.46
N ILE L 18 -23.33 21.86 -22.55
CA ILE L 18 -24.74 21.42 -22.53
C ILE L 18 -25.52 21.82 -21.26
N TYR L 19 -24.92 21.78 -20.06
CA TYR L 19 -25.61 22.23 -18.85
C TYR L 19 -25.84 23.74 -18.83
N SER L 20 -24.88 24.55 -19.30
CA SER L 20 -25.08 25.98 -19.46
C SER L 20 -26.19 26.29 -20.47
N ARG L 21 -26.24 25.53 -21.56
CA ARG L 21 -27.28 25.65 -22.58
C ARG L 21 -28.67 25.36 -21.99
N LEU L 22 -28.77 24.40 -21.07
CA LEU L 22 -30.02 24.12 -20.35
C LEU L 22 -30.34 25.23 -19.34
N LEU L 23 -29.32 25.80 -18.70
CA LEU L 23 -29.53 26.92 -17.79
C LEU L 23 -30.32 28.04 -18.45
N ARG L 24 -30.02 28.35 -19.71
CA ARG L 24 -30.82 29.35 -20.43
C ARG L 24 -32.29 28.98 -20.51
N GLU L 25 -32.61 27.69 -20.41
CA GLU L 25 -34.00 27.23 -20.33
C GLU L 25 -34.55 27.29 -18.92
N ARG L 26 -33.79 27.81 -17.96
CA ARG L 26 -34.15 27.78 -16.53
C ARG L 26 -34.28 26.34 -16.01
N ILE L 27 -33.40 25.46 -16.46
CA ILE L 27 -33.35 24.07 -16.01
C ILE L 27 -32.10 23.91 -15.15
N VAL L 28 -32.29 23.47 -13.91
CA VAL L 28 -31.20 23.13 -13.00
C VAL L 28 -31.17 21.62 -12.81
N CYS L 29 -29.98 21.03 -12.95
CA CYS L 29 -29.79 19.59 -12.79
C CYS L 29 -29.19 19.30 -11.41
N VAL L 30 -29.90 18.52 -10.62
CA VAL L 30 -29.40 17.99 -9.34
C VAL L 30 -29.10 16.51 -9.49
N MET L 31 -27.85 16.17 -9.79
CA MET L 31 -27.45 14.84 -10.22
C MET L 31 -26.39 14.26 -9.29
N GLY L 32 -26.56 12.99 -8.91
CA GLY L 32 -25.65 12.30 -8.05
C GLY L 32 -25.70 12.73 -6.60
N PRO L 33 -24.68 12.33 -5.83
CA PRO L 33 -24.65 12.65 -4.39
C PRO L 33 -24.68 14.14 -4.14
N ILE L 34 -25.44 14.54 -3.13
CA ILE L 34 -25.57 15.95 -2.76
C ILE L 34 -24.58 16.25 -1.64
N ASP L 35 -23.56 17.05 -1.94
CA ASP L 35 -22.59 17.53 -0.97
C ASP L 35 -22.54 19.06 -1.04
N ASP L 36 -21.63 19.64 -0.25
CA ASP L 36 -21.51 21.10 -0.19
C ASP L 36 -21.24 21.71 -1.56
N SER L 37 -20.31 21.12 -2.31
CA SER L 37 -19.99 21.64 -3.64
C SER L 37 -21.22 21.62 -4.55
N VAL L 38 -21.91 20.48 -4.61
CA VAL L 38 -23.13 20.36 -5.40
C VAL L 38 -24.16 21.39 -4.94
N ALA L 39 -24.38 21.47 -3.62
CA ALA L 39 -25.32 22.44 -3.06
C ALA L 39 -24.94 23.88 -3.41
N SER L 40 -23.66 24.23 -3.25
CA SER L 40 -23.16 25.53 -3.66
C SER L 40 -23.54 25.87 -5.09
N LEU L 41 -23.26 24.96 -6.03
CA LEU L 41 -23.61 25.17 -7.43
C LEU L 41 -25.11 25.40 -7.62
N VAL L 42 -25.95 24.49 -7.10
CA VAL L 42 -27.40 24.61 -7.29
C VAL L 42 -27.93 25.93 -6.74
N ILE L 43 -27.49 26.34 -5.55
CA ILE L 43 -27.92 27.61 -4.97
C ILE L 43 -27.52 28.78 -5.85
N ALA L 44 -26.27 28.80 -6.30
CA ALA L 44 -25.81 29.81 -7.24
C ALA L 44 -26.71 29.92 -8.47
N GLN L 45 -27.04 28.78 -9.08
CA GLN L 45 -27.92 28.79 -10.25
C GLN L 45 -29.33 29.29 -9.91
N LEU L 46 -29.88 28.87 -8.78
CA LEU L 46 -31.19 29.34 -8.35
C LEU L 46 -31.21 30.85 -8.10
N LEU L 47 -30.17 31.38 -7.46
CA LEU L 47 -30.10 32.82 -7.25
C LEU L 47 -29.90 33.58 -8.55
N PHE L 48 -29.05 33.08 -9.45
CA PHE L 48 -28.94 33.64 -10.79
C PHE L 48 -30.27 33.65 -11.52
N LEU L 49 -30.96 32.50 -11.57
CA LEU L 49 -32.24 32.42 -12.26
C LEU L 49 -33.33 33.29 -11.64
N GLN L 50 -33.30 33.49 -10.31
CA GLN L 50 -34.20 34.45 -9.70
C GLN L 50 -33.88 35.88 -10.14
N SER L 51 -32.60 36.25 -10.18
CA SER L 51 -32.22 37.59 -10.59
C SER L 51 -32.55 37.86 -12.06
N GLU L 52 -32.52 36.84 -12.90
CA GLU L 52 -32.94 37.02 -14.29
C GLU L 52 -34.43 37.28 -14.40
N SER L 53 -35.25 36.62 -13.57
CA SER L 53 -36.61 37.08 -13.32
C SER L 53 -37.19 36.30 -12.15
N ASN L 54 -37.95 37.00 -11.30
CA ASN L 54 -38.61 36.40 -10.15
C ASN L 54 -39.95 35.76 -10.47
N LYS L 55 -40.45 35.92 -11.70
CA LYS L 55 -41.76 35.39 -12.09
C LYS L 55 -41.70 34.05 -12.81
N LYS L 56 -40.71 33.87 -13.68
CA LYS L 56 -40.69 32.67 -14.51
C LYS L 56 -40.36 31.43 -13.68
N PRO L 57 -41.08 30.33 -13.87
CA PRO L 57 -40.76 29.10 -13.15
C PRO L 57 -39.35 28.59 -13.44
N ILE L 58 -38.84 27.80 -12.49
CA ILE L 58 -37.59 27.07 -12.63
C ILE L 58 -37.92 25.58 -12.62
N HIS L 59 -37.22 24.81 -13.44
CA HIS L 59 -37.35 23.35 -13.47
C HIS L 59 -36.11 22.72 -12.84
N MET L 60 -36.33 21.90 -11.81
CA MET L 60 -35.28 21.14 -11.14
C MET L 60 -35.42 19.67 -11.49
N TYR L 61 -34.44 19.12 -12.20
CA TYR L 61 -34.41 17.72 -12.55
C TYR L 61 -33.53 16.98 -11.54
N ILE L 62 -34.09 15.98 -10.86
CA ILE L 62 -33.47 15.32 -9.73
C ILE L 62 -33.19 13.87 -10.10
N ASN L 63 -31.92 13.48 -10.08
CA ASN L 63 -31.50 12.07 -10.12
C ASN L 63 -30.39 11.88 -9.09
N SER L 64 -30.79 11.51 -7.87
CA SER L 64 -29.84 11.52 -6.77
C SER L 64 -30.02 10.33 -5.83
N PRO L 65 -28.91 9.71 -5.41
CA PRO L 65 -28.97 8.70 -4.33
C PRO L 65 -29.09 9.30 -2.93
N GLY L 66 -28.97 10.61 -2.76
CA GLY L 66 -28.95 11.24 -1.44
C GLY L 66 -27.71 12.07 -1.15
N GLY L 67 -27.40 12.32 0.11
CA GLY L 67 -26.25 13.15 0.42
C GLY L 67 -26.31 13.72 1.84
N VAL L 68 -25.47 14.74 2.04
CA VAL L 68 -25.31 15.41 3.32
C VAL L 68 -26.55 16.21 3.68
N VAL L 69 -27.00 16.07 4.94
CA VAL L 69 -28.21 16.73 5.41
C VAL L 69 -28.13 18.26 5.31
N THR L 70 -27.06 18.87 5.83
CA THR L 70 -27.00 20.34 5.80
C THR L 70 -26.85 20.88 4.38
N ALA L 71 -26.15 20.17 3.50
CA ALA L 71 -26.10 20.57 2.09
C ALA L 71 -27.48 20.52 1.45
N GLY L 72 -28.22 19.44 1.71
CA GLY L 72 -29.58 19.33 1.24
C GLY L 72 -30.52 20.36 1.82
N LEU L 73 -30.43 20.60 3.13
CA LEU L 73 -31.24 21.65 3.75
C LEU L 73 -30.91 23.03 3.22
N ALA L 74 -29.64 23.27 2.85
CA ALA L 74 -29.28 24.51 2.18
C ALA L 74 -30.08 24.70 0.90
N ILE L 75 -30.06 23.70 0.01
CA ILE L 75 -30.84 23.75 -1.21
C ILE L 75 -32.34 23.93 -0.92
N TYR L 76 -32.86 23.13 0.01
CA TYR L 76 -34.27 23.20 0.38
C TYR L 76 -34.69 24.60 0.83
N ASP L 77 -33.92 25.24 1.71
CA ASP L 77 -34.19 26.62 2.13
C ASP L 77 -34.14 27.61 0.97
N THR L 78 -33.14 27.48 0.09
CA THR L 78 -33.09 28.31 -1.11
C THR L 78 -34.34 28.15 -1.97
N MET L 79 -34.81 26.92 -2.16
CA MET L 79 -36.03 26.69 -2.93
C MET L 79 -37.24 27.39 -2.32
N GLN L 80 -37.37 27.34 -0.99
CA GLN L 80 -38.45 28.04 -0.31
C GLN L 80 -38.29 29.56 -0.37
N TYR L 81 -37.05 30.05 -0.28
CA TYR L 81 -36.83 31.49 -0.15
C TYR L 81 -37.09 32.25 -1.44
N ILE L 82 -36.61 31.74 -2.58
CA ILE L 82 -36.84 32.45 -3.85
C ILE L 82 -38.33 32.48 -4.20
N LEU L 83 -38.73 33.56 -4.88
CA LEU L 83 -40.13 33.79 -5.21
C LEU L 83 -40.63 32.90 -6.35
N ASN L 84 -39.75 32.44 -7.22
CA ASN L 84 -40.15 31.65 -8.38
C ASN L 84 -40.86 30.37 -7.97
N PRO L 85 -41.92 29.97 -8.67
CA PRO L 85 -42.37 28.58 -8.59
C PRO L 85 -41.31 27.64 -9.13
N ILE L 86 -41.18 26.49 -8.48
CA ILE L 86 -40.20 25.48 -8.86
C ILE L 86 -40.90 24.18 -9.19
N CYS L 87 -40.76 23.72 -10.43
CA CYS L 87 -41.19 22.39 -10.83
C CYS L 87 -40.06 21.40 -10.59
N THR L 88 -40.36 20.32 -9.90
CA THR L 88 -39.41 19.24 -9.64
C THR L 88 -39.73 18.01 -10.48
N TRP L 89 -38.69 17.39 -11.02
CA TRP L 89 -38.79 16.21 -11.88
C TRP L 89 -37.92 15.10 -11.32
N CYS L 90 -38.54 13.99 -10.93
CA CYS L 90 -37.81 12.77 -10.59
C CYS L 90 -37.48 12.00 -11.86
N VAL L 91 -36.20 11.89 -12.18
CA VAL L 91 -35.72 11.07 -13.28
C VAL L 91 -34.80 10.01 -12.70
N GLY L 92 -35.14 8.75 -12.92
CA GLY L 92 -34.33 7.65 -12.43
C GLY L 92 -34.50 7.27 -10.97
N GLN L 93 -34.00 8.08 -10.05
CA GLN L 93 -34.26 7.84 -8.63
C GLN L 93 -34.27 9.14 -7.84
N ALA L 94 -34.99 9.12 -6.73
CA ALA L 94 -34.86 10.15 -5.68
C ALA L 94 -34.86 9.44 -4.33
N ALA L 95 -33.69 9.36 -3.70
CA ALA L 95 -33.47 8.70 -2.43
C ALA L 95 -32.90 9.70 -1.43
N SER L 96 -33.26 9.52 -0.15
CA SER L 96 -32.86 10.43 0.93
C SER L 96 -33.20 11.88 0.60
N MET L 97 -32.17 12.71 0.57
CA MET L 97 -32.31 14.13 0.29
C MET L 97 -32.99 14.39 -1.05
N GLY L 98 -32.69 13.55 -2.04
CA GLY L 98 -33.34 13.67 -3.34
C GLY L 98 -34.85 13.54 -3.30
N SER L 99 -35.36 12.62 -2.48
CA SER L 99 -36.80 12.52 -2.30
C SER L 99 -37.37 13.71 -1.53
N LEU L 100 -36.61 14.24 -0.57
CA LEU L 100 -37.05 15.44 0.15
C LEU L 100 -37.11 16.67 -0.75
N LEU L 101 -36.07 16.90 -1.56
CA LEU L 101 -36.10 18.00 -2.53
C LEU L 101 -37.21 17.86 -3.57
N LEU L 102 -37.45 16.64 -4.04
CA LEU L 102 -38.60 16.38 -4.91
C LEU L 102 -39.92 16.80 -4.25
N ALA L 103 -40.13 16.41 -2.99
CA ALA L 103 -41.35 16.79 -2.28
C ALA L 103 -41.45 18.30 -2.03
N ALA L 104 -40.32 19.01 -1.99
CA ALA L 104 -40.30 20.44 -1.71
C ALA L 104 -40.69 21.32 -2.91
N GLY L 105 -40.97 20.74 -4.07
CA GLY L 105 -41.41 21.53 -5.20
C GLY L 105 -42.77 22.16 -4.98
N THR L 106 -43.02 23.22 -5.73
CA THR L 106 -44.28 23.95 -5.68
C THR L 106 -45.47 22.99 -5.82
N PRO L 107 -46.47 23.07 -4.94
CA PRO L 107 -47.64 22.18 -5.04
C PRO L 107 -48.29 22.21 -6.42
N GLY L 108 -48.65 21.02 -6.90
CA GLY L 108 -49.12 20.77 -8.24
C GLY L 108 -48.06 20.74 -9.32
N MET L 109 -46.79 20.89 -8.96
CA MET L 109 -45.68 21.01 -9.91
C MET L 109 -44.59 19.97 -9.66
N ARG L 110 -44.92 18.88 -8.96
CA ARG L 110 -43.95 17.84 -8.61
C ARG L 110 -44.23 16.61 -9.46
N HIS L 111 -43.24 16.19 -10.25
CA HIS L 111 -43.43 15.24 -11.33
C HIS L 111 -42.50 14.04 -11.15
N SER L 112 -42.97 12.87 -11.59
CA SER L 112 -42.11 11.73 -11.84
C SER L 112 -42.37 11.16 -13.24
N LEU L 113 -41.31 10.66 -13.85
CA LEU L 113 -41.42 9.71 -14.94
C LEU L 113 -41.91 8.33 -14.47
N PRO L 114 -42.43 7.50 -15.40
CA PRO L 114 -43.09 6.24 -15.01
C PRO L 114 -42.25 5.24 -14.23
N ASN L 115 -40.94 5.14 -14.51
CA ASN L 115 -40.11 4.07 -13.95
C ASN L 115 -39.13 4.53 -12.90
N SER L 116 -39.23 5.76 -12.41
CA SER L 116 -38.38 6.23 -11.32
C SER L 116 -38.71 5.51 -10.01
N ARG L 117 -37.69 5.35 -9.17
CA ARG L 117 -37.85 4.85 -7.81
C ARG L 117 -37.66 5.98 -6.80
N ILE L 118 -38.58 6.09 -5.83
CA ILE L 118 -38.43 6.96 -4.67
C ILE L 118 -38.09 6.12 -3.44
N MET L 119 -37.13 6.58 -2.63
CA MET L 119 -36.86 5.97 -1.33
C MET L 119 -36.77 7.04 -0.24
N ILE L 120 -37.43 6.80 0.88
CA ILE L 120 -37.37 7.64 2.08
C ILE L 120 -36.80 6.82 3.25
N HIS L 121 -35.99 7.47 4.09
CA HIS L 121 -35.54 6.86 5.34
C HIS L 121 -35.05 7.93 6.31
N GLN L 122 -34.90 7.54 7.57
CA GLN L 122 -34.29 8.37 8.60
C GLN L 122 -32.80 8.67 8.31
N PRO L 123 -32.27 9.74 8.90
CA PRO L 123 -30.83 10.02 8.78
C PRO L 123 -29.95 9.05 9.53
N SER L 124 -28.70 8.98 9.06
CA SER L 124 -27.64 8.16 9.63
C SER L 124 -26.40 9.01 9.85
N GLY L 125 -25.55 8.58 10.79
CA GLY L 125 -24.31 9.29 11.05
C GLY L 125 -23.34 8.55 11.95
N GLY L 126 -22.50 9.29 12.67
CA GLY L 126 -21.59 8.71 13.64
C GLY L 126 -21.32 9.66 14.78
N ALA L 127 -20.72 9.12 15.84
CA ALA L 127 -20.27 9.90 16.98
C ALA L 127 -18.98 9.31 17.55
N ARG L 128 -18.15 10.18 18.11
CA ARG L 128 -16.87 9.79 18.69
C ARG L 128 -16.51 10.68 19.86
N GLY L 129 -15.60 10.21 20.68
CA GLY L 129 -15.02 10.99 21.76
C GLY L 129 -15.40 10.49 23.15
N GLN L 130 -15.31 11.40 24.11
CA GLN L 130 -15.76 11.15 25.47
C GLN L 130 -17.27 10.97 25.49
N ALA L 131 -17.75 10.34 26.57
CA ALA L 131 -19.18 10.15 26.77
C ALA L 131 -19.98 11.45 26.69
N THR L 132 -19.42 12.55 27.20
CA THR L 132 -20.08 13.85 27.08
C THR L 132 -20.15 14.34 25.63
N ASP L 133 -19.08 14.16 24.86
CA ASP L 133 -19.10 14.51 23.44
C ASP L 133 -20.09 13.65 22.66
N ILE L 134 -20.16 12.37 22.97
CA ILE L 134 -21.11 11.47 22.33
C ILE L 134 -22.56 11.85 22.65
N ALA L 135 -22.84 12.20 23.91
CA ALA L 135 -24.19 12.63 24.28
C ALA L 135 -24.63 13.88 23.52
N ILE L 136 -23.71 14.83 23.31
CA ILE L 136 -24.00 16.01 22.50
C ILE L 136 -24.28 15.65 21.04
N GLN L 137 -23.43 14.82 20.45
CA GLN L 137 -23.61 14.46 19.04
C GLN L 137 -24.88 13.64 18.80
N ALA L 138 -25.21 12.71 19.70
CA ALA L 138 -26.48 12.00 19.60
C ALA L 138 -27.68 12.92 19.73
N GLU L 139 -27.64 13.87 20.66
CA GLU L 139 -28.68 14.88 20.77
C GLU L 139 -28.84 15.68 19.47
N GLU L 140 -27.74 15.98 18.79
CA GLU L 140 -27.80 16.73 17.54
C GLU L 140 -28.43 15.93 16.40
N ILE L 141 -28.05 14.66 16.21
CA ILE L 141 -28.69 13.89 15.14
C ILE L 141 -30.17 13.61 15.45
N MET L 142 -30.55 13.50 16.72
CA MET L 142 -31.97 13.38 17.07
C MET L 142 -32.74 14.63 16.67
N LYS L 143 -32.22 15.81 16.99
CA LYS L 143 -32.84 17.06 16.57
C LYS L 143 -33.00 17.13 15.06
N LEU L 144 -31.94 16.80 14.32
CA LEU L 144 -32.03 16.79 12.86
C LEU L 144 -33.10 15.83 12.35
N LYS L 145 -33.22 14.66 12.97
CA LYS L 145 -34.28 13.71 12.59
C LYS L 145 -35.67 14.33 12.74
N LYS L 146 -35.95 14.94 13.89
CA LYS L 146 -37.24 15.61 14.11
C LYS L 146 -37.47 16.74 13.11
N GLN L 147 -36.44 17.57 12.88
CA GLN L 147 -36.48 18.61 11.86
C GLN L 147 -36.94 18.06 10.51
N LEU L 148 -36.24 17.04 10.00
CA LEU L 148 -36.56 16.46 8.70
C LEU L 148 -37.97 15.89 8.65
N TYR L 149 -38.40 15.20 9.71
CA TYR L 149 -39.76 14.67 9.76
C TYR L 149 -40.83 15.76 9.70
N ASN L 150 -40.57 16.90 10.33
CA ASN L 150 -41.47 18.05 10.19
C ASN L 150 -41.57 18.53 8.74
N ILE L 151 -40.43 18.66 8.07
CA ILE L 151 -40.41 19.03 6.66
C ILE L 151 -41.26 18.07 5.82
N TYR L 152 -41.03 16.76 5.95
CA TYR L 152 -41.80 15.80 5.17
C TYR L 152 -43.29 15.86 5.49
N ALA L 153 -43.65 16.01 6.76
CA ALA L 153 -45.05 16.17 7.13
C ALA L 153 -45.69 17.39 6.48
N LYS L 154 -44.99 18.52 6.50
CA LYS L 154 -45.48 19.74 5.86
C LYS L 154 -45.84 19.54 4.38
N HIS L 155 -44.90 19.00 3.59
CA HIS L 155 -45.08 18.96 2.14
C HIS L 155 -45.91 17.78 1.66
N THR L 156 -45.93 16.66 2.38
CA THR L 156 -46.73 15.51 2.00
C THR L 156 -48.12 15.51 2.63
N LYS L 157 -48.34 16.30 3.68
CA LYS L 157 -49.56 16.40 4.47
C LYS L 157 -49.84 15.17 5.32
N GLN L 158 -48.91 14.22 5.38
CA GLN L 158 -49.03 13.12 6.32
C GLN L 158 -48.78 13.60 7.73
N SER L 159 -49.40 12.93 8.70
CA SER L 159 -49.14 13.19 10.10
C SER L 159 -47.73 12.73 10.48
N LEU L 160 -47.22 13.29 11.57
CA LEU L 160 -45.91 12.89 12.09
C LEU L 160 -45.84 11.40 12.36
N GLN L 161 -46.90 10.83 12.95
CA GLN L 161 -46.92 9.41 13.25
C GLN L 161 -46.68 8.57 11.99
N VAL L 162 -47.40 8.88 10.91
CA VAL L 162 -47.21 8.20 9.63
C VAL L 162 -45.77 8.33 9.15
N ILE L 163 -45.24 9.56 9.17
CA ILE L 163 -43.85 9.81 8.77
C ILE L 163 -42.87 8.94 9.56
N GLU L 164 -42.98 8.96 10.89
CA GLU L 164 -42.09 8.18 11.75
C GLU L 164 -42.15 6.69 11.43
N SER L 165 -43.36 6.15 11.29
CA SER L 165 -43.53 4.74 10.93
C SER L 165 -42.89 4.42 9.58
N ALA L 166 -43.10 5.28 8.58
CA ALA L 166 -42.61 5.01 7.23
C ALA L 166 -41.10 5.07 7.11
N MET L 167 -40.44 5.97 7.86
CA MET L 167 -39.02 6.24 7.69
C MET L 167 -38.11 5.48 8.66
N GLU L 168 -38.66 4.67 9.57
CA GLU L 168 -37.82 3.88 10.46
C GLU L 168 -36.82 3.02 9.69
N ARG L 169 -37.28 2.37 8.63
CA ARG L 169 -36.43 1.59 7.73
C ARG L 169 -36.54 2.18 6.31
N ASP L 170 -35.61 1.78 5.45
CA ASP L 170 -35.69 2.09 4.02
C ASP L 170 -37.04 1.69 3.43
N ARG L 171 -37.69 2.65 2.77
CA ARG L 171 -39.02 2.49 2.20
C ARG L 171 -39.01 2.92 0.73
N TYR L 172 -38.94 1.94 -0.17
CA TYR L 172 -38.97 2.23 -1.60
C TYR L 172 -40.39 2.38 -2.10
N MET L 173 -40.58 3.32 -3.03
CA MET L 173 -41.88 3.65 -3.60
C MET L 173 -41.82 3.68 -5.11
N SER L 174 -42.88 3.18 -5.75
CA SER L 174 -43.13 3.52 -7.14
C SER L 174 -43.66 4.96 -7.21
N PRO L 175 -43.59 5.58 -8.40
CA PRO L 175 -44.21 6.91 -8.57
C PRO L 175 -45.68 7.00 -8.15
N MET L 176 -46.51 6.00 -8.50
CA MET L 176 -47.90 6.02 -8.05
C MET L 176 -48.02 5.96 -6.53
N GLU L 177 -47.25 5.07 -5.89
CA GLU L 177 -47.18 5.06 -4.42
C GLU L 177 -46.73 6.41 -3.86
N ALA L 178 -45.67 6.98 -4.43
CA ALA L 178 -45.22 8.31 -4.01
C ALA L 178 -46.32 9.36 -4.14
N GLN L 179 -47.04 9.36 -5.27
CA GLN L 179 -48.18 10.26 -5.43
C GLN L 179 -49.22 10.05 -4.33
N GLU L 180 -49.58 8.79 -4.06
CA GLU L 180 -50.50 8.49 -2.97
C GLU L 180 -49.96 9.00 -1.64
N PHE L 181 -48.66 8.85 -1.41
CA PHE L 181 -48.04 9.32 -0.18
C PHE L 181 -48.08 10.85 -0.07
N GLY L 182 -48.09 11.55 -1.19
CA GLY L 182 -47.98 12.99 -1.21
C GLY L 182 -46.62 13.56 -1.50
N ILE L 183 -45.67 12.74 -1.94
CA ILE L 183 -44.35 13.26 -2.29
C ILE L 183 -44.41 14.00 -3.63
N LEU L 184 -45.29 13.57 -4.54
CA LEU L 184 -45.39 14.19 -5.86
C LEU L 184 -46.85 14.22 -6.31
N ASP L 185 -47.10 15.02 -7.35
CA ASP L 185 -48.43 15.28 -7.89
C ASP L 185 -48.75 14.50 -9.16
N LYS L 186 -47.84 14.51 -10.14
CA LYS L 186 -48.11 13.91 -11.45
C LYS L 186 -47.06 12.88 -11.83
N VAL L 187 -47.52 11.75 -12.34
CA VAL L 187 -46.73 10.74 -13.02
C VAL L 187 -47.06 10.84 -14.52
N LEU L 188 -46.13 11.39 -15.30
CA LEU L 188 -46.37 11.68 -16.71
C LEU L 188 -45.60 10.71 -17.59
N VAL L 189 -46.29 10.15 -18.58
CA VAL L 189 -45.67 9.32 -19.62
C VAL L 189 -45.18 10.21 -20.76
N HIS L 190 -46.09 10.98 -21.35
CA HIS L 190 -45.80 11.90 -22.44
C HIS L 190 -46.25 13.31 -22.06
N PRO L 191 -45.66 14.35 -22.65
CA PRO L 191 -46.10 15.71 -22.34
C PRO L 191 -47.46 16.05 -22.94
N ILE M 2 -18.83 23.18 -13.24
CA ILE M 2 -19.17 24.61 -13.02
C ILE M 2 -19.74 25.20 -14.31
N PRO M 3 -21.00 25.68 -14.34
CA PRO M 3 -21.65 26.18 -15.54
C PRO M 3 -21.26 27.62 -15.93
N ILE M 4 -21.50 27.99 -17.18
CA ILE M 4 -21.18 29.30 -17.78
C ILE M 4 -22.45 30.06 -18.21
N VAL M 5 -22.54 31.34 -17.84
CA VAL M 5 -23.59 32.29 -18.20
C VAL M 5 -23.19 33.10 -19.43
N ALA M 15 -16.70 36.97 -15.39
CA ALA M 15 -18.15 37.13 -15.32
C ALA M 15 -18.91 36.01 -16.05
N TYR M 16 -18.20 35.07 -16.67
CA TYR M 16 -18.77 33.97 -17.45
C TYR M 16 -19.20 32.79 -16.56
N ASP M 17 -18.30 32.12 -15.84
CA ASP M 17 -18.69 31.05 -14.93
C ASP M 17 -19.58 31.57 -13.76
N ILE M 18 -20.39 30.69 -13.17
CA ILE M 18 -21.47 31.10 -12.26
C ILE M 18 -21.00 31.89 -11.02
N TYR M 19 -19.85 31.55 -10.41
CA TYR M 19 -19.33 32.33 -9.28
C TYR M 19 -18.85 33.71 -9.71
N SER M 20 -18.19 33.84 -10.86
CA SER M 20 -17.83 35.15 -11.40
C SER M 20 -19.05 36.00 -11.71
N ARG M 21 -20.10 35.37 -12.25
CA ARG M 21 -21.38 36.03 -12.54
C ARG M 21 -22.02 36.57 -11.25
N LEU M 22 -21.91 35.85 -10.13
CA LEU M 22 -22.36 36.33 -8.83
C LEU M 22 -21.47 37.44 -8.29
N LEU M 23 -20.16 37.36 -8.54
CA LEU M 23 -19.25 38.43 -8.14
C LEU M 23 -19.70 39.79 -8.65
N ARG M 24 -20.19 39.86 -9.89
CA ARG M 24 -20.75 41.11 -10.40
C ARG M 24 -21.91 41.62 -9.55
N GLU M 25 -22.59 40.73 -8.83
CA GLU M 25 -23.63 41.11 -7.88
C GLU M 25 -23.06 41.51 -6.51
N ARG M 26 -21.73 41.53 -6.37
CA ARG M 26 -21.07 41.73 -5.08
C ARG M 26 -21.42 40.63 -4.07
N ILE M 27 -21.51 39.39 -4.56
CA ILE M 27 -21.76 38.21 -3.73
C ILE M 27 -20.47 37.41 -3.66
N VAL M 28 -19.99 37.17 -2.45
CA VAL M 28 -18.83 36.30 -2.19
C VAL M 28 -19.33 35.03 -1.51
N CYS M 29 -18.90 33.89 -2.01
CA CYS M 29 -19.27 32.58 -1.46
C CYS M 29 -18.12 32.03 -0.62
N VAL M 30 -18.41 31.79 0.66
CA VAL M 30 -17.49 31.11 1.57
C VAL M 30 -18.01 29.70 1.85
N MET M 31 -17.52 28.72 1.09
CA MET M 31 -18.10 27.38 1.04
C MET M 31 -17.07 26.32 1.41
N GLY M 32 -17.46 25.38 2.26
CA GLY M 32 -16.60 24.31 2.69
C GLY M 32 -15.53 24.73 3.68
N PRO M 33 -14.55 23.85 3.89
CA PRO M 33 -13.49 24.12 4.86
C PRO M 33 -12.71 25.38 4.52
N ILE M 34 -12.40 26.16 5.55
CA ILE M 34 -11.65 27.41 5.38
C ILE M 34 -10.17 27.12 5.61
N ASP M 35 -9.37 27.22 4.55
CA ASP M 35 -7.92 27.09 4.61
C ASP M 35 -7.30 28.34 3.98
N ASP M 36 -5.97 28.34 3.89
CA ASP M 36 -5.23 29.48 3.34
C ASP M 36 -5.68 29.81 1.92
N SER M 37 -5.80 28.79 1.07
CA SER M 37 -6.24 29.02 -0.30
C SER M 37 -7.62 29.67 -0.35
N VAL M 38 -8.58 29.10 0.37
CA VAL M 38 -9.92 29.67 0.45
C VAL M 38 -9.86 31.10 0.97
N ALA M 39 -9.14 31.32 2.06
CA ALA M 39 -8.97 32.66 2.63
C ALA M 39 -8.36 33.63 1.63
N SER M 40 -7.28 33.22 0.97
CA SER M 40 -6.67 34.01 -0.10
C SER M 40 -7.69 34.48 -1.13
N LEU M 41 -8.49 33.55 -1.66
CA LEU M 41 -9.53 33.89 -2.63
C LEU M 41 -10.53 34.91 -2.07
N VAL M 42 -11.10 34.63 -0.90
CA VAL M 42 -12.12 35.53 -0.34
C VAL M 42 -11.56 36.94 -0.12
N ILE M 43 -10.34 37.05 0.42
CA ILE M 43 -9.73 38.36 0.63
C ILE M 43 -9.54 39.09 -0.70
N ALA M 44 -9.01 38.40 -1.71
CA ALA M 44 -8.89 38.97 -3.05
C ALA M 44 -10.21 39.53 -3.55
N GLN M 45 -11.29 38.76 -3.43
CA GLN M 45 -12.60 39.24 -3.87
C GLN M 45 -13.09 40.44 -3.07
N LEU M 46 -12.89 40.42 -1.75
CA LEU M 46 -13.28 41.55 -0.90
C LEU M 46 -12.50 42.82 -1.25
N LEU M 47 -11.20 42.69 -1.51
CA LEU M 47 -10.41 43.86 -1.91
C LEU M 47 -10.80 44.35 -3.30
N PHE M 48 -11.03 43.44 -4.25
CA PHE M 48 -11.58 43.82 -5.54
C PHE M 48 -12.92 44.57 -5.41
N LEU M 49 -13.86 43.98 -4.66
CA LEU M 49 -15.17 44.62 -4.50
C LEU M 49 -15.10 45.96 -3.77
N GLN M 50 -14.16 46.13 -2.83
CA GLN M 50 -13.94 47.45 -2.26
C GLN M 50 -13.42 48.45 -3.28
N SER M 51 -12.48 48.04 -4.12
CA SER M 51 -11.92 48.93 -5.14
C SER M 51 -12.97 49.31 -6.18
N GLU M 52 -13.91 48.43 -6.48
CA GLU M 52 -15.00 48.79 -7.38
C GLU M 52 -15.92 49.84 -6.79
N SER M 53 -16.19 49.75 -5.47
CA SER M 53 -16.72 50.89 -4.74
C SER M 53 -16.68 50.60 -3.25
N ASN M 54 -16.33 51.61 -2.46
CA ASN M 54 -16.27 51.50 -1.01
C ASN M 54 -17.61 51.71 -0.32
N LYS M 55 -18.66 52.09 -1.06
CA LYS M 55 -19.97 52.38 -0.48
C LYS M 55 -20.94 51.22 -0.58
N LYS M 56 -20.95 50.50 -1.70
CA LYS M 56 -21.96 49.47 -1.91
C LYS M 56 -21.73 48.28 -0.98
N PRO M 57 -22.79 47.76 -0.35
CA PRO M 57 -22.63 46.57 0.49
C PRO M 57 -22.10 45.36 -0.28
N ILE M 58 -21.50 44.45 0.47
CA ILE M 58 -21.09 43.13 -0.02
C ILE M 58 -21.92 42.08 0.71
N HIS M 59 -22.31 41.03 0.00
CA HIS M 59 -23.01 39.90 0.57
C HIS M 59 -22.09 38.69 0.66
N MET M 60 -21.91 38.16 1.86
CA MET M 60 -21.12 36.95 2.10
C MET M 60 -22.05 35.80 2.45
N TYR M 61 -22.09 34.79 1.59
CA TYR M 61 -22.88 33.59 1.83
C TYR M 61 -21.97 32.51 2.41
N ILE M 62 -22.33 32.02 3.59
CA ILE M 62 -21.47 31.14 4.39
C ILE M 62 -22.14 29.77 4.50
N ASN M 63 -21.46 28.74 3.99
CA ASN M 63 -21.81 27.34 4.25
C ASN M 63 -20.51 26.58 4.54
N SER M 64 -20.14 26.52 5.81
CA SER M 64 -18.82 26.02 6.16
C SER M 64 -18.83 25.15 7.41
N PRO M 65 -18.11 24.02 7.39
CA PRO M 65 -17.87 23.24 8.61
C PRO M 65 -16.81 23.83 9.54
N GLY M 66 -16.07 24.87 9.13
CA GLY M 66 -14.96 25.39 9.89
C GLY M 66 -13.63 25.40 9.17
N GLY M 67 -12.51 25.46 9.88
CA GLY M 67 -11.23 25.53 9.21
C GLY M 67 -10.13 26.05 10.12
N VAL M 68 -9.04 26.45 9.47
CA VAL M 68 -7.82 26.93 10.11
C VAL M 68 -8.06 28.30 10.75
N VAL M 69 -7.60 28.45 12.00
CA VAL M 69 -7.81 29.69 12.76
C VAL M 69 -7.19 30.91 12.07
N THR M 70 -5.91 30.84 11.70
CA THR M 70 -5.27 32.01 11.10
C THR M 70 -5.86 32.36 9.73
N ALA M 71 -6.26 31.37 8.95
CA ALA M 71 -6.95 31.64 7.69
C ALA M 71 -8.29 32.35 7.93
N GLY M 72 -9.04 31.87 8.92
CA GLY M 72 -10.28 32.53 9.31
C GLY M 72 -10.08 33.92 9.87
N LEU M 73 -9.09 34.09 10.74
CA LEU M 73 -8.77 35.43 11.26
C LEU M 73 -8.33 36.38 10.17
N ALA M 74 -7.65 35.87 9.14
CA ALA M 74 -7.32 36.68 7.97
C ALA M 74 -8.58 37.26 7.33
N ILE M 75 -9.55 36.40 7.01
CA ILE M 75 -10.82 36.85 6.46
C ILE M 75 -11.51 37.84 7.40
N TYR M 76 -11.60 37.48 8.68
CA TYR M 76 -12.24 38.34 9.68
C TYR M 76 -11.64 39.74 9.73
N ASP M 77 -10.31 39.85 9.76
CA ASP M 77 -9.66 41.16 9.72
C ASP M 77 -9.95 41.94 8.44
N THR M 78 -9.91 41.27 7.29
CA THR M 78 -10.31 41.89 6.03
C THR M 78 -11.73 42.45 6.09
N MET M 79 -12.67 41.67 6.64
CA MET M 79 -14.04 42.14 6.77
C MET M 79 -14.14 43.41 7.61
N GLN M 80 -13.40 43.46 8.72
CA GLN M 80 -13.37 44.67 9.55
C GLN M 80 -12.67 45.83 8.86
N TYR M 81 -11.61 45.56 8.11
CA TYR M 81 -10.78 46.63 7.56
C TYR M 81 -11.46 47.39 6.42
N ILE M 82 -12.09 46.68 5.48
CA ILE M 82 -12.75 47.36 4.37
C ILE M 82 -13.93 48.20 4.86
N LEU M 83 -14.17 49.31 4.16
CA LEU M 83 -15.19 50.28 4.54
C LEU M 83 -16.61 49.80 4.25
N ASN M 84 -16.79 48.90 3.30
CA ASN M 84 -18.12 48.45 2.90
C ASN M 84 -18.86 47.79 4.07
N PRO M 85 -20.15 48.03 4.22
CA PRO M 85 -20.98 47.13 5.03
C PRO M 85 -21.02 45.75 4.41
N ILE M 86 -21.00 44.73 5.26
CA ILE M 86 -21.03 43.34 4.83
C ILE M 86 -22.24 42.64 5.43
N CYS M 87 -23.12 42.16 4.57
CA CYS M 87 -24.22 41.28 4.97
C CYS M 87 -23.74 39.83 4.92
N THR M 88 -23.95 39.11 6.02
CA THR M 88 -23.62 37.70 6.11
C THR M 88 -24.88 36.84 6.09
N TRP M 89 -24.81 35.73 5.36
CA TRP M 89 -25.92 34.80 5.18
C TRP M 89 -25.45 33.39 5.57
N CYS M 90 -26.07 32.82 6.60
CA CYS M 90 -25.89 31.41 6.93
C CYS M 90 -26.82 30.57 6.06
N VAL M 91 -26.24 29.76 5.19
CA VAL M 91 -26.97 28.79 4.39
C VAL M 91 -26.44 27.41 4.75
N GLY M 92 -27.33 26.54 5.22
CA GLY M 92 -26.96 25.18 5.58
C GLY M 92 -26.30 25.00 6.93
N GLN M 93 -25.04 25.41 7.08
CA GLN M 93 -24.39 25.38 8.39
C GLN M 93 -23.36 26.48 8.53
N ALA M 94 -23.11 26.89 9.77
CA ALA M 94 -21.94 27.69 10.13
C ALA M 94 -21.37 27.13 11.42
N ALA M 95 -20.25 26.43 11.32
CA ALA M 95 -19.57 25.78 12.43
C ALA M 95 -18.14 26.32 12.54
N SER M 96 -17.63 26.39 13.77
CA SER M 96 -16.30 26.95 14.05
C SER M 96 -16.14 28.33 13.46
N MET M 97 -15.13 28.45 12.58
CA MET M 97 -14.81 29.71 11.92
C MET M 97 -16.00 30.27 11.14
N GLY M 98 -16.80 29.39 10.53
CA GLY M 98 -17.99 29.82 9.83
C GLY M 98 -19.00 30.56 10.71
N SER M 99 -19.18 30.09 11.94
CA SER M 99 -20.04 30.81 12.87
C SER M 99 -19.42 32.13 13.32
N LEU M 100 -18.09 32.17 13.47
CA LEU M 100 -17.42 33.42 13.81
C LEU M 100 -17.53 34.46 12.69
N LEU M 101 -17.28 34.06 11.45
CA LEU M 101 -17.45 34.96 10.31
C LEU M 101 -18.89 35.45 10.14
N LEU M 102 -19.86 34.57 10.36
CA LEU M 102 -21.27 34.97 10.39
C LEU M 102 -21.53 36.06 11.42
N ALA M 103 -21.01 35.88 12.65
CA ALA M 103 -21.19 36.88 13.69
C ALA M 103 -20.47 38.20 13.38
N ALA M 104 -19.41 38.17 12.57
CA ALA M 104 -18.63 39.36 12.23
C ALA M 104 -19.28 40.27 11.20
N GLY M 105 -20.44 39.92 10.66
CA GLY M 105 -21.12 40.80 9.74
C GLY M 105 -21.59 42.09 10.39
N THR M 106 -21.81 43.10 9.54
CA THR M 106 -22.28 44.41 9.97
C THR M 106 -23.53 44.26 10.85
N PRO M 107 -23.59 44.91 12.01
CA PRO M 107 -24.77 44.81 12.87
C PRO M 107 -26.06 45.16 12.14
N GLY M 108 -27.10 44.36 12.41
CA GLY M 108 -28.36 44.39 11.70
C GLY M 108 -28.38 43.75 10.34
N MET M 109 -27.26 43.19 9.89
CA MET M 109 -27.10 42.64 8.53
C MET M 109 -26.68 41.18 8.55
N ARG M 110 -26.90 40.46 9.65
CA ARG M 110 -26.48 39.08 9.79
C ARG M 110 -27.72 38.20 9.75
N HIS M 111 -27.76 37.28 8.77
CA HIS M 111 -28.96 36.57 8.39
C HIS M 111 -28.76 35.06 8.48
N SER M 112 -29.83 34.35 8.82
CA SER M 112 -29.90 32.92 8.60
C SER M 112 -31.20 32.56 7.88
N LEU M 113 -31.12 31.54 7.03
CA LEU M 113 -32.29 30.79 6.60
C LEU M 113 -32.88 29.93 7.73
N PRO M 114 -34.14 29.51 7.58
CA PRO M 114 -34.86 28.83 8.70
C PRO M 114 -34.23 27.54 9.22
N ASN M 115 -33.61 26.73 8.37
CA ASN M 115 -33.16 25.40 8.74
C ASN M 115 -31.65 25.25 8.87
N SER M 116 -30.90 26.36 8.86
CA SER M 116 -29.45 26.29 9.07
C SER M 116 -29.12 25.89 10.51
N ARG M 117 -28.00 25.21 10.69
CA ARG M 117 -27.43 24.91 12.00
C ARG M 117 -26.20 25.76 12.27
N ILE M 118 -26.14 26.38 13.45
CA ILE M 118 -24.92 27.05 13.95
C ILE M 118 -24.27 26.19 15.02
N MET M 119 -22.94 26.05 14.97
CA MET M 119 -22.20 25.42 16.06
C MET M 119 -21.00 26.27 16.45
N ILE M 120 -20.81 26.48 17.76
CA ILE M 120 -19.65 27.15 18.33
C ILE M 120 -18.88 26.19 19.22
N HIS M 121 -17.55 26.29 19.22
CA HIS M 121 -16.71 25.55 20.17
C HIS M 121 -15.33 26.21 20.26
N GLN M 122 -14.59 25.82 21.30
CA GLN M 122 -13.18 26.19 21.46
C GLN M 122 -12.29 25.60 20.36
N PRO M 123 -11.12 26.20 20.14
CA PRO M 123 -10.16 25.64 19.18
C PRO M 123 -9.50 24.35 19.65
N SER M 124 -9.03 23.59 18.67
CA SER M 124 -8.32 22.33 18.86
C SER M 124 -7.02 22.34 18.06
N GLY M 125 -6.06 21.54 18.49
CA GLY M 125 -4.79 21.44 17.79
C GLY M 125 -3.90 20.31 18.25
N GLY M 126 -2.58 20.48 18.10
CA GLY M 126 -1.62 19.51 18.57
C GLY M 126 -0.32 20.17 18.96
N ALA M 127 0.52 19.40 19.66
CA ALA M 127 1.86 19.83 20.02
C ALA M 127 2.81 18.63 20.00
N ARG M 128 4.08 18.91 19.67
CA ARG M 128 5.11 17.87 19.59
C ARG M 128 6.47 18.45 19.98
N GLY M 129 7.39 17.56 20.31
CA GLY M 129 8.77 17.90 20.55
C GLY M 129 9.20 17.74 21.99
N GLN M 130 10.25 18.46 22.36
CA GLN M 130 10.72 18.52 23.72
C GLN M 130 9.70 19.23 24.60
N ALA M 131 9.81 18.99 25.91
CA ALA M 131 8.93 19.62 26.88
C ALA M 131 8.90 21.14 26.76
N THR M 132 10.05 21.76 26.46
CA THR M 132 10.08 23.20 26.22
C THR M 132 9.32 23.62 24.97
N ASP M 133 9.45 22.86 23.89
CA ASP M 133 8.67 23.14 22.67
C ASP M 133 7.18 22.96 22.90
N ILE M 134 6.80 21.94 23.66
CA ILE M 134 5.39 21.72 23.99
C ILE M 134 4.83 22.83 24.85
N ALA M 135 5.59 23.30 25.84
CA ALA M 135 5.14 24.42 26.67
C ALA M 135 4.89 25.68 25.85
N ILE M 136 5.74 25.97 24.87
CA ILE M 136 5.54 27.09 23.96
C ILE M 136 4.26 26.91 23.12
N GLN M 137 4.09 25.73 22.52
CA GLN M 137 2.92 25.51 21.67
C GLN M 137 1.61 25.53 22.45
N ALA M 138 1.59 24.97 23.65
CA ALA M 138 0.40 25.07 24.50
C ALA M 138 0.09 26.51 24.89
N GLU M 139 1.11 27.29 25.23
CA GLU M 139 0.93 28.71 25.49
C GLU M 139 0.32 29.44 24.28
N GLU M 140 0.73 29.06 23.07
CA GLU M 140 0.20 29.69 21.87
C GLU M 140 -1.27 29.36 21.62
N ILE M 141 -1.67 28.08 21.74
CA ILE M 141 -3.10 27.78 21.55
C ILE M 141 -3.97 28.38 22.65
N MET M 142 -3.44 28.52 23.87
CA MET M 142 -4.19 29.22 24.92
C MET M 142 -4.42 30.69 24.56
N LYS M 143 -3.39 31.38 24.10
CA LYS M 143 -3.54 32.75 23.64
C LYS M 143 -4.57 32.86 22.52
N LEU M 144 -4.50 31.99 21.53
CA LEU M 144 -5.49 32.00 20.46
C LEU M 144 -6.91 31.79 20.98
N LYS M 145 -7.09 30.90 21.95
CA LYS M 145 -8.40 30.70 22.56
C LYS M 145 -8.95 31.99 23.17
N LYS M 146 -8.14 32.67 23.99
CA LYS M 146 -8.55 33.94 24.58
C LYS M 146 -8.86 34.99 23.51
N GLN M 147 -8.00 35.10 22.50
CA GLN M 147 -8.25 35.98 21.36
C GLN M 147 -9.63 35.75 20.75
N LEU M 148 -9.93 34.51 20.37
CA LEU M 148 -11.21 34.17 19.75
C LEU M 148 -12.41 34.48 20.66
N TYR M 149 -12.29 34.16 21.96
CA TYR M 149 -13.36 34.47 22.90
C TYR M 149 -13.63 35.97 23.02
N ASN M 150 -12.59 36.80 22.93
CA ASN M 150 -12.78 38.26 22.88
C ASN M 150 -13.57 38.67 21.65
N ILE M 151 -13.20 38.13 20.48
CA ILE M 151 -13.95 38.40 19.24
C ILE M 151 -15.42 38.05 19.40
N TYR M 152 -15.73 36.84 19.86
CA TYR M 152 -17.14 36.45 20.02
C TYR M 152 -17.88 37.34 21.02
N ALA M 153 -17.22 37.69 22.13
CA ALA M 153 -17.83 38.61 23.10
C ALA M 153 -18.15 39.97 22.49
N LYS M 154 -17.22 40.52 21.71
CA LYS M 154 -17.44 41.80 21.02
C LYS M 154 -18.69 41.80 20.14
N HIS M 155 -18.81 40.81 19.25
CA HIS M 155 -19.87 40.86 18.25
C HIS M 155 -21.21 40.33 18.75
N THR M 156 -21.23 39.41 19.72
CA THR M 156 -22.47 38.90 20.27
C THR M 156 -22.96 39.67 21.48
N LYS M 157 -22.10 40.49 22.10
CA LYS M 157 -22.35 41.26 23.32
C LYS M 157 -22.49 40.41 24.57
N GLN M 158 -22.26 39.11 24.48
CA GLN M 158 -22.20 38.27 25.67
C GLN M 158 -20.92 38.57 26.45
N SER M 159 -21.00 38.36 27.76
CA SER M 159 -19.82 38.47 28.60
C SER M 159 -18.86 37.31 28.32
N LEU M 160 -17.59 37.51 28.70
CA LEU M 160 -16.58 36.46 28.56
C LEU M 160 -16.99 35.19 29.28
N GLN M 161 -17.54 35.32 30.49
CA GLN M 161 -17.95 34.15 31.26
C GLN M 161 -18.95 33.30 30.48
N VAL M 162 -19.98 33.93 29.91
CA VAL M 162 -20.95 33.24 29.07
C VAL M 162 -20.26 32.55 27.90
N ILE M 163 -19.41 33.27 27.19
CA ILE M 163 -18.65 32.69 26.06
C ILE M 163 -17.88 31.44 26.48
N GLU M 164 -17.09 31.55 27.56
CA GLU M 164 -16.29 30.42 28.04
C GLU M 164 -17.17 29.21 28.36
N SER M 165 -18.25 29.43 29.10
CA SER M 165 -19.18 28.35 29.42
C SER M 165 -19.78 27.70 28.17
N ALA M 166 -20.19 28.51 27.20
CA ALA M 166 -20.85 27.99 26.00
C ALA M 166 -19.91 27.19 25.09
N MET M 167 -18.64 27.59 25.00
CA MET M 167 -17.72 27.01 24.02
C MET M 167 -16.83 25.90 24.57
N GLU M 168 -16.94 25.55 25.85
CA GLU M 168 -16.15 24.45 26.40
C GLU M 168 -16.36 23.17 25.60
N ARG M 169 -17.61 22.86 25.25
CA ARG M 169 -17.97 21.73 24.40
C ARG M 169 -18.69 22.24 23.17
N ASP M 170 -18.80 21.37 22.16
CA ASP M 170 -19.64 21.65 20.99
C ASP M 170 -21.06 22.06 21.38
N ARG M 171 -21.49 23.20 20.86
CA ARG M 171 -22.79 23.79 21.18
C ARG M 171 -23.54 24.11 19.89
N TYR M 172 -24.48 23.25 19.52
CA TYR M 172 -25.29 23.48 18.33
C TYR M 172 -26.47 24.38 18.63
N MET M 173 -26.79 25.25 17.67
CA MET M 173 -27.86 26.24 17.80
C MET M 173 -28.77 26.20 16.58
N SER M 174 -30.07 26.36 16.83
CA SER M 174 -30.98 26.76 15.77
C SER M 174 -30.78 28.24 15.46
N PRO M 175 -31.23 28.70 14.28
CA PRO M 175 -31.18 30.14 13.99
C PRO M 175 -31.83 31.03 15.04
N MET M 176 -33.00 30.66 15.58
CA MET M 176 -33.60 31.46 16.65
C MET M 176 -32.73 31.51 17.90
N GLU M 177 -32.19 30.36 18.32
CA GLU M 177 -31.22 30.34 19.40
C GLU M 177 -30.01 31.22 19.10
N ALA M 178 -29.44 31.11 17.91
CA ALA M 178 -28.33 31.96 17.51
C ALA M 178 -28.69 33.44 17.59
N GLN M 179 -29.88 33.81 17.10
CA GLN M 179 -30.34 35.19 17.25
C GLN M 179 -30.40 35.62 18.71
N GLU M 180 -30.99 34.79 19.56
CA GLU M 180 -31.01 35.05 20.99
C GLU M 180 -29.60 35.22 21.55
N PHE M 181 -28.67 34.37 21.10
CA PHE M 181 -27.28 34.44 21.56
C PHE M 181 -26.60 35.74 21.10
N GLY M 182 -27.04 36.31 19.98
CA GLY M 182 -26.39 37.44 19.37
C GLY M 182 -25.45 37.14 18.23
N ILE M 183 -25.46 35.92 17.70
CA ILE M 183 -24.62 35.62 16.55
C ILE M 183 -25.19 36.25 15.28
N LEU M 184 -26.52 36.36 15.19
CA LEU M 184 -27.18 36.91 14.01
C LEU M 184 -28.39 37.73 14.42
N ASP M 185 -28.88 38.51 13.45
CA ASP M 185 -29.98 39.46 13.64
C ASP M 185 -31.32 38.96 13.11
N LYS M 186 -31.37 38.44 11.89
CA LYS M 186 -32.62 38.08 11.23
C LYS M 186 -32.62 36.63 10.77
N VAL M 187 -33.71 35.93 11.04
CA VAL M 187 -34.06 34.64 10.46
C VAL M 187 -35.19 34.87 9.46
N LEU M 188 -34.86 34.80 8.17
CA LEU M 188 -35.79 35.14 7.10
C LEU M 188 -36.26 33.89 6.37
N VAL M 189 -37.57 33.79 6.18
CA VAL M 189 -38.18 32.74 5.37
C VAL M 189 -38.22 33.18 3.91
N HIS M 190 -38.87 34.31 3.64
CA HIS M 190 -39.00 34.90 2.32
C HIS M 190 -38.46 36.32 2.33
N PRO M 191 -38.01 36.85 1.18
CA PRO M 191 -37.52 38.23 1.14
C PRO M 191 -38.66 39.25 1.27
N ILE N 2 0.78 17.98 -27.26
CA ILE N 2 0.16 18.01 -28.61
C ILE N 2 0.27 19.42 -29.19
N PRO N 3 0.96 19.61 -30.33
CA PRO N 3 1.21 20.93 -30.93
C PRO N 3 0.02 21.49 -31.73
N ILE N 4 0.01 22.80 -31.97
CA ILE N 4 -1.04 23.56 -32.67
C ILE N 4 -0.50 24.18 -33.96
N VAL N 5 -1.23 24.03 -35.07
CA VAL N 5 -0.99 24.60 -36.39
C VAL N 5 -1.77 25.91 -36.56
N ALA N 15 -9.38 21.98 -36.22
CA ALA N 15 -8.34 22.05 -37.24
C ALA N 15 -7.02 22.67 -36.73
N TYR N 16 -6.98 23.08 -35.46
CA TYR N 16 -5.83 23.73 -34.84
C TYR N 16 -4.79 22.72 -34.34
N ASP N 17 -5.10 21.83 -33.40
CA ASP N 17 -4.15 20.80 -32.96
C ASP N 17 -3.81 19.80 -34.08
N ILE N 18 -2.65 19.16 -34.01
CA ILE N 18 -2.08 18.40 -35.15
C ILE N 18 -2.98 17.27 -35.67
N TYR N 19 -3.68 16.51 -34.82
CA TYR N 19 -4.61 15.48 -35.28
C TYR N 19 -5.83 16.06 -35.98
N SER N 20 -6.39 17.16 -35.48
CA SER N 20 -7.48 17.87 -36.17
C SER N 20 -7.04 18.40 -37.53
N ARG N 21 -5.81 18.92 -37.60
CA ARG N 21 -5.21 19.40 -38.85
C ARG N 21 -5.08 18.26 -39.87
N LEU N 22 -4.76 17.04 -39.43
CA LEU N 22 -4.74 15.87 -40.30
C LEU N 22 -6.14 15.43 -40.69
N LEU N 23 -7.11 15.56 -39.78
CA LEU N 23 -8.50 15.25 -40.11
C LEU N 23 -8.97 15.99 -41.36
N ARG N 24 -8.58 17.26 -41.51
CA ARG N 24 -8.92 17.99 -42.73
C ARG N 24 -8.34 17.33 -43.98
N GLU N 25 -7.28 16.54 -43.83
CA GLU N 25 -6.74 15.74 -44.92
C GLU N 25 -7.46 14.41 -45.10
N ARG N 26 -8.52 14.16 -44.33
CA ARG N 26 -9.20 12.86 -44.29
C ARG N 26 -8.28 11.74 -43.81
N ILE N 27 -7.42 12.04 -42.85
CA ILE N 27 -6.52 11.07 -42.23
C ILE N 27 -7.03 10.78 -40.83
N VAL N 28 -7.30 9.50 -40.54
CA VAL N 28 -7.67 9.04 -39.22
C VAL N 28 -6.52 8.22 -38.64
N CYS N 29 -6.13 8.52 -37.41
CA CYS N 29 -5.05 7.81 -36.73
C CYS N 29 -5.63 6.80 -35.74
N VAL N 30 -5.30 5.52 -35.95
CA VAL N 30 -5.62 4.45 -35.00
C VAL N 30 -4.35 4.02 -34.28
N MET N 31 -4.10 4.57 -33.11
CA MET N 31 -2.81 4.47 -32.42
C MET N 31 -2.99 3.87 -31.03
N GLY N 32 -2.11 2.93 -30.69
CA GLY N 32 -2.14 2.26 -29.41
C GLY N 32 -3.26 1.27 -29.23
N PRO N 33 -3.49 0.85 -27.98
CA PRO N 33 -4.53 -0.14 -27.70
C PRO N 33 -5.91 0.31 -28.15
N ILE N 34 -6.66 -0.61 -28.72
CA ILE N 34 -8.02 -0.32 -29.19
C ILE N 34 -9.01 -0.72 -28.10
N ASP N 35 -9.66 0.28 -27.51
CA ASP N 35 -10.72 0.09 -26.53
C ASP N 35 -11.97 0.85 -26.99
N ASP N 36 -13.02 0.83 -26.16
CA ASP N 36 -14.28 1.48 -26.50
C ASP N 36 -14.09 2.97 -26.79
N SER N 37 -13.33 3.67 -25.94
CA SER N 37 -13.09 5.09 -26.15
C SER N 37 -12.41 5.35 -27.50
N VAL N 38 -11.33 4.62 -27.77
CA VAL N 38 -10.63 4.74 -29.05
C VAL N 38 -11.58 4.44 -30.20
N ALA N 39 -12.32 3.33 -30.11
CA ALA N 39 -13.29 2.95 -31.13
C ALA N 39 -14.34 4.03 -31.34
N SER N 40 -14.91 4.54 -30.25
CA SER N 40 -15.85 5.65 -30.30
C SER N 40 -15.31 6.83 -31.12
N LEU N 41 -14.10 7.27 -30.80
CA LEU N 41 -13.46 8.36 -31.54
C LEU N 41 -13.33 8.05 -33.04
N VAL N 42 -12.74 6.90 -33.38
CA VAL N 42 -12.52 6.56 -34.79
C VAL N 42 -13.83 6.51 -35.57
N ILE N 43 -14.88 5.90 -35.00
CA ILE N 43 -16.18 5.84 -35.66
C ILE N 43 -16.74 7.24 -35.89
N ALA N 44 -16.69 8.08 -34.86
CA ALA N 44 -17.11 9.48 -35.01
C ALA N 44 -16.40 10.17 -36.16
N GLN N 45 -15.08 10.02 -36.26
CA GLN N 45 -14.33 10.63 -37.36
C GLN N 45 -14.72 10.06 -38.71
N LEU N 46 -14.90 8.74 -38.80
CA LEU N 46 -15.32 8.10 -40.05
C LEU N 46 -16.71 8.58 -40.49
N LEU N 47 -17.65 8.70 -39.55
CA LEU N 47 -18.97 9.21 -39.90
C LEU N 47 -18.94 10.68 -40.29
N PHE N 48 -18.16 11.49 -39.56
CA PHE N 48 -17.92 12.87 -39.99
C PHE N 48 -17.34 12.95 -41.39
N LEU N 49 -16.26 12.22 -41.66
CA LEU N 49 -15.64 12.25 -42.97
C LEU N 49 -16.54 11.73 -44.09
N GLN N 50 -17.41 10.76 -43.79
CA GLN N 50 -18.42 10.36 -44.77
C GLN N 50 -19.41 11.48 -45.06
N SER N 51 -19.88 12.17 -44.02
CA SER N 51 -20.84 13.26 -44.20
C SER N 51 -20.22 14.43 -44.96
N GLU N 52 -18.92 14.67 -44.81
CA GLU N 52 -18.27 15.70 -45.61
C GLU N 52 -18.21 15.33 -47.08
N SER N 53 -17.99 14.06 -47.40
CA SER N 53 -18.31 13.54 -48.73
C SER N 53 -18.20 12.02 -48.72
N ASN N 54 -19.12 11.37 -49.42
CA ASN N 54 -19.15 9.92 -49.54
C ASN N 54 -18.24 9.38 -50.64
N LYS N 55 -17.64 10.25 -51.45
CA LYS N 55 -16.80 9.83 -52.58
C LYS N 55 -15.31 9.83 -52.27
N LYS N 56 -14.82 10.83 -51.53
CA LYS N 56 -13.40 10.96 -51.33
C LYS N 56 -12.86 9.85 -50.42
N PRO N 57 -11.73 9.24 -50.77
CA PRO N 57 -11.14 8.23 -49.90
C PRO N 57 -10.78 8.76 -48.52
N ILE N 58 -10.71 7.83 -47.57
CA ILE N 58 -10.21 8.09 -46.22
C ILE N 58 -8.93 7.28 -46.04
N HIS N 59 -7.95 7.86 -45.35
CA HIS N 59 -6.70 7.17 -45.02
C HIS N 59 -6.70 6.84 -43.52
N MET N 60 -6.53 5.57 -43.21
CA MET N 60 -6.41 5.09 -41.83
C MET N 60 -4.98 4.65 -41.57
N TYR N 61 -4.29 5.35 -40.68
CA TYR N 61 -2.94 5.00 -40.28
C TYR N 61 -3.00 4.19 -38.99
N ILE N 62 -2.45 2.98 -39.01
CA ILE N 62 -2.60 2.00 -37.95
C ILE N 62 -1.23 1.75 -37.31
N ASN N 63 -1.11 2.04 -36.02
CA ASN N 63 0.03 1.60 -35.20
C ASN N 63 -0.53 1.10 -33.87
N SER N 64 -0.83 -0.19 -33.80
CA SER N 64 -1.56 -0.72 -32.66
C SER N 64 -1.05 -2.08 -32.21
N PRO N 65 -0.92 -2.28 -30.88
CA PRO N 65 -0.65 -3.62 -30.35
C PRO N 65 -1.88 -4.53 -30.30
N GLY N 66 -3.08 -4.03 -30.57
CA GLY N 66 -4.31 -4.80 -30.42
C GLY N 66 -5.33 -4.18 -29.49
N GLY N 67 -6.26 -4.98 -28.97
CA GLY N 67 -7.30 -4.41 -28.12
C GLY N 67 -8.51 -5.32 -27.99
N VAL N 68 -9.59 -4.70 -27.52
CA VAL N 68 -10.87 -5.36 -27.25
C VAL N 68 -11.55 -5.77 -28.55
N VAL N 69 -12.03 -7.01 -28.60
CA VAL N 69 -12.66 -7.56 -29.81
C VAL N 69 -13.88 -6.76 -30.25
N THR N 70 -14.83 -6.49 -29.34
CA THR N 70 -16.04 -5.78 -29.77
C THR N 70 -15.76 -4.34 -30.17
N ALA N 71 -14.80 -3.68 -29.52
CA ALA N 71 -14.38 -2.35 -29.94
C ALA N 71 -13.79 -2.38 -31.35
N GLY N 72 -12.92 -3.36 -31.61
CA GLY N 72 -12.38 -3.55 -32.95
C GLY N 72 -13.42 -3.91 -33.99
N LEU N 73 -14.32 -4.82 -33.66
CA LEU N 73 -15.41 -5.16 -34.58
C LEU N 73 -16.33 -3.97 -34.85
N ALA N 74 -16.51 -3.09 -33.87
CA ALA N 74 -17.24 -1.84 -34.10
C ALA N 74 -16.59 -1.02 -35.22
N ILE N 75 -15.29 -0.76 -35.10
CA ILE N 75 -14.55 -0.05 -36.14
C ILE N 75 -14.65 -0.77 -37.48
N TYR N 76 -14.40 -2.08 -37.47
CA TYR N 76 -14.46 -2.89 -38.69
C TYR N 76 -15.80 -2.78 -39.41
N ASP N 77 -16.92 -2.90 -38.68
CA ASP N 77 -18.24 -2.73 -39.28
C ASP N 77 -18.44 -1.32 -39.85
N THR N 78 -18.01 -0.29 -39.11
CA THR N 78 -18.07 1.08 -39.63
C THR N 78 -17.30 1.21 -40.95
N MET N 79 -16.10 0.64 -41.01
CA MET N 79 -15.31 0.69 -42.24
C MET N 79 -16.05 0.05 -43.43
N GLN N 80 -16.69 -1.09 -43.19
CA GLN N 80 -17.49 -1.74 -44.23
C GLN N 80 -18.74 -0.94 -44.59
N TYR N 81 -19.38 -0.32 -43.61
CA TYR N 81 -20.68 0.31 -43.83
C TYR N 81 -20.59 1.60 -44.64
N ILE N 82 -19.62 2.47 -44.32
CA ILE N 82 -19.49 3.73 -45.08
C ILE N 82 -19.10 3.46 -46.53
N LEU N 83 -19.58 4.34 -47.42
CA LEU N 83 -19.39 4.19 -48.85
C LEU N 83 -17.97 4.50 -49.31
N ASN N 84 -17.25 5.33 -48.57
CA ASN N 84 -15.92 5.76 -48.98
C ASN N 84 -14.97 4.57 -49.11
N PRO N 85 -14.10 4.56 -50.12
CA PRO N 85 -12.92 3.69 -50.07
C PRO N 85 -12.01 4.11 -48.92
N ILE N 86 -11.42 3.12 -48.27
CA ILE N 86 -10.52 3.34 -47.14
C ILE N 86 -9.15 2.74 -47.45
N CYS N 87 -8.14 3.59 -47.48
CA CYS N 87 -6.74 3.15 -47.55
C CYS N 87 -6.22 2.94 -46.13
N THR N 88 -5.64 1.77 -45.89
CA THR N 88 -5.03 1.45 -44.61
C THR N 88 -3.51 1.44 -44.72
N TRP N 89 -2.86 1.99 -43.70
CA TRP N 89 -1.40 2.11 -43.63
C TRP N 89 -0.91 1.48 -42.33
N CYS N 90 -0.10 0.44 -42.44
CA CYS N 90 0.63 -0.12 -41.30
C CYS N 90 1.91 0.69 -41.07
N VAL N 91 1.97 1.38 -39.95
CA VAL N 91 3.17 2.09 -39.52
C VAL N 91 3.60 1.49 -38.19
N GLY N 92 4.83 0.97 -38.14
CA GLY N 92 5.36 0.38 -36.93
C GLY N 92 4.91 -1.03 -36.59
N GLN N 93 3.67 -1.22 -36.17
CA GLN N 93 3.15 -2.56 -35.97
C GLN N 93 1.64 -2.61 -36.20
N ALA N 94 1.16 -3.81 -36.58
CA ALA N 94 -0.26 -4.13 -36.53
C ALA N 94 -0.40 -5.55 -35.96
N ALA N 95 -0.84 -5.63 -34.71
CA ALA N 95 -1.00 -6.88 -33.99
C ALA N 95 -2.45 -7.01 -33.53
N SER N 96 -2.95 -8.26 -33.48
CA SER N 96 -4.34 -8.57 -33.14
C SER N 96 -5.31 -7.78 -34.01
N MET N 97 -6.14 -6.98 -33.33
CA MET N 97 -7.15 -6.17 -34.00
C MET N 97 -6.55 -5.23 -35.03
N GLY N 98 -5.35 -4.70 -34.74
CA GLY N 98 -4.67 -3.84 -35.70
C GLY N 98 -4.36 -4.51 -37.02
N SER N 99 -3.96 -5.78 -36.98
CA SER N 99 -3.76 -6.53 -38.22
C SER N 99 -5.09 -6.82 -38.93
N LEU N 100 -6.15 -7.07 -38.17
CA LEU N 100 -7.47 -7.27 -38.77
C LEU N 100 -7.99 -6.01 -39.45
N LEU N 101 -7.91 -4.86 -38.79
CA LEU N 101 -8.30 -3.59 -39.40
C LEU N 101 -7.47 -3.24 -40.63
N LEU N 102 -6.16 -3.51 -40.59
CA LEU N 102 -5.31 -3.36 -41.77
C LEU N 102 -5.81 -4.20 -42.94
N ALA N 103 -6.14 -5.48 -42.69
CA ALA N 103 -6.66 -6.34 -43.74
C ALA N 103 -8.02 -5.90 -44.26
N ALA N 104 -8.81 -5.19 -43.45
CA ALA N 104 -10.15 -4.75 -43.82
C ALA N 104 -10.18 -3.54 -44.77
N GLY N 105 -9.03 -2.96 -45.11
CA GLY N 105 -9.02 -1.87 -46.07
C GLY N 105 -9.47 -2.28 -47.45
N THR N 106 -9.91 -1.28 -48.22
CA THR N 106 -10.36 -1.49 -49.59
C THR N 106 -9.31 -2.26 -50.40
N PRO N 107 -9.70 -3.30 -51.12
CA PRO N 107 -8.73 -4.07 -51.91
C PRO N 107 -7.92 -3.20 -52.86
N GLY N 108 -6.62 -3.49 -52.93
CA GLY N 108 -5.62 -2.69 -53.61
C GLY N 108 -5.18 -1.44 -52.91
N MET N 109 -5.69 -1.17 -51.70
CA MET N 109 -5.44 0.07 -50.97
C MET N 109 -4.87 -0.20 -49.58
N ARG N 110 -4.28 -1.37 -49.35
CA ARG N 110 -3.75 -1.75 -48.04
C ARG N 110 -2.23 -1.74 -48.12
N HIS N 111 -1.60 -0.91 -47.27
CA HIS N 111 -0.20 -0.53 -47.40
C HIS N 111 0.56 -0.87 -46.13
N SER N 112 1.83 -1.22 -46.30
CA SER N 112 2.79 -1.21 -45.20
C SER N 112 4.05 -0.45 -45.60
N LEU N 113 4.64 0.23 -44.63
CA LEU N 113 6.03 0.64 -44.69
C LEU N 113 7.00 -0.55 -44.59
N PRO N 114 8.25 -0.37 -45.02
CA PRO N 114 9.19 -1.52 -45.12
C PRO N 114 9.49 -2.27 -43.82
N ASN N 115 9.54 -1.59 -42.68
CA ASN N 115 10.00 -2.21 -41.44
C ASN N 115 8.89 -2.48 -40.42
N SER N 116 7.63 -2.35 -40.80
CA SER N 116 6.53 -2.70 -39.89
C SER N 116 6.48 -4.20 -39.62
N ARG N 117 6.01 -4.56 -38.43
CA ARG N 117 5.72 -5.95 -38.07
C ARG N 117 4.21 -6.19 -38.02
N ILE N 118 3.74 -7.27 -38.65
CA ILE N 118 2.36 -7.75 -38.50
C ILE N 118 2.36 -8.99 -37.62
N MET N 119 1.40 -9.07 -36.69
CA MET N 119 1.17 -10.29 -35.92
C MET N 119 -0.31 -10.65 -35.90
N ILE N 120 -0.62 -11.93 -36.16
CA ILE N 120 -1.97 -12.47 -36.06
C ILE N 120 -1.99 -13.57 -34.99
N HIS N 121 -3.11 -13.65 -34.26
CA HIS N 121 -3.33 -14.76 -33.32
C HIS N 121 -4.82 -14.87 -32.99
N GLN N 122 -5.19 -16.01 -32.40
CA GLN N 122 -6.53 -16.23 -31.85
C GLN N 122 -6.83 -15.30 -30.68
N PRO N 123 -8.12 -15.08 -30.39
CA PRO N 123 -8.50 -14.31 -29.20
C PRO N 123 -8.22 -15.02 -27.88
N SER N 124 -8.10 -14.20 -26.84
CA SER N 124 -7.88 -14.62 -25.46
C SER N 124 -8.88 -13.94 -24.54
N GLY N 125 -9.15 -14.56 -23.40
CA GLY N 125 -10.06 -13.99 -22.43
C GLY N 125 -10.08 -14.68 -21.08
N GLY N 126 -11.21 -14.61 -20.38
CA GLY N 126 -11.38 -15.30 -19.11
C GLY N 126 -12.82 -15.69 -18.89
N ALA N 127 -13.02 -16.56 -17.89
CA ALA N 127 -14.35 -16.96 -17.46
C ALA N 127 -14.35 -17.19 -15.95
N ARG N 128 -15.50 -16.93 -15.33
CA ARG N 128 -15.66 -17.09 -13.88
C ARG N 128 -17.10 -17.49 -13.56
N GLY N 129 -17.27 -18.02 -12.36
CA GLY N 129 -18.58 -18.33 -11.82
C GLY N 129 -18.86 -19.80 -11.67
N GLN N 130 -20.14 -20.13 -11.63
CA GLN N 130 -20.59 -21.51 -11.61
C GLN N 130 -20.25 -22.19 -12.94
N ALA N 131 -20.23 -23.53 -12.90
CA ALA N 131 -19.96 -24.31 -14.09
C ALA N 131 -20.88 -23.97 -15.26
N THR N 132 -22.15 -23.67 -14.98
CA THR N 132 -23.07 -23.23 -16.03
C THR N 132 -22.69 -21.87 -16.62
N ASP N 133 -22.28 -20.92 -15.77
CA ASP N 133 -21.81 -19.63 -16.25
C ASP N 133 -20.53 -19.76 -17.08
N ILE N 134 -19.62 -20.62 -16.66
CA ILE N 134 -18.40 -20.87 -17.40
C ILE N 134 -18.67 -21.51 -18.76
N ALA N 135 -19.59 -22.48 -18.81
CA ALA N 135 -19.95 -23.09 -20.09
C ALA N 135 -20.51 -22.08 -21.08
N ILE N 136 -21.33 -21.13 -20.61
CA ILE N 136 -21.84 -20.06 -21.45
C ILE N 136 -20.71 -19.15 -21.95
N GLN N 137 -19.83 -18.72 -21.06
CA GLN N 137 -18.74 -17.82 -21.46
C GLN N 137 -17.76 -18.48 -22.41
N ALA N 138 -17.42 -19.76 -22.19
CA ALA N 138 -16.58 -20.48 -23.15
C ALA N 138 -17.24 -20.63 -24.51
N GLU N 139 -18.53 -20.93 -24.55
CA GLU N 139 -19.28 -20.95 -25.79
C GLU N 139 -19.22 -19.61 -26.52
N GLU N 140 -19.26 -18.50 -25.78
CA GLU N 140 -19.21 -17.18 -26.39
C GLU N 140 -17.85 -16.87 -27.00
N ILE N 141 -16.74 -17.14 -26.28
CA ILE N 141 -15.43 -16.88 -26.90
C ILE N 141 -15.15 -17.81 -28.07
N MET N 142 -15.69 -19.03 -28.06
CA MET N 142 -15.56 -19.91 -29.24
C MET N 142 -16.28 -19.32 -30.45
N LYS N 143 -17.51 -18.85 -30.27
CA LYS N 143 -18.23 -18.17 -31.35
C LYS N 143 -17.46 -16.98 -31.88
N LEU N 144 -16.94 -16.13 -30.99
CA LEU N 144 -16.14 -14.99 -31.44
C LEU N 144 -14.91 -15.43 -32.24
N LYS N 145 -14.24 -16.49 -31.82
CA LYS N 145 -13.10 -17.03 -32.58
C LYS N 145 -13.49 -17.39 -34.01
N LYS N 146 -14.58 -18.16 -34.17
CA LYS N 146 -15.06 -18.52 -35.51
C LYS N 146 -15.43 -17.29 -36.33
N GLN N 147 -16.14 -16.34 -35.72
CA GLN N 147 -16.46 -15.07 -36.35
C GLN N 147 -15.21 -14.39 -36.93
N LEU N 148 -14.20 -14.19 -36.09
CA LEU N 148 -12.97 -13.51 -36.51
C LEU N 148 -12.26 -14.27 -37.63
N TYR N 149 -12.19 -15.61 -37.54
CA TYR N 149 -11.57 -16.41 -38.59
C TYR N 149 -12.28 -16.27 -39.93
N ASN N 150 -13.62 -16.15 -39.92
CA ASN N 150 -14.36 -15.88 -41.14
C ASN N 150 -13.98 -14.53 -41.75
N ILE N 151 -13.89 -13.49 -40.91
CA ILE N 151 -13.44 -12.18 -41.37
C ILE N 151 -12.07 -12.26 -42.05
N TYR N 152 -11.09 -12.87 -41.38
CA TYR N 152 -9.76 -12.97 -41.97
C TYR N 152 -9.75 -13.76 -43.27
N ALA N 153 -10.51 -14.86 -43.33
CA ALA N 153 -10.64 -15.62 -44.56
C ALA N 153 -11.21 -14.79 -45.71
N LYS N 154 -12.25 -14.02 -45.43
CA LYS N 154 -12.86 -13.14 -46.44
C LYS N 154 -11.86 -12.18 -47.06
N HIS N 155 -11.11 -11.43 -46.23
CA HIS N 155 -10.28 -10.35 -46.74
C HIS N 155 -8.91 -10.81 -47.25
N THR N 156 -8.38 -11.90 -46.71
CA THR N 156 -7.10 -12.43 -47.17
C THR N 156 -7.22 -13.46 -48.28
N LYS N 157 -8.42 -14.03 -48.48
CA LYS N 157 -8.73 -15.09 -49.42
C LYS N 157 -8.13 -16.44 -49.06
N GLN N 158 -7.51 -16.56 -47.90
CA GLN N 158 -7.08 -17.87 -47.42
C GLN N 158 -8.28 -18.69 -46.99
N SER N 159 -8.14 -20.01 -47.09
CA SER N 159 -9.15 -20.92 -46.59
C SER N 159 -9.17 -20.88 -45.06
N LEU N 160 -10.31 -21.33 -44.50
CA LEU N 160 -10.44 -21.42 -43.04
C LEU N 160 -9.36 -22.30 -42.43
N GLN N 161 -9.05 -23.43 -43.07
CA GLN N 161 -8.02 -24.32 -42.56
C GLN N 161 -6.68 -23.60 -42.38
N VAL N 162 -6.26 -22.87 -43.41
CA VAL N 162 -5.04 -22.06 -43.34
C VAL N 162 -5.10 -21.08 -42.18
N ILE N 163 -6.21 -20.32 -42.10
CA ILE N 163 -6.41 -19.36 -41.00
C ILE N 163 -6.25 -20.02 -39.63
N GLU N 164 -6.97 -21.12 -39.41
CA GLU N 164 -6.90 -21.83 -38.13
C GLU N 164 -5.49 -22.27 -37.78
N SER N 165 -4.78 -22.86 -38.74
CA SER N 165 -3.40 -23.27 -38.54
C SER N 165 -2.50 -22.09 -38.19
N ALA N 166 -2.64 -20.97 -38.91
CA ALA N 166 -1.77 -19.82 -38.72
C ALA N 166 -1.99 -19.12 -37.38
N MET N 167 -3.22 -19.07 -36.89
CA MET N 167 -3.57 -18.27 -35.71
C MET N 167 -3.59 -19.04 -34.40
N GLU N 168 -3.31 -20.35 -34.41
CA GLU N 168 -3.27 -21.12 -33.17
C GLU N 168 -2.29 -20.50 -32.18
N ARG N 169 -1.10 -20.10 -32.65
CA ARG N 169 -0.10 -19.40 -31.85
C ARG N 169 0.18 -18.05 -32.49
N ASP N 170 0.83 -17.18 -31.73
CA ASP N 170 1.35 -15.92 -32.26
C ASP N 170 2.21 -16.13 -33.51
N ARG N 171 1.86 -15.41 -34.58
CA ARG N 171 2.49 -15.54 -35.88
C ARG N 171 2.93 -14.15 -36.37
N TYR N 172 4.21 -13.84 -36.23
CA TYR N 172 4.74 -12.57 -36.70
C TYR N 172 5.09 -12.64 -38.18
N MET N 173 4.83 -11.54 -38.89
CA MET N 173 5.05 -11.43 -40.32
C MET N 173 5.83 -10.17 -40.65
N SER N 174 6.74 -10.28 -41.61
CA SER N 174 7.24 -9.10 -42.31
C SER N 174 6.17 -8.60 -43.27
N PRO N 175 6.28 -7.33 -43.71
CA PRO N 175 5.35 -6.83 -44.74
C PRO N 175 5.28 -7.69 -46.01
N MET N 176 6.40 -8.18 -46.53
CA MET N 176 6.36 -9.06 -47.69
C MET N 176 5.60 -10.36 -47.40
N GLU N 177 5.89 -10.99 -46.25
CA GLU N 177 5.10 -12.14 -45.82
C GLU N 177 3.61 -11.81 -45.70
N ALA N 178 3.28 -10.69 -45.07
CA ALA N 178 1.89 -10.25 -44.97
C ALA N 178 1.25 -10.10 -46.35
N GLN N 179 1.96 -9.46 -47.29
CA GLN N 179 1.47 -9.36 -48.66
C GLN N 179 1.21 -10.73 -49.26
N GLU N 180 2.16 -11.65 -49.13
CA GLU N 180 1.96 -13.03 -49.59
C GLU N 180 0.74 -13.67 -48.93
N PHE N 181 0.55 -13.42 -47.64
CA PHE N 181 -0.60 -13.97 -46.91
C PHE N 181 -1.91 -13.38 -47.42
N GLY N 182 -1.89 -12.16 -47.93
CA GLY N 182 -3.09 -11.44 -48.30
C GLY N 182 -3.61 -10.44 -47.32
N ILE N 183 -2.83 -10.09 -46.29
CA ILE N 183 -3.27 -9.07 -45.35
C ILE N 183 -3.16 -7.68 -45.97
N LEU N 184 -2.19 -7.46 -46.86
CA LEU N 184 -1.98 -6.17 -47.50
C LEU N 184 -1.55 -6.35 -48.94
N ASP N 185 -1.62 -5.25 -49.69
CA ASP N 185 -1.36 -5.21 -51.12
C ASP N 185 0.02 -4.65 -51.48
N LYS N 186 0.42 -3.51 -50.90
CA LYS N 186 1.65 -2.82 -51.29
C LYS N 186 2.55 -2.58 -50.09
N VAL N 187 3.83 -2.87 -50.27
CA VAL N 187 4.92 -2.46 -49.40
C VAL N 187 5.69 -1.35 -50.10
N LEU N 188 5.52 -0.11 -49.63
CA LEU N 188 6.06 1.07 -50.29
C LEU N 188 7.23 1.64 -49.49
N VAL N 189 8.33 1.92 -50.19
CA VAL N 189 9.48 2.62 -49.62
C VAL N 189 9.29 4.12 -49.75
N HIS N 190 9.10 4.60 -50.97
CA HIS N 190 8.87 6.00 -51.29
C HIS N 190 7.56 6.16 -52.05
N PRO N 191 6.93 7.34 -51.99
CA PRO N 191 5.70 7.54 -52.75
C PRO N 191 5.94 7.65 -54.25
#